data_5IJ7
#
_entry.id   5IJ7
#
_cell.length_a   69.575
_cell.length_b   115.042
_cell.length_c   153.033
_cell.angle_alpha   90.00
_cell.angle_beta   102.53
_cell.angle_gamma   90.00
#
_symmetry.space_group_name_H-M   'P 1 21 1'
#
loop_
_entity.id
_entity.type
_entity.pdbx_description
1 polymer 'Enhancer of Zeste Homolog 2 (EZH2),Histone-lysine N-methyltransferase EZH2'
2 polymer 'Polycomb protein EED'
3 polymer 'Polycomb protein SUZ12'
4 non-polymer 5,8-dichloro-2-[(4-ethyl-6-methyl-2-oxo-1,2-dihydropyridin-3-yl)methyl]-7-({1-[(2R)-2-hydroxypropanoyl]piperidin-4-yl}oxy)-3,4-dihydroisoquinolin-1(2H)-one
5 non-polymer 'ZINC ION'
6 water water
#
loop_
_entity_poly.entity_id
_entity_poly.type
_entity_poly.pdbx_seq_one_letter_code
_entity_poly.pdbx_strand_id
1 'polypeptide(L)'
;MGQTGKKSEKGPICWRKRVKSEYMRLRQLKRFRRADEVKSMFNSNRQKIQERTEILNQEWKQRRIQPVHIMTSVSSLRGT
RECSVTSDLDFPKQVIPLKTLNAVASVPIMYSWSPLQQNFMVEDETVLHNIPYMGDEVLDQDGTFIEELIKNYDGKVHGD
RECGFINDEIFVELVNALGQLDRRDEKQKNQESNQIDKESHPPRKFPSDKIFEAISSMFPDKGTAEELKEKYKELTEQQL
PGALPPECTPNIDGPNAKSVQREQSLHSFHTLFCRRCFKYDCFLHPFHATPNTYKRKNTEMAIDNKPCGPHCYQHLEGAK
EFAAALTAENVEWSGAEASMFRVLIGTYYDNFCAIARLIGTKTCRQVYEFRVKESSIIAPAPAEDVDTLGGGGSGGGGSG
GGGSAAADGSSNHVYNYQPCDHPRQPCDNSCPCVIAQNFCEKFCQCSSECQNRFPGCRCKAQCNTKQCPCYLAVRECDPD
LCLTCGAADHWDSKNVSCKNCSIQRGSKKHLLLAPSDVAGWGIFIKDPVQKNEFISEYCGEIISQDEADRRGKVYDKYMC
SFLFNLNNDFVVDATRKGNKIRFANHSVNPNCYAKVMMVNGDHRIGIFAKRAIQTGEELFFDYRYSQADALKYVGIEREM
EIP
;
A,B
2 'polypeptide(L)'
;MSFKCVNSLKEDHNQPLFGVQFNWHSKEGDPLVFATVGSNRVTLYECHSQGEIRLLQSYVDADADENFYTCAWTYDSNTS
HPLLAVAGSRGIIRIINPITMQCIKHYVGHGNAINELKFHPRDPNLLLSVSKDHALRLWNIQTDTLVAIFGGVEGHRDEV
LSADYDLLGEKIMSCGMDHSLKLWRINSKRMMNAIKESYDYNPNKTNRPFISQKIHFPDFSTRDIHRNYVDCVRWLGDLI
LSKSCENAIVCWKPGKMEDDIDKIKPSESNVTILGRFDYSQCDIWYMRFSMDFWQKMLALGNQVGKLYVWDLEVEDPHKA
KCTTLTHHKCGAAIRQTSFSRDSSILIAVCDDASIWRWDRLR
;
E,F
3 'polypeptide(L)'
;MDYKDDDDKGESEDGEVEQQRTYSSGHNRLYFHSDTCLPLRPQEMEVDDEDEKDPEWLREKTITQIEEFSDVNEGEKEVM
KLWNLHVMKHGFIADNQMNHACMLFVENYGQKIIKKNLCRNFMLHLVSMHDFNLISIMSIDKAVTKLREMQQKLEKGESA
SPANEEITEEQNGTANGFSEINSKEKALETD
;
S,T
#
loop_
_chem_comp.id
_chem_comp.type
_chem_comp.name
_chem_comp.formula
6BN non-polymer 5,8-dichloro-2-[(4-ethyl-6-methyl-2-oxo-1,2-dihydropyridin-3-yl)methyl]-7-({1-[(2R)-2-hydroxypropanoyl]piperidin-4-yl}oxy)-3,4-dihydroisoquinolin-1(2H)-one 'C26 H31 Cl2 N3 O5'
ZN non-polymer 'ZINC ION' 'Zn 2'
#
# COMPACT_ATOMS: atom_id res chain seq x y z
N GLU A 9 33.63 29.01 22.82
CA GLU A 9 33.35 27.64 22.38
C GLU A 9 34.13 26.63 23.24
N LYS A 10 33.42 25.73 23.95
CA LYS A 10 34.04 24.73 24.81
C LYS A 10 34.18 23.37 24.13
N GLY A 11 35.25 22.66 24.49
CA GLY A 11 35.57 21.35 23.93
C GLY A 11 34.70 20.19 24.36
N PRO A 12 34.82 19.04 23.65
CA PRO A 12 34.01 17.84 23.98
C PRO A 12 34.17 17.26 25.40
N ILE A 13 35.40 17.13 25.91
CA ILE A 13 35.62 16.57 27.24
C ILE A 13 34.88 17.42 28.27
N CYS A 14 35.04 18.74 28.17
CA CYS A 14 34.37 19.75 28.99
C CYS A 14 32.85 19.55 28.98
N TRP A 15 32.23 19.47 27.79
CA TRP A 15 30.79 19.31 27.65
C TRP A 15 30.29 18.03 28.28
N ARG A 16 31.01 16.90 28.10
CA ARG A 16 30.66 15.60 28.70
C ARG A 16 30.66 15.74 30.20
N LYS A 17 31.65 16.48 30.76
CA LYS A 17 31.77 16.73 32.19
C LYS A 17 30.59 17.55 32.67
N ARG A 18 30.18 18.57 31.89
CA ARG A 18 29.05 19.44 32.20
C ARG A 18 27.75 18.66 32.20
N VAL A 19 27.57 17.77 31.19
CA VAL A 19 26.42 16.88 31.08
C VAL A 19 26.30 16.12 32.38
N LYS A 20 27.35 15.36 32.77
CA LYS A 20 27.43 14.59 34.01
C LYS A 20 27.01 15.46 35.22
N SER A 21 27.77 16.55 35.48
CA SER A 21 27.58 17.53 36.56
C SER A 21 26.12 18.07 36.65
N GLU A 22 25.54 18.44 35.48
CA GLU A 22 24.16 18.95 35.42
C GLU A 22 23.10 17.87 35.64
N TYR A 23 23.27 16.69 35.02
CA TYR A 23 22.38 15.55 35.16
C TYR A 23 22.38 15.06 36.63
N MET A 24 23.57 15.01 37.27
CA MET A 24 23.76 14.63 38.69
C MET A 24 23.06 15.64 39.60
N ARG A 25 23.00 16.91 39.17
CA ARG A 25 22.41 18.00 39.91
C ARG A 25 20.88 17.89 39.81
N LEU A 26 20.39 17.70 38.58
CA LEU A 26 18.96 17.56 38.31
C LEU A 26 18.40 16.31 39.00
N ARG A 27 19.17 15.23 39.02
CA ARG A 27 18.80 13.96 39.64
C ARG A 27 18.73 14.09 41.18
N GLN A 28 19.76 14.69 41.83
CA GLN A 28 19.80 14.86 43.30
C GLN A 28 18.75 15.84 43.80
N LEU A 29 18.38 16.82 42.93
CA LEU A 29 17.33 17.81 43.14
C LEU A 29 16.00 17.06 43.13
N LYS A 30 15.61 16.42 41.97
CA LYS A 30 14.38 15.62 41.82
C LYS A 30 14.21 14.66 42.97
N ARG A 31 15.32 14.05 43.41
CA ARG A 31 15.40 13.14 44.55
C ARG A 31 14.92 13.81 45.83
N PHE A 32 15.57 14.91 46.21
CA PHE A 32 15.25 15.59 47.45
C PHE A 32 13.91 16.33 47.41
N ARG A 33 13.49 16.77 46.22
CA ARG A 33 12.21 17.43 45.97
C ARG A 33 11.13 16.38 46.29
N ARG A 34 11.14 15.25 45.54
CA ARG A 34 10.25 14.11 45.64
C ARG A 34 10.16 13.52 47.05
N ALA A 35 11.32 13.49 47.79
CA ALA A 35 11.41 13.01 49.18
C ALA A 35 10.52 13.84 50.06
N ASP A 36 10.50 15.16 49.79
CA ASP A 36 9.66 16.11 50.50
C ASP A 36 8.19 15.88 50.16
N GLU A 37 7.79 15.84 48.86
CA GLU A 37 6.39 15.52 48.43
C GLU A 37 5.87 14.30 49.19
N VAL A 38 6.73 13.27 49.32
CA VAL A 38 6.46 12.03 50.05
C VAL A 38 6.11 12.33 51.53
N LYS A 39 6.97 13.08 52.26
CA LYS A 39 6.73 13.48 53.64
C LYS A 39 5.44 14.34 53.79
N SER A 40 5.16 15.20 52.80
CA SER A 40 3.98 16.06 52.76
C SER A 40 2.70 15.22 52.65
N MET A 41 2.72 14.19 51.77
CA MET A 41 1.60 13.29 51.56
C MET A 41 1.27 12.41 52.77
N PHE A 42 2.30 11.85 53.42
CA PHE A 42 2.14 11.04 54.61
C PHE A 42 1.46 11.86 55.68
N ASN A 43 1.92 13.10 55.86
CA ASN A 43 1.39 14.08 56.81
C ASN A 43 -0.07 14.44 56.43
N SER A 44 -0.31 14.83 55.17
CA SER A 44 -1.67 15.15 54.73
C SER A 44 -2.61 13.95 54.86
N ASN A 45 -2.07 12.71 54.70
CA ASN A 45 -2.77 11.44 54.81
C ASN A 45 -3.06 11.09 56.26
N ARG A 46 -2.14 11.44 57.17
CA ARG A 46 -2.27 11.20 58.59
C ARG A 46 -3.49 11.93 59.15
N GLN A 47 -3.74 13.18 58.69
CA GLN A 47 -4.90 13.98 59.09
C GLN A 47 -6.15 13.24 58.69
N LYS A 48 -6.22 12.69 57.45
CA LYS A 48 -7.35 11.86 56.96
C LYS A 48 -7.55 10.64 57.86
N ILE A 49 -6.44 9.96 58.28
CA ILE A 49 -6.48 8.81 59.19
C ILE A 49 -7.14 9.27 60.48
N GLN A 50 -6.66 10.42 61.07
CA GLN A 50 -7.19 11.05 62.30
C GLN A 50 -8.68 11.35 62.18
N GLU A 51 -9.08 12.12 61.16
CA GLU A 51 -10.47 12.50 60.89
C GLU A 51 -11.42 11.29 60.87
N ARG A 52 -11.13 10.28 60.01
CA ARG A 52 -11.93 9.05 59.78
C ARG A 52 -11.88 8.07 60.94
N THR A 53 -10.72 7.98 61.56
CA THR A 53 -10.55 7.14 62.72
C THR A 53 -11.35 7.69 63.94
N GLU A 54 -11.61 9.03 64.00
CA GLU A 54 -12.42 9.63 65.04
C GLU A 54 -13.91 9.38 64.79
N ILE A 55 -14.32 9.38 63.49
CA ILE A 55 -15.68 9.07 63.07
C ILE A 55 -16.07 7.67 63.55
N LEU A 56 -15.15 6.71 63.34
CA LEU A 56 -15.31 5.30 63.71
C LEU A 56 -15.31 5.08 65.20
N ASN A 57 -14.44 5.81 65.91
CA ASN A 57 -14.32 5.73 67.36
C ASN A 57 -15.54 6.33 68.02
N GLN A 58 -16.11 7.40 67.41
CA GLN A 58 -17.35 8.00 67.89
C GLN A 58 -18.51 7.02 67.75
N GLU A 59 -18.61 6.31 66.61
CA GLU A 59 -19.65 5.31 66.34
C GLU A 59 -19.54 4.12 67.30
N TRP A 60 -18.33 3.79 67.71
CA TRP A 60 -18.05 2.68 68.61
C TRP A 60 -18.43 3.05 70.08
N LYS A 61 -18.25 4.32 70.44
CA LYS A 61 -18.61 4.88 71.74
C LYS A 61 -20.14 4.76 71.98
N GLN A 62 -20.95 4.87 70.89
CA GLN A 62 -22.41 4.76 70.89
C GLN A 62 -22.90 3.30 70.98
N ARG A 63 -21.98 2.34 71.05
CA ARG A 63 -22.34 0.92 71.13
C ARG A 63 -21.93 0.28 72.44
N ARG A 64 -22.81 -0.58 72.98
CA ARG A 64 -22.52 -1.35 74.18
C ARG A 64 -22.63 -2.80 73.75
N ILE A 65 -21.50 -3.40 73.33
CA ILE A 65 -21.50 -4.77 72.85
C ILE A 65 -21.10 -5.69 73.99
N GLN A 66 -21.94 -6.71 74.18
CA GLN A 66 -21.88 -7.75 75.20
C GLN A 66 -20.56 -8.51 75.25
N PRO A 67 -19.95 -8.65 76.45
CA PRO A 67 -18.68 -9.40 76.55
C PRO A 67 -18.86 -10.91 76.43
N VAL A 68 -17.82 -11.58 75.94
CA VAL A 68 -17.81 -13.05 75.79
C VAL A 68 -17.45 -13.65 77.15
N HIS A 69 -18.08 -14.80 77.49
CA HIS A 69 -17.83 -15.52 78.75
C HIS A 69 -17.33 -16.94 78.51
N ILE A 70 -16.86 -17.62 79.57
CA ILE A 70 -16.37 -19.01 79.54
C ILE A 70 -17.47 -19.98 79.08
N MET A 71 -17.04 -21.06 78.43
CA MET A 71 -17.91 -22.08 77.87
C MET A 71 -18.24 -23.16 78.88
N THR A 72 -19.54 -23.54 78.90
CA THR A 72 -20.19 -24.61 79.67
C THR A 72 -21.68 -24.32 79.89
N ARG A 81 -16.21 -34.40 75.17
CA ARG A 81 -15.13 -33.80 74.37
C ARG A 81 -14.58 -32.49 74.93
N GLU A 82 -13.26 -32.40 75.04
CA GLU A 82 -12.63 -31.22 75.62
C GLU A 82 -11.28 -30.88 74.98
N CYS A 83 -10.79 -29.69 75.29
CA CYS A 83 -9.50 -29.23 74.79
C CYS A 83 -8.68 -28.52 75.85
N SER A 84 -7.37 -28.58 75.68
CA SER A 84 -6.43 -27.97 76.59
C SER A 84 -5.50 -26.98 75.90
N VAL A 85 -4.96 -26.07 76.71
CA VAL A 85 -3.99 -25.06 76.34
C VAL A 85 -2.88 -25.12 77.39
N THR A 86 -1.65 -25.30 76.92
CA THR A 86 -0.39 -25.40 77.65
C THR A 86 0.39 -24.08 77.52
N SER A 87 1.32 -23.81 78.43
CA SER A 87 2.12 -22.58 78.41
C SER A 87 3.63 -22.86 78.49
N ASP A 88 4.42 -22.30 77.55
CA ASP A 88 5.89 -22.46 77.54
C ASP A 88 6.56 -21.52 78.55
N LEU A 89 5.76 -20.59 79.13
CA LEU A 89 6.17 -19.61 80.14
C LEU A 89 5.59 -19.91 81.54
N ASP A 90 5.39 -21.22 81.80
CA ASP A 90 4.94 -21.88 83.03
C ASP A 90 3.64 -21.39 83.63
N PHE A 91 2.74 -20.82 82.84
CA PHE A 91 1.41 -20.48 83.34
C PHE A 91 0.62 -21.82 83.48
N PRO A 92 -0.40 -21.93 84.35
CA PRO A 92 -1.09 -23.23 84.48
C PRO A 92 -1.81 -23.71 83.20
N LYS A 93 -1.80 -25.04 82.97
CA LYS A 93 -2.50 -25.73 81.89
C LYS A 93 -4.00 -25.47 82.08
N GLN A 94 -4.72 -25.16 80.99
CA GLN A 94 -6.15 -24.87 81.02
C GLN A 94 -6.92 -25.91 80.24
N VAL A 95 -8.14 -26.27 80.72
CA VAL A 95 -9.02 -27.26 80.10
C VAL A 95 -10.45 -26.74 80.06
N ILE A 96 -11.06 -26.78 78.86
CA ILE A 96 -12.45 -26.41 78.62
C ILE A 96 -13.14 -27.44 77.68
N PRO A 97 -14.49 -27.49 77.62
CA PRO A 97 -15.14 -28.36 76.63
C PRO A 97 -14.98 -27.80 75.20
N LEU A 98 -14.95 -28.72 74.23
CA LEU A 98 -14.82 -28.46 72.79
C LEU A 98 -16.21 -28.60 72.13
N LYS A 99 -16.90 -27.47 71.85
CA LYS A 99 -18.21 -27.47 71.19
C LYS A 99 -18.05 -27.82 69.70
N THR A 100 -18.83 -28.82 69.22
CA THR A 100 -18.76 -29.26 67.83
C THR A 100 -19.67 -28.45 66.93
N LEU A 101 -19.09 -27.89 65.86
CA LEU A 101 -19.80 -27.17 64.80
C LEU A 101 -20.34 -28.26 63.85
N ASN A 102 -21.68 -28.35 63.78
CA ASN A 102 -22.40 -29.35 62.99
C ASN A 102 -22.04 -29.29 61.52
N ALA A 103 -21.86 -30.46 60.92
CA ALA A 103 -21.46 -30.62 59.53
C ALA A 103 -22.31 -29.87 58.54
N VAL A 104 -21.65 -29.17 57.62
CA VAL A 104 -22.24 -28.42 56.51
C VAL A 104 -21.70 -29.08 55.24
N ALA A 105 -22.60 -29.40 54.31
CA ALA A 105 -22.19 -30.03 53.04
C ALA A 105 -21.54 -28.98 52.13
N SER A 106 -20.38 -29.36 51.57
CA SER A 106 -19.64 -28.51 50.64
C SER A 106 -20.14 -28.76 49.20
N VAL A 107 -19.81 -27.87 48.25
CA VAL A 107 -20.17 -28.05 46.83
C VAL A 107 -18.88 -28.42 46.09
N PRO A 108 -18.92 -29.01 44.87
CA PRO A 108 -17.63 -29.33 44.21
C PRO A 108 -16.79 -28.09 43.84
N ILE A 109 -15.46 -28.27 43.67
CA ILE A 109 -14.54 -27.20 43.27
C ILE A 109 -15.00 -26.50 41.96
N MET A 110 -14.90 -25.17 41.93
CA MET A 110 -15.30 -24.33 40.80
C MET A 110 -14.44 -23.08 40.77
N TYR A 111 -13.82 -22.77 39.64
CA TYR A 111 -13.04 -21.54 39.52
C TYR A 111 -13.83 -20.51 38.72
N SER A 112 -13.49 -19.22 38.92
CA SER A 112 -14.09 -18.11 38.23
C SER A 112 -14.07 -18.26 36.70
N TRP A 113 -15.23 -17.94 36.10
CA TRP A 113 -15.44 -18.03 34.68
C TRP A 113 -16.46 -17.01 34.24
N SER A 114 -16.30 -16.50 33.02
CA SER A 114 -17.17 -15.50 32.47
C SER A 114 -18.09 -16.08 31.43
N PRO A 115 -19.40 -15.73 31.52
CA PRO A 115 -20.38 -16.27 30.55
C PRO A 115 -20.17 -15.70 29.16
N LEU A 116 -20.41 -16.54 28.19
CA LEU A 116 -20.21 -16.23 26.79
C LEU A 116 -21.41 -16.77 26.00
N GLN A 117 -21.86 -16.07 24.93
CA GLN A 117 -22.92 -16.60 24.06
C GLN A 117 -22.37 -16.98 22.67
N GLN A 118 -21.21 -16.39 22.32
CA GLN A 118 -20.42 -16.57 21.10
C GLN A 118 -18.95 -16.67 21.54
N ASN A 119 -18.09 -17.32 20.79
CA ASN A 119 -16.65 -17.41 21.12
C ASN A 119 -15.95 -16.05 21.24
N PHE A 120 -14.81 -16.04 21.96
CA PHE A 120 -14.03 -14.85 22.25
C PHE A 120 -12.55 -15.11 21.93
N MET A 121 -12.06 -14.49 20.86
CA MET A 121 -10.68 -14.58 20.39
C MET A 121 -9.68 -13.93 21.36
N VAL A 122 -8.59 -14.63 21.70
CA VAL A 122 -7.51 -14.06 22.52
C VAL A 122 -6.16 -14.35 21.85
N GLU A 123 -5.32 -13.30 21.67
CA GLU A 123 -3.97 -13.42 21.08
C GLU A 123 -2.98 -14.00 22.12
N ASP A 124 -2.02 -14.81 21.63
CA ASP A 124 -0.94 -15.47 22.41
C ASP A 124 -0.31 -14.57 23.50
N ILE A 166 17.84 7.52 31.28
CA ILE A 166 17.34 8.87 31.03
C ILE A 166 15.98 8.88 30.29
N ASN A 167 14.98 9.55 30.89
CA ASN A 167 13.63 9.66 30.31
C ASN A 167 13.47 11.00 29.59
N ASP A 168 12.34 11.17 28.87
CA ASP A 168 12.03 12.35 28.07
C ASP A 168 11.82 13.64 28.89
N GLU A 169 11.40 13.51 30.18
CA GLU A 169 11.19 14.66 31.07
C GLU A 169 12.56 15.28 31.45
N ILE A 170 13.48 14.44 32.00
CA ILE A 170 14.81 14.89 32.41
C ILE A 170 15.67 15.26 31.20
N PHE A 171 15.55 14.51 30.08
CA PHE A 171 16.31 14.80 28.86
C PHE A 171 16.13 16.24 28.43
N VAL A 172 14.88 16.74 28.40
CA VAL A 172 14.56 18.12 28.02
C VAL A 172 15.17 19.10 29.03
N GLU A 173 14.99 18.84 30.34
CA GLU A 173 15.53 19.64 31.45
C GLU A 173 17.05 19.78 31.33
N LEU A 174 17.74 18.65 31.05
CA LEU A 174 19.19 18.59 30.88
C LEU A 174 19.65 19.48 29.72
N VAL A 175 19.02 19.34 28.53
CA VAL A 175 19.33 20.14 27.35
C VAL A 175 19.25 21.63 27.70
N ASN A 176 18.11 22.06 28.28
CA ASN A 176 17.87 23.45 28.70
C ASN A 176 18.91 23.95 29.73
N ALA A 177 19.31 23.08 30.68
CA ALA A 177 20.33 23.41 31.68
C ALA A 177 21.67 23.60 30.96
N LEU A 178 21.97 22.74 29.95
CA LEU A 178 23.20 22.85 29.17
C LEU A 178 23.22 24.09 28.27
N GLY A 179 22.05 24.49 27.79
CA GLY A 179 21.87 25.71 27.02
C GLY A 179 22.10 26.94 27.88
N GLN A 180 21.77 26.86 29.19
CA GLN A 180 22.00 27.97 30.13
C GLN A 180 23.52 28.16 30.40
N LEU A 181 24.29 27.04 30.39
CA LEU A 181 25.74 27.04 30.57
C LEU A 181 26.40 27.53 29.29
N ASP A 182 25.82 27.17 28.11
CA ASP A 182 26.28 27.59 26.78
C ASP A 182 26.15 29.10 26.61
N ARG A 183 25.04 29.68 27.15
CA ARG A 183 24.67 31.09 27.16
C ARG A 183 25.64 31.86 28.08
N ARG A 184 25.83 31.38 29.33
CA ARG A 184 26.72 31.95 30.33
C ARG A 184 28.20 31.94 29.86
N ASP A 185 28.56 31.00 28.94
CA ASP A 185 29.89 30.82 28.34
C ASP A 185 30.34 32.07 27.58
N GLU A 186 29.41 32.71 26.84
CA GLU A 186 29.69 33.93 26.08
C GLU A 186 30.02 35.10 27.02
N LYS A 187 31.35 35.38 27.16
CA LYS A 187 32.01 36.41 28.00
C LYS A 187 31.92 36.08 29.50
N PRO A 207 20.00 25.46 21.23
CA PRO A 207 19.89 24.36 20.24
C PRO A 207 21.23 23.82 19.73
N SER A 208 22.38 24.25 20.35
CA SER A 208 23.78 23.92 19.99
C SER A 208 24.13 22.42 19.82
N ASP A 209 24.79 22.07 18.68
CA ASP A 209 25.21 20.71 18.32
C ASP A 209 26.21 20.13 19.32
N LYS A 210 27.08 20.98 19.90
CA LYS A 210 28.10 20.61 20.87
C LYS A 210 27.50 20.13 22.21
N ILE A 211 26.16 20.18 22.35
CA ILE A 211 25.38 19.75 23.51
C ILE A 211 24.76 18.40 23.20
N PHE A 212 24.21 18.24 22.01
CA PHE A 212 23.60 16.99 21.59
C PHE A 212 24.64 15.86 21.49
N GLU A 213 25.85 16.19 21.00
CA GLU A 213 26.98 15.26 20.90
C GLU A 213 27.46 14.84 22.29
N ALA A 214 27.34 15.73 23.29
CA ALA A 214 27.71 15.43 24.66
C ALA A 214 26.64 14.54 25.37
N ILE A 215 25.31 14.76 25.10
CA ILE A 215 24.28 13.92 25.72
C ILE A 215 24.34 12.50 25.14
N SER A 216 24.60 12.40 23.82
CA SER A 216 24.75 11.12 23.13
C SER A 216 26.01 10.39 23.56
N SER A 217 27.05 11.13 24.00
CA SER A 217 28.30 10.56 24.48
C SER A 217 28.09 9.95 25.83
N MET A 218 27.18 10.51 26.62
CA MET A 218 26.94 10.06 27.99
C MET A 218 25.78 9.09 28.09
N PHE A 219 24.94 9.02 27.06
CA PHE A 219 23.74 8.16 26.97
C PHE A 219 23.68 7.58 25.52
N PRO A 220 24.73 6.84 25.05
CA PRO A 220 24.69 6.29 23.70
C PRO A 220 23.43 5.49 23.35
N ASP A 221 22.92 4.66 24.30
CA ASP A 221 21.71 3.84 24.16
C ASP A 221 20.49 4.71 23.76
N LYS A 222 20.33 5.92 24.37
CA LYS A 222 19.24 6.86 24.14
C LYS A 222 19.17 7.34 22.68
N GLY A 223 20.28 7.27 21.96
CA GLY A 223 20.34 7.66 20.57
C GLY A 223 21.60 8.40 20.22
N THR A 224 21.71 8.77 18.94
CA THR A 224 22.82 9.48 18.33
C THR A 224 22.61 11.00 18.40
N ALA A 225 23.67 11.80 18.13
CA ALA A 225 23.61 13.26 18.16
C ALA A 225 22.51 13.86 17.27
N GLU A 226 22.18 13.18 16.15
CA GLU A 226 21.12 13.57 15.22
C GLU A 226 19.75 13.22 15.86
N GLU A 227 19.61 11.96 16.31
CA GLU A 227 18.41 11.43 16.95
C GLU A 227 17.94 12.25 18.15
N LEU A 228 18.90 12.82 18.92
CA LEU A 228 18.61 13.67 20.08
C LEU A 228 18.14 15.08 19.68
N LYS A 229 18.61 15.58 18.52
CA LYS A 229 18.16 16.87 17.97
C LYS A 229 16.68 16.71 17.56
N GLU A 230 16.37 15.57 16.91
CA GLU A 230 15.02 15.16 16.46
C GLU A 230 14.12 15.01 17.68
N LYS A 231 14.57 14.22 18.70
CA LYS A 231 13.82 13.96 19.93
C LYS A 231 13.50 15.22 20.71
N TYR A 232 14.48 16.13 20.85
CA TYR A 232 14.31 17.40 21.58
C TYR A 232 13.31 18.33 20.93
N LYS A 233 13.35 18.45 19.57
CA LYS A 233 12.45 19.32 18.78
C LYS A 233 10.94 19.07 19.10
N GLU A 234 10.65 17.95 19.82
CA GLU A 234 9.33 17.50 20.28
C GLU A 234 9.15 17.70 21.81
N CYS A 248 -3.12 10.25 14.29
CA CYS A 248 -4.51 10.67 14.51
C CYS A 248 -5.03 11.66 13.44
N THR A 249 -6.37 11.90 13.43
CA THR A 249 -7.13 12.80 12.53
C THR A 249 -8.23 13.44 13.39
N PRO A 250 -8.42 14.78 13.39
CA PRO A 250 -9.43 15.39 14.28
C PRO A 250 -10.87 15.11 13.85
N ASN A 251 -11.85 15.13 14.80
CA ASN A 251 -13.20 14.82 14.39
C ASN A 251 -13.88 15.93 13.65
N ILE A 252 -14.56 15.52 12.59
CA ILE A 252 -15.37 16.29 11.67
C ILE A 252 -16.46 17.05 12.45
N ASP A 253 -16.80 16.56 13.67
CA ASP A 253 -17.81 17.19 14.53
C ASP A 253 -17.19 18.21 15.51
N GLY A 254 -15.86 18.19 15.64
CA GLY A 254 -15.10 19.06 16.53
C GLY A 254 -14.74 20.43 15.98
N PRO A 255 -14.13 21.31 16.83
CA PRO A 255 -13.77 22.67 16.36
C PRO A 255 -12.48 22.72 15.52
N ASN A 256 -11.64 21.67 15.64
CA ASN A 256 -10.34 21.51 14.98
C ASN A 256 -10.46 20.73 13.66
N ALA A 257 -11.72 20.46 13.21
CA ALA A 257 -12.06 19.71 11.98
C ALA A 257 -11.36 20.22 10.72
N LYS A 258 -10.34 19.47 10.28
CA LYS A 258 -9.52 19.77 9.10
C LYS A 258 -10.13 19.28 7.78
N SER A 259 -9.73 19.94 6.68
CA SER A 259 -10.11 19.57 5.33
C SER A 259 -9.11 18.51 4.94
N VAL A 260 -9.61 17.26 4.71
CA VAL A 260 -8.76 16.08 4.43
C VAL A 260 -9.31 15.20 3.31
N GLN A 261 -8.51 14.17 2.94
CA GLN A 261 -8.84 13.18 1.91
C GLN A 261 -9.97 12.25 2.39
N ARG A 262 -10.80 11.72 1.47
CA ARG A 262 -11.91 10.80 1.78
C ARG A 262 -11.46 9.64 2.62
N GLU A 263 -10.30 9.03 2.26
CA GLU A 263 -9.73 7.89 2.97
C GLU A 263 -9.24 8.27 4.36
N GLN A 264 -8.77 9.54 4.59
CA GLN A 264 -8.30 10.00 5.92
C GLN A 264 -9.47 10.02 6.90
N SER A 265 -10.60 10.57 6.43
CA SER A 265 -11.88 10.72 7.11
C SER A 265 -12.49 9.35 7.50
N LEU A 266 -12.40 8.39 6.59
CA LEU A 266 -12.97 7.04 6.69
C LEU A 266 -12.06 5.97 7.32
N HIS A 267 -10.73 6.18 7.32
CA HIS A 267 -9.69 5.28 7.80
C HIS A 267 -10.02 4.49 9.08
N SER A 268 -10.44 5.17 10.15
CA SER A 268 -10.74 4.49 11.41
C SER A 268 -11.91 3.53 11.25
N PHE A 269 -12.95 3.93 10.50
CA PHE A 269 -14.12 3.09 10.26
C PHE A 269 -13.75 1.93 9.37
N HIS A 270 -12.88 2.19 8.38
CA HIS A 270 -12.45 1.18 7.42
C HIS A 270 -11.57 0.09 8.01
N THR A 271 -10.62 0.46 8.89
CA THR A 271 -9.68 -0.50 9.48
C THR A 271 -10.23 -1.20 10.77
N LEU A 272 -11.19 -0.60 11.47
CA LEU A 272 -11.73 -1.19 12.68
C LEU A 272 -13.00 -2.04 12.48
N PHE A 273 -13.73 -1.82 11.39
CA PHE A 273 -14.96 -2.54 11.12
C PHE A 273 -14.77 -3.96 10.62
N CYS A 274 -15.50 -4.92 11.25
CA CYS A 274 -15.55 -6.29 10.83
C CYS A 274 -16.85 -6.46 10.05
N ARG A 275 -16.70 -6.69 8.74
CA ARG A 275 -17.79 -6.91 7.82
C ARG A 275 -18.51 -8.21 8.20
N ARG A 276 -17.75 -9.23 8.67
CA ARG A 276 -18.25 -10.56 9.05
C ARG A 276 -19.20 -10.54 10.22
N CYS A 277 -19.00 -9.65 11.21
CA CYS A 277 -19.91 -9.64 12.35
C CYS A 277 -20.42 -8.24 12.74
N PHE A 278 -20.33 -7.27 11.81
CA PHE A 278 -20.88 -5.90 11.84
C PHE A 278 -20.50 -5.07 13.09
N LYS A 279 -19.30 -5.32 13.61
CA LYS A 279 -18.81 -4.64 14.79
C LYS A 279 -17.42 -4.10 14.55
N TYR A 280 -17.08 -3.05 15.30
CA TYR A 280 -15.79 -2.35 15.32
C TYR A 280 -14.88 -2.98 16.39
N ASP A 281 -13.69 -3.48 16.01
CA ASP A 281 -12.73 -4.13 16.91
C ASP A 281 -13.44 -5.34 17.57
N CYS A 282 -13.97 -6.21 16.69
CA CYS A 282 -14.72 -7.39 17.08
C CYS A 282 -13.88 -8.41 17.84
N PHE A 283 -14.55 -9.20 18.69
CA PHE A 283 -13.93 -10.18 19.56
C PHE A 283 -13.70 -11.52 18.93
N LEU A 284 -13.90 -11.63 17.63
CA LEU A 284 -13.83 -12.90 16.96
C LEU A 284 -12.82 -13.01 15.85
N HIS A 285 -12.61 -11.92 15.06
CA HIS A 285 -11.76 -12.00 13.88
C HIS A 285 -10.48 -11.18 14.02
N PRO A 286 -9.32 -11.87 14.05
CA PRO A 286 -8.03 -11.18 14.25
C PRO A 286 -7.59 -10.23 13.12
N PHE A 287 -7.53 -10.77 11.88
CA PHE A 287 -7.10 -10.07 10.67
C PHE A 287 -8.06 -8.97 10.31
N HIS A 288 -7.50 -7.87 9.80
CA HIS A 288 -8.27 -6.73 9.34
C HIS A 288 -8.85 -7.06 7.95
N ALA A 289 -9.96 -6.39 7.60
CA ALA A 289 -10.64 -6.53 6.31
C ALA A 289 -9.77 -5.95 5.18
N THR A 290 -9.62 -6.72 4.08
CA THR A 290 -8.83 -6.34 2.89
C THR A 290 -9.38 -5.06 2.22
N PRO A 291 -8.53 -4.19 1.63
CA PRO A 291 -9.05 -2.92 1.06
C PRO A 291 -10.19 -3.03 0.04
N ASN A 292 -10.31 -4.17 -0.68
CA ASN A 292 -11.39 -4.37 -1.65
C ASN A 292 -12.75 -4.58 -0.99
N THR A 293 -12.77 -5.01 0.29
CA THR A 293 -14.00 -5.23 1.06
C THR A 293 -14.76 -3.90 1.29
N TYR A 294 -14.02 -2.79 1.46
CA TYR A 294 -14.65 -1.48 1.66
C TYR A 294 -14.68 -0.63 0.38
N LYS A 295 -15.16 -1.26 -0.71
CA LYS A 295 -15.44 -0.68 -2.03
C LYS A 295 -16.45 -1.54 -2.79
N ARG A 296 -17.33 -0.89 -3.58
CA ARG A 296 -18.36 -1.58 -4.37
C ARG A 296 -18.30 -1.25 -5.85
N TRP A 333 -16.66 27.40 2.87
CA TRP A 333 -16.42 25.98 3.02
C TRP A 333 -15.39 25.73 4.10
N SER A 334 -15.82 25.05 5.21
CA SER A 334 -15.03 24.68 6.40
C SER A 334 -14.37 23.30 6.22
N GLY A 335 -13.42 22.97 7.10
CA GLY A 335 -12.74 21.68 7.10
C GLY A 335 -13.71 20.51 7.04
N ALA A 336 -14.81 20.59 7.84
CA ALA A 336 -15.88 19.60 7.94
C ALA A 336 -16.78 19.52 6.70
N GLU A 337 -17.07 20.67 6.05
CA GLU A 337 -17.89 20.72 4.81
C GLU A 337 -17.10 20.16 3.63
N ALA A 338 -15.82 20.55 3.57
CA ALA A 338 -14.85 20.15 2.55
C ALA A 338 -14.56 18.62 2.64
N SER A 339 -14.19 18.12 3.85
CA SER A 339 -13.92 16.69 4.08
C SER A 339 -15.12 15.82 3.74
N MET A 340 -16.34 16.28 4.11
CA MET A 340 -17.59 15.58 3.82
C MET A 340 -17.85 15.52 2.33
N PHE A 341 -17.46 16.60 1.60
CA PHE A 341 -17.63 16.66 0.15
C PHE A 341 -16.77 15.54 -0.47
N ARG A 342 -15.46 15.52 -0.14
CA ARG A 342 -14.49 14.53 -0.62
C ARG A 342 -14.96 13.07 -0.34
N VAL A 343 -15.70 12.87 0.78
CA VAL A 343 -16.29 11.60 1.19
C VAL A 343 -17.53 11.30 0.32
N LEU A 344 -18.51 12.25 0.27
CA LEU A 344 -19.78 12.07 -0.42
C LEU A 344 -19.64 11.89 -1.93
N ILE A 345 -18.60 12.49 -2.57
CA ILE A 345 -18.34 12.31 -4.02
C ILE A 345 -17.89 10.89 -4.34
N GLY A 346 -17.39 10.17 -3.34
CA GLY A 346 -16.98 8.78 -3.49
C GLY A 346 -18.15 7.82 -3.55
N THR A 347 -19.30 8.25 -3.04
CA THR A 347 -20.52 7.47 -2.91
C THR A 347 -21.58 7.93 -3.93
N TYR A 348 -21.77 9.27 -4.02
CA TYR A 348 -22.73 9.95 -4.90
C TYR A 348 -21.98 10.69 -6.02
N TYR A 349 -21.03 9.98 -6.65
CA TYR A 349 -20.13 10.40 -7.74
C TYR A 349 -20.44 11.78 -8.38
N ASP A 350 -21.66 12.01 -8.92
CA ASP A 350 -21.98 13.29 -9.56
C ASP A 350 -23.42 13.81 -9.27
N ASN A 351 -24.13 13.20 -8.28
CA ASN A 351 -25.47 13.64 -7.86
C ASN A 351 -25.29 14.75 -6.81
N PHE A 352 -24.99 15.99 -7.28
CA PHE A 352 -24.74 17.14 -6.39
C PHE A 352 -26.00 17.58 -5.64
N CYS A 353 -27.21 17.12 -6.09
CA CYS A 353 -28.51 17.35 -5.43
C CYS A 353 -28.45 16.63 -4.05
N ALA A 354 -28.13 15.31 -4.07
CA ALA A 354 -27.97 14.45 -2.89
C ALA A 354 -26.78 14.87 -2.02
N ILE A 355 -25.65 15.33 -2.62
CA ILE A 355 -24.48 15.79 -1.85
C ILE A 355 -24.85 17.06 -1.04
N ALA A 356 -25.66 17.96 -1.64
CA ALA A 356 -26.12 19.18 -0.98
C ALA A 356 -27.09 18.85 0.17
N ARG A 357 -28.06 17.94 -0.08
CA ARG A 357 -29.07 17.44 0.86
C ARG A 357 -28.41 16.93 2.16
N LEU A 358 -27.31 16.16 2.00
CA LEU A 358 -26.55 15.56 3.09
C LEU A 358 -25.61 16.54 3.77
N ILE A 359 -24.99 17.45 3.02
CA ILE A 359 -24.11 18.47 3.63
C ILE A 359 -24.97 19.46 4.46
N GLY A 360 -26.20 19.71 4.01
CA GLY A 360 -27.16 20.58 4.69
C GLY A 360 -26.84 22.07 4.68
N THR A 361 -25.55 22.45 4.78
CA THR A 361 -25.12 23.85 4.81
C THR A 361 -24.56 24.34 3.47
N LYS A 362 -24.94 23.68 2.36
CA LYS A 362 -24.52 24.01 0.99
C LYS A 362 -25.57 23.59 -0.04
N THR A 363 -25.61 24.26 -1.23
CA THR A 363 -26.65 24.01 -2.25
C THR A 363 -26.16 23.25 -3.51
N CYS A 364 -27.16 22.68 -4.26
CA CYS A 364 -27.11 21.96 -5.54
C CYS A 364 -26.04 22.58 -6.45
N ARG A 365 -25.96 23.92 -6.42
CA ARG A 365 -25.08 24.78 -7.22
C ARG A 365 -23.74 25.09 -6.50
N GLN A 366 -23.79 25.36 -5.18
CA GLN A 366 -22.61 25.64 -4.35
C GLN A 366 -21.66 24.44 -4.32
N VAL A 367 -22.24 23.21 -4.24
CA VAL A 367 -21.57 21.90 -4.21
C VAL A 367 -20.87 21.66 -5.56
N TYR A 368 -21.62 21.89 -6.67
CA TYR A 368 -21.17 21.79 -8.06
C TYR A 368 -19.97 22.70 -8.30
N GLU A 369 -20.04 23.93 -7.78
CA GLU A 369 -18.98 24.93 -7.88
C GLU A 369 -17.71 24.52 -7.10
N PHE A 370 -17.87 23.79 -5.97
CA PHE A 370 -16.75 23.30 -5.17
C PHE A 370 -15.96 22.22 -5.90
N ARG A 371 -16.68 21.36 -6.64
CA ARG A 371 -16.17 20.24 -7.45
C ARG A 371 -15.19 20.72 -8.55
N VAL A 372 -15.58 21.80 -9.27
CA VAL A 372 -14.83 22.42 -10.37
C VAL A 372 -13.46 22.95 -9.89
N LYS A 373 -13.38 23.47 -8.64
CA LYS A 373 -12.12 23.94 -8.05
C LYS A 373 -11.17 22.77 -7.75
N VAL A 414 -8.71 -29.79 8.08
CA VAL A 414 -9.65 -28.69 8.34
C VAL A 414 -8.94 -27.37 8.67
N TYR A 415 -8.96 -26.42 7.73
CA TYR A 415 -8.32 -25.13 7.97
C TYR A 415 -9.34 -24.07 8.24
N ASN A 416 -8.95 -23.07 9.03
CA ASN A 416 -9.78 -21.94 9.32
C ASN A 416 -10.06 -21.16 8.02
N TYR A 417 -11.31 -20.70 7.82
CA TYR A 417 -11.66 -19.91 6.65
C TYR A 417 -11.16 -18.46 6.84
N GLN A 418 -10.68 -17.83 5.77
CA GLN A 418 -10.25 -16.45 5.71
C GLN A 418 -10.64 -15.91 4.33
N PRO A 419 -11.35 -14.77 4.23
CA PRO A 419 -11.77 -14.27 2.89
C PRO A 419 -10.60 -14.10 1.94
N CYS A 420 -10.74 -14.57 0.71
CA CYS A 420 -9.68 -14.39 -0.28
C CYS A 420 -9.90 -13.06 -1.01
N ASP A 421 -8.81 -12.47 -1.49
CA ASP A 421 -8.78 -11.21 -2.24
C ASP A 421 -7.54 -11.20 -3.10
N HIS A 422 -7.71 -11.56 -4.38
CA HIS A 422 -6.62 -11.63 -5.35
C HIS A 422 -7.10 -10.96 -6.66
N PRO A 423 -7.10 -9.60 -6.74
CA PRO A 423 -7.57 -8.92 -7.96
C PRO A 423 -7.03 -9.46 -9.29
N ARG A 424 -7.94 -9.56 -10.28
CA ARG A 424 -7.70 -10.02 -11.66
C ARG A 424 -7.22 -11.49 -11.75
N GLN A 425 -7.32 -12.24 -10.65
CA GLN A 425 -6.95 -13.65 -10.62
C GLN A 425 -8.18 -14.48 -10.21
N PRO A 426 -8.49 -15.60 -10.92
CA PRO A 426 -9.65 -16.41 -10.49
C PRO A 426 -9.31 -17.32 -9.29
N CYS A 427 -10.35 -17.89 -8.65
CA CYS A 427 -10.12 -18.79 -7.53
C CYS A 427 -9.70 -20.17 -8.02
N ASP A 428 -8.39 -20.28 -8.35
CA ASP A 428 -7.76 -21.51 -8.85
C ASP A 428 -6.84 -22.14 -7.79
N ASN A 429 -5.93 -23.01 -8.21
CA ASN A 429 -4.97 -23.76 -7.39
C ASN A 429 -4.08 -22.89 -6.51
N SER A 430 -3.97 -21.58 -6.81
CA SER A 430 -3.17 -20.66 -6.01
C SER A 430 -4.05 -19.83 -5.05
N CYS A 431 -5.38 -20.04 -5.09
CA CYS A 431 -6.30 -19.34 -4.19
C CYS A 431 -6.16 -19.91 -2.78
N PRO A 432 -6.04 -19.07 -1.73
CA PRO A 432 -5.93 -19.61 -0.36
C PRO A 432 -7.12 -20.49 0.04
N CYS A 433 -8.36 -20.10 -0.37
CA CYS A 433 -9.60 -20.86 -0.12
C CYS A 433 -9.49 -22.25 -0.77
N VAL A 434 -9.10 -22.29 -2.06
CA VAL A 434 -8.94 -23.53 -2.82
C VAL A 434 -7.83 -24.42 -2.21
N ILE A 435 -6.68 -23.82 -1.81
CA ILE A 435 -5.57 -24.51 -1.15
C ILE A 435 -6.04 -25.15 0.19
N ALA A 436 -6.67 -24.33 1.08
CA ALA A 436 -7.22 -24.71 2.39
C ALA A 436 -8.36 -25.70 2.27
N GLN A 437 -8.71 -26.06 1.01
CA GLN A 437 -9.81 -26.96 0.63
C GLN A 437 -11.13 -26.47 1.27
N ASN A 438 -11.36 -25.16 1.17
CA ASN A 438 -12.52 -24.49 1.74
C ASN A 438 -13.28 -23.80 0.62
N PHE A 439 -14.60 -23.65 0.81
CA PHE A 439 -15.43 -22.92 -0.14
C PHE A 439 -15.17 -21.43 0.03
N CYS A 440 -15.48 -20.68 -1.02
CA CYS A 440 -15.43 -19.25 -0.95
C CYS A 440 -16.79 -18.89 -0.34
N GLU A 441 -16.83 -17.85 0.49
CA GLU A 441 -18.07 -17.42 1.15
C GLU A 441 -18.49 -16.06 0.60
N LYS A 442 -19.59 -15.49 1.15
CA LYS A 442 -20.10 -14.17 0.79
C LYS A 442 -19.07 -13.05 1.04
N PHE A 443 -18.08 -13.28 1.95
CA PHE A 443 -17.05 -12.32 2.37
C PHE A 443 -15.87 -12.28 1.41
N CYS A 444 -15.72 -13.34 0.58
CA CYS A 444 -14.66 -13.37 -0.41
C CYS A 444 -14.82 -12.21 -1.41
N GLN A 445 -13.68 -11.69 -1.88
CA GLN A 445 -13.63 -10.57 -2.81
C GLN A 445 -13.50 -11.03 -4.26
N CYS A 446 -13.64 -12.35 -4.50
CA CYS A 446 -13.64 -12.97 -5.83
C CYS A 446 -14.94 -12.63 -6.61
N SER A 447 -15.03 -13.05 -7.89
CA SER A 447 -16.19 -12.82 -8.75
C SER A 447 -17.46 -13.42 -8.15
N SER A 448 -18.64 -12.86 -8.50
CA SER A 448 -19.93 -13.39 -8.05
C SER A 448 -20.18 -14.75 -8.67
N GLU A 449 -19.51 -15.01 -9.81
CA GLU A 449 -19.60 -16.24 -10.61
C GLU A 449 -18.53 -17.25 -10.23
N CYS A 450 -17.83 -17.03 -9.09
CA CYS A 450 -16.76 -17.92 -8.60
C CYS A 450 -17.32 -19.33 -8.41
N GLN A 451 -16.68 -20.30 -9.07
CA GLN A 451 -17.10 -21.70 -9.05
C GLN A 451 -16.82 -22.38 -7.73
N ASN A 452 -16.04 -21.74 -6.83
CA ASN A 452 -15.71 -22.29 -5.50
C ASN A 452 -16.61 -21.69 -4.41
N ARG A 453 -17.49 -20.75 -4.75
CA ARG A 453 -18.42 -20.18 -3.77
C ARG A 453 -19.46 -21.22 -3.34
N PHE A 454 -19.89 -21.20 -2.08
CA PHE A 454 -20.93 -22.13 -1.69
C PHE A 454 -22.28 -21.52 -2.11
N PRO A 455 -23.11 -22.23 -2.87
CA PRO A 455 -24.37 -21.61 -3.37
C PRO A 455 -25.49 -21.44 -2.36
N GLY A 456 -25.50 -22.31 -1.37
CA GLY A 456 -26.55 -22.37 -0.37
C GLY A 456 -27.51 -23.46 -0.77
N CYS A 457 -28.71 -23.49 -0.17
CA CYS A 457 -29.72 -24.49 -0.47
C CYS A 457 -31.05 -23.88 -0.85
N ARG A 458 -31.77 -24.58 -1.72
CA ARG A 458 -33.06 -24.17 -2.27
C ARG A 458 -34.22 -24.94 -1.59
N CYS A 459 -33.95 -25.51 -0.38
CA CYS A 459 -34.87 -26.27 0.47
C CYS A 459 -36.07 -25.43 0.81
N LYS A 460 -37.18 -26.12 1.05
CA LYS A 460 -38.45 -25.52 1.39
C LYS A 460 -38.53 -25.40 2.90
N ALA A 461 -37.93 -26.37 3.63
CA ALA A 461 -37.88 -26.47 5.09
C ALA A 461 -36.88 -27.58 5.54
N GLN A 462 -36.69 -27.71 6.87
CA GLN A 462 -35.88 -28.76 7.51
C GLN A 462 -34.37 -28.52 7.46
N CYS A 463 -33.72 -28.87 6.36
CA CYS A 463 -32.27 -28.76 6.15
C CYS A 463 -31.48 -29.65 7.18
N ASN A 464 -32.10 -30.75 7.64
CA ASN A 464 -31.52 -31.68 8.62
C ASN A 464 -31.22 -33.07 8.06
N THR A 465 -31.13 -33.22 6.74
CA THR A 465 -30.81 -34.50 6.07
C THR A 465 -29.74 -34.29 4.97
N LYS A 466 -29.15 -35.40 4.47
CA LYS A 466 -28.17 -35.40 3.37
C LYS A 466 -28.74 -34.81 2.06
N GLN A 467 -30.07 -34.58 2.04
CA GLN A 467 -30.77 -33.99 0.89
C GLN A 467 -30.45 -32.51 0.77
N CYS A 468 -30.06 -31.89 1.90
CA CYS A 468 -29.70 -30.48 1.99
C CYS A 468 -28.20 -30.30 1.79
N PRO A 469 -27.77 -29.53 0.76
CA PRO A 469 -26.32 -29.36 0.51
C PRO A 469 -25.56 -28.70 1.65
N CYS A 470 -26.23 -27.81 2.41
CA CYS A 470 -25.68 -27.16 3.58
C CYS A 470 -25.37 -28.23 4.65
N TYR A 471 -26.41 -28.97 5.11
CA TYR A 471 -26.27 -30.07 6.06
C TYR A 471 -25.23 -31.12 5.65
N LEU A 472 -25.25 -31.54 4.39
CA LEU A 472 -24.33 -32.53 3.82
C LEU A 472 -22.87 -32.05 3.86
N ALA A 473 -22.64 -30.72 3.72
CA ALA A 473 -21.31 -30.13 3.73
C ALA A 473 -20.85 -29.81 5.15
N VAL A 474 -21.67 -30.21 6.15
CA VAL A 474 -21.45 -29.97 7.59
C VAL A 474 -21.40 -28.44 7.86
N ARG A 475 -22.34 -27.73 7.21
CA ARG A 475 -22.50 -26.29 7.32
C ARG A 475 -23.89 -26.00 7.78
N GLU A 476 -24.03 -24.93 8.58
CA GLU A 476 -25.36 -24.41 8.93
C GLU A 476 -25.84 -23.64 7.69
N CYS A 477 -27.11 -23.24 7.67
CA CYS A 477 -27.60 -22.48 6.54
C CYS A 477 -27.18 -21.01 6.66
N ASP A 478 -26.75 -20.40 5.55
CA ASP A 478 -26.35 -19.01 5.47
C ASP A 478 -27.63 -18.15 5.33
N PRO A 479 -27.91 -17.17 6.20
CA PRO A 479 -29.13 -16.36 6.02
C PRO A 479 -29.15 -15.45 4.77
N ASP A 480 -28.00 -15.21 4.11
CA ASP A 480 -27.95 -14.37 2.91
C ASP A 480 -27.96 -15.19 1.59
N LEU A 481 -27.85 -16.54 1.69
CA LEU A 481 -27.86 -17.43 0.54
C LEU A 481 -29.07 -18.39 0.50
N CYS A 482 -29.47 -18.92 1.68
CA CYS A 482 -30.57 -19.88 1.88
C CYS A 482 -31.87 -19.08 2.11
N LEU A 483 -32.44 -18.61 0.97
CA LEU A 483 -33.60 -17.70 0.89
C LEU A 483 -34.99 -18.37 0.95
N THR A 484 -35.06 -19.69 0.74
CA THR A 484 -36.33 -20.42 0.73
C THR A 484 -36.60 -21.33 1.96
N CYS A 485 -35.57 -21.75 2.71
CA CYS A 485 -35.80 -22.70 3.81
C CYS A 485 -36.30 -22.10 5.11
N GLY A 486 -35.98 -20.82 5.37
CA GLY A 486 -36.40 -20.15 6.60
C GLY A 486 -35.27 -19.50 7.38
N ALA A 487 -33.99 -19.82 7.03
CA ALA A 487 -32.76 -19.30 7.66
C ALA A 487 -32.64 -17.76 7.59
N ALA A 488 -33.23 -17.16 6.54
CA ALA A 488 -33.23 -15.73 6.24
C ALA A 488 -34.34 -14.90 6.91
N ASP A 489 -35.44 -15.52 7.33
CA ASP A 489 -36.62 -14.84 7.89
C ASP A 489 -36.78 -14.97 9.42
N HIS A 490 -37.85 -14.33 9.98
CA HIS A 490 -38.27 -14.34 11.40
C HIS A 490 -37.11 -14.33 12.43
N TRP A 491 -36.47 -13.18 12.55
CA TRP A 491 -35.34 -12.96 13.46
C TRP A 491 -35.74 -12.92 14.94
N ASP A 492 -37.03 -12.71 15.21
CA ASP A 492 -37.63 -12.72 16.54
C ASP A 492 -37.72 -14.17 17.08
N SER A 493 -37.94 -15.15 16.16
CA SER A 493 -38.10 -16.57 16.50
C SER A 493 -36.79 -17.40 16.43
N LYS A 494 -36.74 -18.46 17.26
CA LYS A 494 -35.65 -19.45 17.32
C LYS A 494 -36.13 -20.75 16.65
N ASN A 495 -37.48 -21.03 16.73
CA ASN A 495 -38.15 -22.18 16.08
C ASN A 495 -38.63 -21.69 14.72
N VAL A 496 -37.74 -21.84 13.75
CA VAL A 496 -37.87 -21.42 12.36
C VAL A 496 -38.01 -22.66 11.46
N SER A 497 -38.55 -22.48 10.27
CA SER A 497 -38.79 -23.55 9.28
C SER A 497 -37.56 -24.44 9.04
N CYS A 498 -36.36 -23.78 9.10
CA CYS A 498 -35.03 -24.34 8.93
C CYS A 498 -34.51 -24.84 10.28
N LYS A 499 -34.12 -26.12 10.32
CA LYS A 499 -33.58 -26.79 11.52
C LYS A 499 -32.02 -26.88 11.45
N ASN A 500 -31.41 -26.04 10.59
CA ASN A 500 -29.98 -25.98 10.38
C ASN A 500 -29.44 -24.55 10.58
N CYS A 501 -29.93 -23.83 11.59
CA CYS A 501 -29.46 -22.49 11.91
C CYS A 501 -29.51 -22.22 13.45
N SER A 502 -29.42 -23.31 14.25
CA SER A 502 -29.47 -23.25 15.72
C SER A 502 -28.28 -22.55 16.35
N ILE A 503 -27.04 -22.89 15.90
CA ILE A 503 -25.80 -22.30 16.41
C ILE A 503 -25.82 -20.79 16.17
N GLN A 504 -26.02 -20.35 14.90
CA GLN A 504 -26.02 -18.93 14.53
C GLN A 504 -27.07 -18.06 15.26
N ARG A 505 -28.23 -18.62 15.59
CA ARG A 505 -29.34 -17.98 16.26
C ARG A 505 -29.26 -18.13 17.77
N GLY A 506 -28.47 -19.11 18.21
CA GLY A 506 -28.30 -19.38 19.62
C GLY A 506 -29.51 -20.00 20.27
N SER A 507 -30.26 -20.84 19.51
CA SER A 507 -31.47 -21.57 19.92
C SER A 507 -31.13 -22.72 20.87
N LYS A 508 -30.41 -22.42 21.93
CA LYS A 508 -29.97 -23.41 22.91
C LYS A 508 -31.12 -23.84 23.85
N LYS A 509 -30.98 -25.06 24.41
CA LYS A 509 -31.93 -25.64 25.35
C LYS A 509 -31.56 -25.16 26.76
N HIS A 510 -32.55 -25.00 27.64
CA HIS A 510 -32.33 -24.58 29.03
C HIS A 510 -31.62 -25.73 29.75
N LEU A 511 -30.49 -25.43 30.44
CA LEU A 511 -29.63 -26.36 31.16
C LEU A 511 -29.53 -25.94 32.57
N LEU A 512 -29.28 -26.91 33.44
CA LEU A 512 -29.26 -26.74 34.88
C LEU A 512 -27.99 -27.28 35.49
N LEU A 513 -27.48 -26.54 36.46
CA LEU A 513 -26.23 -26.83 37.17
C LEU A 513 -26.48 -27.56 38.48
N ALA A 514 -25.77 -28.65 38.69
CA ALA A 514 -25.82 -29.39 39.96
C ALA A 514 -24.61 -30.34 40.02
N PRO A 515 -24.20 -30.77 41.23
CA PRO A 515 -23.13 -31.78 41.33
C PRO A 515 -23.47 -33.03 40.50
N SER A 516 -22.49 -33.52 39.73
CA SER A 516 -22.64 -34.67 38.85
C SER A 516 -22.83 -35.96 39.69
N ASP A 517 -23.48 -37.01 39.08
CA ASP A 517 -23.63 -38.29 39.75
C ASP A 517 -22.32 -39.12 39.60
N VAL A 518 -21.28 -38.52 38.99
CA VAL A 518 -19.97 -39.14 38.82
C VAL A 518 -19.04 -38.33 39.73
N ALA A 519 -18.51 -37.18 39.25
CA ALA A 519 -17.67 -36.32 40.08
C ALA A 519 -17.78 -34.85 39.63
N GLY A 520 -17.44 -33.94 40.55
CA GLY A 520 -17.45 -32.51 40.34
C GLY A 520 -18.83 -32.00 40.00
N TRP A 521 -18.89 -31.03 39.08
CA TRP A 521 -20.16 -30.47 38.63
C TRP A 521 -20.60 -31.14 37.32
N GLY A 522 -21.89 -31.09 37.08
CA GLY A 522 -22.51 -31.64 35.89
C GLY A 522 -23.61 -30.73 35.42
N ILE A 523 -24.07 -30.99 34.18
CA ILE A 523 -25.11 -30.22 33.52
C ILE A 523 -26.29 -31.15 33.19
N PHE A 524 -27.51 -30.67 33.48
CA PHE A 524 -28.73 -31.44 33.31
C PHE A 524 -29.69 -30.66 32.42
N ILE A 525 -30.35 -31.35 31.46
CA ILE A 525 -31.31 -30.72 30.55
C ILE A 525 -32.66 -30.48 31.27
N LYS A 526 -33.25 -29.28 31.12
CA LYS A 526 -34.51 -28.95 31.78
C LYS A 526 -35.73 -29.64 31.13
N ASP A 527 -35.73 -29.75 29.79
CA ASP A 527 -36.85 -30.34 29.06
C ASP A 527 -36.40 -31.39 28.06
N PRO A 528 -37.29 -32.31 27.63
CA PRO A 528 -36.86 -33.39 26.72
C PRO A 528 -36.32 -32.95 25.40
N VAL A 529 -35.44 -33.76 24.84
CA VAL A 529 -34.79 -33.48 23.57
C VAL A 529 -34.82 -34.78 22.73
N GLN A 530 -34.94 -34.65 21.41
CA GLN A 530 -35.01 -35.77 20.47
C GLN A 530 -33.63 -36.13 19.91
N LYS A 531 -33.47 -37.34 19.40
CA LYS A 531 -32.20 -37.75 18.79
C LYS A 531 -31.77 -36.71 17.72
N ASN A 532 -30.47 -36.32 17.73
CA ASN A 532 -29.86 -35.38 16.79
C ASN A 532 -30.33 -33.94 16.96
N GLU A 533 -31.12 -33.65 17.99
CA GLU A 533 -31.57 -32.28 18.26
C GLU A 533 -30.45 -31.51 18.94
N PHE A 534 -30.28 -30.23 18.56
CA PHE A 534 -29.29 -29.31 19.07
C PHE A 534 -29.55 -28.95 20.53
N ILE A 535 -28.50 -29.03 21.39
CA ILE A 535 -28.62 -28.67 22.82
C ILE A 535 -28.05 -27.28 23.04
N SER A 536 -26.75 -27.08 22.78
CA SER A 536 -26.07 -25.81 22.95
C SER A 536 -24.82 -25.82 22.12
N GLU A 537 -24.21 -24.64 21.95
CA GLU A 537 -22.92 -24.48 21.30
C GLU A 537 -21.91 -24.64 22.41
N TYR A 538 -20.77 -25.25 22.11
CA TYR A 538 -19.71 -25.33 23.10
C TYR A 538 -18.83 -24.08 22.92
N CYS A 539 -19.15 -23.00 23.65
CA CYS A 539 -18.44 -21.71 23.61
C CYS A 539 -17.20 -21.66 24.48
N GLY A 540 -16.27 -20.78 24.10
CA GLY A 540 -15.06 -20.51 24.85
C GLY A 540 -14.15 -19.50 24.20
N GLU A 541 -12.93 -19.42 24.69
CA GLU A 541 -11.92 -18.53 24.14
C GLU A 541 -11.28 -19.20 22.92
N ILE A 542 -11.06 -18.44 21.83
CA ILE A 542 -10.39 -18.96 20.66
C ILE A 542 -8.92 -18.57 20.85
N ILE A 543 -8.09 -19.59 21.00
CA ILE A 543 -6.66 -19.50 21.21
C ILE A 543 -5.97 -20.34 20.11
N SER A 544 -4.72 -19.96 19.80
CA SER A 544 -3.85 -20.62 18.83
C SER A 544 -3.39 -21.94 19.40
N GLN A 545 -2.85 -22.82 18.54
CA GLN A 545 -2.32 -24.12 18.96
C GLN A 545 -1.18 -24.01 19.99
N ASP A 546 -0.32 -23.00 19.83
CA ASP A 546 0.81 -22.67 20.71
C ASP A 546 0.33 -22.24 22.08
N GLU A 547 -0.67 -21.31 22.11
CA GLU A 547 -1.32 -20.84 23.35
C GLU A 547 -1.96 -22.02 24.08
N ALA A 548 -2.58 -22.94 23.33
CA ALA A 548 -3.16 -24.13 23.94
C ALA A 548 -2.06 -25.03 24.55
N ASP A 549 -0.89 -25.15 23.89
CA ASP A 549 0.25 -25.94 24.40
C ASP A 549 0.80 -25.33 25.69
N ARG A 550 0.91 -24.00 25.71
CA ARG A 550 1.34 -23.21 26.87
C ARG A 550 0.36 -23.41 28.04
N ARG A 551 -0.95 -23.17 27.78
CA ARG A 551 -2.05 -23.31 28.73
C ARG A 551 -2.18 -24.72 29.30
N GLY A 552 -1.99 -25.73 28.44
CA GLY A 552 -2.04 -27.15 28.81
C GLY A 552 -1.07 -27.57 29.91
N LYS A 553 0.12 -26.92 29.97
CA LYS A 553 1.14 -27.18 30.99
C LYS A 553 0.56 -26.94 32.40
N VAL A 554 -0.15 -25.81 32.59
CA VAL A 554 -0.84 -25.42 33.83
C VAL A 554 -1.99 -26.36 34.11
N TYR A 555 -2.80 -26.66 33.09
CA TYR A 555 -4.00 -27.48 33.21
C TYR A 555 -3.72 -28.87 33.75
N ASP A 556 -2.62 -29.50 33.30
CA ASP A 556 -2.23 -30.85 33.72
C ASP A 556 -1.92 -30.90 35.22
N LYS A 557 -1.37 -29.82 35.80
CA LYS A 557 -1.13 -29.69 37.24
C LYS A 557 -2.47 -29.87 38.00
N TYR A 558 -3.62 -29.47 37.38
CA TYR A 558 -4.97 -29.51 37.97
C TYR A 558 -5.80 -30.68 37.55
N MET A 559 -5.31 -31.47 36.60
CA MET A 559 -6.03 -32.63 36.06
C MET A 559 -7.36 -32.22 35.41
N CYS A 560 -7.40 -30.98 34.91
CA CYS A 560 -8.54 -30.42 34.20
C CYS A 560 -8.16 -30.25 32.70
N SER A 561 -9.09 -30.50 31.79
CA SER A 561 -8.86 -30.36 30.35
C SER A 561 -10.15 -29.96 29.65
N PHE A 562 -10.41 -28.64 29.60
CA PHE A 562 -11.60 -28.06 28.99
C PHE A 562 -11.31 -27.31 27.68
N LEU A 563 -10.25 -27.71 26.97
CA LEU A 563 -9.91 -27.16 25.64
C LEU A 563 -10.14 -28.19 24.55
N PHE A 564 -10.72 -27.76 23.43
CA PHE A 564 -11.08 -28.64 22.32
C PHE A 564 -10.68 -28.09 20.96
N ASN A 565 -10.09 -28.92 20.11
CA ASN A 565 -9.69 -28.51 18.75
C ASN A 565 -10.85 -28.04 17.93
N LEU A 566 -10.74 -26.85 17.32
CA LEU A 566 -11.78 -26.27 16.46
C LEU A 566 -11.49 -26.57 14.99
N ASN A 567 -10.25 -26.34 14.58
CA ASN A 567 -9.68 -26.63 13.28
C ASN A 567 -8.16 -26.76 13.48
N ASN A 568 -7.39 -26.82 12.36
CA ASN A 568 -5.92 -26.95 12.39
C ASN A 568 -5.24 -25.77 13.09
N ASP A 569 -5.84 -24.58 13.02
CA ASP A 569 -5.25 -23.34 13.52
C ASP A 569 -5.67 -22.93 14.96
N PHE A 570 -6.92 -23.26 15.37
CA PHE A 570 -7.48 -22.81 16.64
C PHE A 570 -8.07 -23.86 17.54
N VAL A 571 -8.05 -23.54 18.85
CA VAL A 571 -8.63 -24.33 19.92
C VAL A 571 -9.59 -23.42 20.67
N VAL A 572 -10.75 -23.96 21.05
CA VAL A 572 -11.75 -23.28 21.89
C VAL A 572 -11.53 -23.81 23.30
N ASP A 573 -11.30 -22.88 24.24
CA ASP A 573 -10.98 -23.19 25.63
C ASP A 573 -12.04 -22.58 26.54
N ALA A 574 -12.86 -23.43 27.16
CA ALA A 574 -13.94 -23.03 28.05
C ALA A 574 -13.53 -22.81 29.51
N THR A 575 -12.22 -22.88 29.87
CA THR A 575 -11.67 -22.73 31.23
C THR A 575 -11.94 -21.37 31.87
N ARG A 576 -11.55 -20.28 31.19
CA ARG A 576 -11.70 -18.88 31.63
C ARG A 576 -13.11 -18.33 31.27
N LYS A 577 -13.52 -18.50 30.01
CA LYS A 577 -14.80 -18.05 29.49
C LYS A 577 -15.48 -19.23 28.83
N GLY A 578 -16.79 -19.30 28.94
CA GLY A 578 -17.59 -20.33 28.29
C GLY A 578 -19.07 -20.23 28.64
N ASN A 579 -19.86 -21.22 28.22
CA ASN A 579 -21.29 -21.31 28.54
C ASN A 579 -21.60 -22.58 29.37
N LYS A 580 -22.81 -22.73 29.89
CA LYS A 580 -23.21 -23.84 30.76
C LYS A 580 -22.81 -25.24 30.29
N ILE A 581 -22.82 -25.52 28.98
CA ILE A 581 -22.47 -26.83 28.40
C ILE A 581 -21.00 -27.26 28.73
N ARG A 582 -20.15 -26.34 29.23
CA ARG A 582 -18.79 -26.63 29.68
C ARG A 582 -18.82 -27.67 30.84
N PHE A 583 -20.00 -27.78 31.53
CA PHE A 583 -20.24 -28.66 32.66
C PHE A 583 -20.70 -30.08 32.27
N ALA A 584 -20.81 -30.37 30.97
CA ALA A 584 -21.16 -31.68 30.47
C ALA A 584 -19.93 -32.50 30.64
N ASN A 585 -20.01 -33.59 31.42
CA ASN A 585 -18.86 -34.44 31.70
C ASN A 585 -18.52 -35.35 30.57
N HIS A 586 -17.30 -35.91 30.60
CA HIS A 586 -16.81 -36.86 29.61
C HIS A 586 -17.36 -38.24 29.94
N SER A 587 -17.61 -39.03 28.88
CA SER A 587 -18.03 -40.42 28.97
C SER A 587 -17.73 -41.09 27.66
N VAL A 588 -17.30 -42.35 27.71
CA VAL A 588 -17.06 -43.19 26.52
C VAL A 588 -18.39 -43.85 26.12
N ASN A 589 -19.43 -43.68 26.98
CA ASN A 589 -20.82 -44.09 26.76
C ASN A 589 -21.73 -42.84 26.84
N PRO A 590 -21.52 -41.82 25.94
CA PRO A 590 -22.31 -40.59 26.04
C PRO A 590 -23.74 -40.68 25.56
N ASN A 591 -24.50 -39.60 25.81
CA ASN A 591 -25.86 -39.38 25.33
C ASN A 591 -25.91 -38.14 24.41
N CYS A 592 -24.74 -37.44 24.23
CA CYS A 592 -24.50 -36.27 23.38
C CYS A 592 -23.31 -36.49 22.53
N TYR A 593 -23.23 -35.69 21.48
CA TYR A 593 -22.04 -35.66 20.64
C TYR A 593 -21.77 -34.22 20.21
N ALA A 594 -20.52 -33.93 19.86
CA ALA A 594 -20.06 -32.63 19.40
C ALA A 594 -19.82 -32.62 17.90
N LYS A 595 -20.32 -31.60 17.23
CA LYS A 595 -20.12 -31.48 15.78
C LYS A 595 -19.57 -30.08 15.44
N VAL A 596 -18.36 -30.02 14.87
CA VAL A 596 -17.82 -28.76 14.43
C VAL A 596 -18.50 -28.48 13.09
N MET A 597 -19.14 -27.30 12.98
CA MET A 597 -19.83 -26.88 11.78
C MET A 597 -19.26 -25.60 11.27
N MET A 598 -19.39 -25.34 9.96
CA MET A 598 -19.01 -24.05 9.38
C MET A 598 -20.28 -23.21 9.44
N VAL A 599 -20.27 -22.18 10.26
CA VAL A 599 -21.41 -21.31 10.54
C VAL A 599 -21.05 -19.90 10.12
N ASN A 600 -21.47 -19.50 8.93
CA ASN A 600 -21.25 -18.19 8.33
C ASN A 600 -19.79 -17.74 8.40
N GLY A 601 -18.91 -18.62 7.89
CA GLY A 601 -17.45 -18.40 7.84
C GLY A 601 -16.69 -18.69 9.11
N ASP A 602 -17.37 -19.17 10.16
CA ASP A 602 -16.75 -19.51 11.46
C ASP A 602 -16.95 -20.95 11.80
N HIS A 603 -15.93 -21.60 12.36
CA HIS A 603 -16.07 -22.99 12.82
C HIS A 603 -16.62 -22.87 14.23
N ARG A 604 -17.72 -23.56 14.50
CA ARG A 604 -18.40 -23.54 15.80
C ARG A 604 -18.76 -24.95 16.19
N ILE A 605 -18.64 -25.28 17.49
CA ILE A 605 -18.93 -26.62 18.01
C ILE A 605 -20.35 -26.68 18.50
N GLY A 606 -21.13 -27.58 17.89
CA GLY A 606 -22.50 -27.79 18.31
C GLY A 606 -22.58 -29.04 19.14
N ILE A 607 -23.35 -29.00 20.23
CA ILE A 607 -23.58 -30.20 21.06
C ILE A 607 -25.01 -30.71 20.79
N PHE A 608 -25.09 -31.91 20.21
CA PHE A 608 -26.37 -32.52 19.83
C PHE A 608 -26.64 -33.76 20.66
N ALA A 609 -27.93 -34.09 20.82
CA ALA A 609 -28.35 -35.32 21.51
C ALA A 609 -28.02 -36.52 20.61
N LYS A 610 -27.39 -37.57 21.17
CA LYS A 610 -26.99 -38.79 20.45
C LYS A 610 -28.19 -39.78 20.35
N ARG A 611 -29.19 -39.57 21.23
CA ARG A 611 -30.42 -40.33 21.37
C ARG A 611 -31.43 -39.41 22.07
N ALA A 612 -32.73 -39.77 22.11
CA ALA A 612 -33.70 -38.95 22.85
C ALA A 612 -33.27 -38.86 24.34
N ILE A 613 -33.53 -37.70 24.98
CA ILE A 613 -33.11 -37.45 26.36
C ILE A 613 -34.29 -36.90 27.13
N GLN A 614 -34.46 -37.38 28.36
CA GLN A 614 -35.56 -37.02 29.26
C GLN A 614 -35.28 -35.81 30.18
N THR A 615 -36.35 -35.25 30.76
CA THR A 615 -36.30 -34.14 31.73
C THR A 615 -35.37 -34.54 32.90
N GLY A 616 -34.39 -33.69 33.20
CA GLY A 616 -33.45 -33.88 34.30
C GLY A 616 -32.28 -34.82 34.09
N GLU A 617 -32.10 -35.37 32.86
CA GLU A 617 -30.99 -36.28 32.56
C GLU A 617 -29.66 -35.50 32.47
N GLU A 618 -28.59 -36.08 33.03
CA GLU A 618 -27.25 -35.51 32.98
C GLU A 618 -26.70 -35.62 31.59
N LEU A 619 -25.90 -34.59 31.16
CA LEU A 619 -25.31 -34.59 29.84
C LEU A 619 -23.87 -34.96 29.89
N PHE A 620 -23.47 -35.79 28.92
CA PHE A 620 -22.14 -36.33 28.75
C PHE A 620 -21.83 -36.45 27.30
N PHE A 621 -20.58 -36.09 26.89
CA PHE A 621 -20.15 -36.31 25.52
C PHE A 621 -18.76 -36.93 25.58
N ASP A 622 -18.34 -37.63 24.54
CA ASP A 622 -17.02 -38.28 24.49
C ASP A 622 -16.00 -37.23 24.06
N TYR A 623 -15.19 -36.77 25.03
CA TYR A 623 -14.19 -35.72 24.85
C TYR A 623 -13.14 -36.08 23.81
N ARG A 624 -12.79 -37.38 23.71
CA ARG A 624 -11.74 -37.92 22.84
C ARG A 624 -11.90 -37.56 21.38
N TYR A 625 -13.15 -37.51 20.91
CA TYR A 625 -13.45 -37.20 19.52
C TYR A 625 -13.08 -35.77 19.16
N SER A 626 -13.27 -34.85 20.11
CA SER A 626 -12.90 -33.45 19.96
C SER A 626 -11.39 -33.24 20.13
N GLN A 627 -10.73 -34.09 20.94
CA GLN A 627 -9.29 -34.03 21.18
C GLN A 627 -8.51 -34.65 20.03
N ALA A 628 -9.05 -35.72 19.42
CA ALA A 628 -8.43 -36.47 18.32
C ALA A 628 -8.35 -35.72 17.00
N ASP A 629 -7.40 -34.81 16.87
CA ASP A 629 -7.17 -34.13 15.59
C ASP A 629 -5.68 -33.98 15.34
N ALA A 630 -5.16 -34.91 14.52
CA ALA A 630 -3.74 -35.08 14.13
C ALA A 630 -3.61 -35.20 12.58
N GLU B 9 57.17 43.01 -47.57
CA GLU B 9 57.10 43.54 -46.20
C GLU B 9 57.21 42.44 -45.12
N LYS B 10 56.38 41.35 -45.23
CA LYS B 10 56.34 40.19 -44.31
C LYS B 10 56.38 38.85 -45.04
N GLY B 11 57.29 37.99 -44.59
CA GLY B 11 57.56 36.67 -45.16
C GLY B 11 56.77 35.49 -44.60
N PRO B 12 56.94 34.32 -45.25
CA PRO B 12 56.17 33.10 -44.87
C PRO B 12 56.38 32.56 -43.45
N ILE B 13 57.64 32.62 -42.94
CA ILE B 13 58.01 32.18 -41.58
C ILE B 13 57.35 33.11 -40.58
N CYS B 14 57.24 34.40 -40.95
CA CYS B 14 56.61 35.41 -40.10
C CYS B 14 55.11 35.13 -39.96
N TRP B 15 54.44 34.90 -41.10
CA TRP B 15 53.03 34.58 -41.15
C TRP B 15 52.70 33.25 -40.50
N ARG B 16 53.62 32.28 -40.53
CA ARG B 16 53.36 31.00 -39.83
C ARG B 16 53.49 31.18 -38.33
N LYS B 17 54.48 31.98 -37.88
CA LYS B 17 54.66 32.29 -36.46
C LYS B 17 53.40 33.00 -35.96
N ARG B 18 52.84 33.91 -36.79
CA ARG B 18 51.63 34.68 -36.46
C ARG B 18 50.41 33.81 -36.26
N VAL B 19 50.18 32.84 -37.17
CA VAL B 19 49.09 31.88 -37.08
C VAL B 19 49.20 31.16 -35.74
N LYS B 20 50.41 30.68 -35.39
CA LYS B 20 50.65 29.96 -34.14
C LYS B 20 50.34 30.82 -32.91
N SER B 21 50.93 32.02 -32.83
CA SER B 21 50.72 32.92 -31.70
C SER B 21 49.25 33.37 -31.58
N GLU B 22 48.60 33.77 -32.70
CA GLU B 22 47.20 34.19 -32.68
C GLU B 22 46.21 33.03 -32.42
N TYR B 23 46.56 31.78 -32.85
CA TYR B 23 45.76 30.59 -32.58
C TYR B 23 45.80 30.28 -31.12
N MET B 24 47.00 30.19 -30.51
CA MET B 24 47.20 29.94 -29.08
C MET B 24 46.53 31.00 -28.20
N ARG B 25 46.41 32.23 -28.72
CA ARG B 25 45.78 33.34 -28.02
C ARG B 25 44.27 33.10 -27.95
N LEU B 26 43.66 32.86 -29.14
CA LEU B 26 42.23 32.63 -29.31
C LEU B 26 41.76 31.35 -28.66
N ARG B 27 42.60 30.31 -28.69
CA ARG B 27 42.30 29.00 -28.08
C ARG B 27 42.19 29.15 -26.54
N GLN B 28 43.12 29.87 -25.91
CA GLN B 28 43.18 30.17 -24.47
C GLN B 28 42.07 31.16 -24.06
N LEU B 29 41.71 32.08 -24.96
CA LEU B 29 40.65 33.04 -24.68
C LEU B 29 39.28 32.33 -24.62
N LYS B 30 39.06 31.38 -25.54
CA LYS B 30 37.82 30.64 -25.63
C LYS B 30 37.75 29.58 -24.53
N ARG B 31 38.91 29.08 -24.08
CA ARG B 31 39.00 28.10 -23.00
C ARG B 31 38.54 28.79 -21.70
N PHE B 32 39.00 30.05 -21.51
CA PHE B 32 38.70 30.91 -20.38
C PHE B 32 37.25 31.32 -20.37
N ARG B 33 36.75 31.84 -21.52
CA ARG B 33 35.38 32.32 -21.66
C ARG B 33 34.35 31.20 -21.49
N ARG B 34 34.64 29.99 -21.98
CA ARG B 34 33.72 28.88 -21.81
C ARG B 34 33.71 28.37 -20.35
N ALA B 35 34.86 28.45 -19.65
CA ALA B 35 35.03 28.07 -18.23
C ALA B 35 34.10 28.91 -17.35
N ASP B 36 34.02 30.24 -17.61
CA ASP B 36 33.14 31.16 -16.90
C ASP B 36 31.70 30.78 -17.22
N GLU B 37 31.38 30.59 -18.53
CA GLU B 37 30.06 30.20 -19.05
C GLU B 37 29.51 28.88 -18.41
N VAL B 38 30.40 27.89 -18.15
CA VAL B 38 30.13 26.59 -17.55
C VAL B 38 29.75 26.76 -16.06
N LYS B 39 30.60 27.50 -15.30
CA LYS B 39 30.41 27.84 -13.88
C LYS B 39 29.13 28.67 -13.73
N SER B 40 28.84 29.54 -14.69
CA SER B 40 27.61 30.32 -14.66
C SER B 40 26.39 29.41 -14.88
N MET B 41 26.49 28.48 -15.87
CA MET B 41 25.47 27.50 -16.26
C MET B 41 25.11 26.60 -15.07
N PHE B 42 26.12 25.98 -14.46
CA PHE B 42 25.96 25.11 -13.30
C PHE B 42 25.25 25.78 -12.13
N ASN B 43 25.58 27.06 -11.84
CA ASN B 43 25.00 27.87 -10.77
C ASN B 43 23.54 28.22 -11.09
N SER B 44 23.28 28.72 -12.30
CA SER B 44 21.94 29.06 -12.74
C SER B 44 21.06 27.78 -12.63
N ASN B 45 21.61 26.65 -13.16
CA ASN B 45 21.03 25.32 -13.20
C ASN B 45 20.66 24.87 -11.79
N ARG B 46 21.63 24.99 -10.86
CA ARG B 46 21.52 24.66 -9.43
C ARG B 46 20.35 25.39 -8.77
N GLN B 47 20.02 26.62 -9.21
CA GLN B 47 18.86 27.36 -8.69
C GLN B 47 17.56 26.72 -9.14
N LYS B 48 17.49 26.21 -10.38
CA LYS B 48 16.27 25.52 -10.86
C LYS B 48 16.12 24.20 -10.09
N ILE B 49 17.23 23.43 -9.90
CA ILE B 49 17.27 22.17 -9.14
C ILE B 49 16.67 22.44 -7.78
N GLN B 50 17.21 23.42 -7.04
CA GLN B 50 16.73 23.86 -5.74
C GLN B 50 15.22 24.26 -5.75
N GLU B 51 14.78 25.12 -6.69
CA GLU B 51 13.37 25.55 -6.78
C GLU B 51 12.40 24.37 -6.95
N ARG B 52 12.73 23.49 -7.91
CA ARG B 52 11.95 22.32 -8.31
C ARG B 52 11.98 21.20 -7.29
N THR B 53 13.15 20.91 -6.63
CA THR B 53 13.21 19.85 -5.58
C THR B 53 12.35 20.23 -4.40
N GLU B 54 12.23 21.55 -4.11
CA GLU B 54 11.43 22.08 -3.02
C GLU B 54 9.94 21.91 -3.30
N ILE B 55 9.50 22.13 -4.57
CA ILE B 55 8.09 21.95 -5.00
C ILE B 55 7.67 20.49 -4.73
N LEU B 56 8.56 19.54 -5.11
CA LEU B 56 8.39 18.11 -4.96
C LEU B 56 8.41 17.66 -3.51
N ASN B 57 9.31 18.28 -2.70
CA ASN B 57 9.46 17.98 -1.28
C ASN B 57 8.27 18.51 -0.51
N GLN B 58 7.69 19.65 -0.97
CA GLN B 58 6.48 20.20 -0.37
C GLN B 58 5.30 19.28 -0.64
N GLU B 59 5.17 18.75 -1.87
CA GLU B 59 4.10 17.81 -2.25
C GLU B 59 4.23 16.48 -1.51
N TRP B 60 5.45 16.08 -1.14
CA TRP B 60 5.72 14.85 -0.42
C TRP B 60 5.36 15.00 1.07
N LYS B 61 5.55 16.21 1.62
CA LYS B 61 5.20 16.57 3.00
C LYS B 61 3.68 16.44 3.22
N GLN B 62 2.86 16.73 2.17
CA GLN B 62 1.38 16.64 2.17
C GLN B 62 0.89 15.19 2.03
N ARG B 63 1.81 14.21 1.95
CA ARG B 63 1.42 12.79 1.80
C ARG B 63 1.81 11.97 3.00
N ARG B 64 0.88 11.08 3.41
CA ARG B 64 1.10 10.13 4.49
C ARG B 64 0.97 8.76 3.89
N ILE B 65 2.11 8.23 3.43
CA ILE B 65 2.15 6.94 2.76
C ILE B 65 2.51 5.88 3.80
N GLN B 66 1.67 4.85 3.83
CA GLN B 66 1.72 3.69 4.71
C GLN B 66 3.01 2.90 4.65
N PRO B 67 3.63 2.59 5.79
CA PRO B 67 4.88 1.80 5.76
C PRO B 67 4.67 0.32 5.45
N VAL B 68 5.68 -0.29 4.84
CA VAL B 68 5.71 -1.72 4.51
C VAL B 68 6.06 -2.50 5.79
N HIS B 69 5.40 -3.66 5.98
CA HIS B 69 5.65 -4.55 7.12
C HIS B 69 6.11 -5.93 6.68
N ILE B 70 6.56 -6.75 7.64
CA ILE B 70 7.07 -8.10 7.39
C ILE B 70 5.99 -9.02 6.79
N MET B 71 6.44 -9.98 5.99
CA MET B 71 5.58 -10.94 5.31
C MET B 71 5.33 -12.19 6.15
N THR B 72 4.04 -12.64 6.16
CA THR B 72 3.52 -13.86 6.81
C THR B 72 2.39 -14.44 5.93
N ARG B 81 6.84 -22.78 0.75
CA ARG B 81 8.17 -22.34 0.29
C ARG B 81 8.59 -20.98 0.91
N GLU B 82 9.92 -20.74 0.99
CA GLU B 82 10.49 -19.52 1.58
C GLU B 82 11.88 -19.14 1.03
N CYS B 83 12.47 -18.05 1.57
CA CYS B 83 13.77 -17.55 1.13
C CYS B 83 14.59 -17.04 2.28
N SER B 84 15.91 -17.06 2.12
CA SER B 84 16.84 -16.60 3.13
C SER B 84 17.80 -15.53 2.63
N VAL B 85 18.31 -14.77 3.58
CA VAL B 85 19.29 -13.70 3.39
C VAL B 85 20.37 -13.91 4.45
N THR B 86 21.62 -13.99 3.97
CA THR B 86 22.84 -14.21 4.72
C THR B 86 23.63 -12.91 4.85
N SER B 87 24.55 -12.81 5.83
CA SER B 87 25.37 -11.61 6.05
C SER B 87 26.87 -11.94 6.11
N ASP B 88 27.69 -11.24 5.29
CA ASP B 88 29.15 -11.41 5.28
C ASP B 88 29.80 -10.65 6.46
N LEU B 89 28.99 -9.81 7.15
CA LEU B 89 29.37 -8.99 8.30
C LEU B 89 28.77 -9.52 9.63
N ASP B 90 28.58 -10.86 9.68
CA ASP B 90 28.12 -11.68 10.80
C ASP B 90 26.78 -11.32 11.44
N PHE B 91 25.89 -10.63 10.70
CA PHE B 91 24.55 -10.37 11.23
C PHE B 91 23.75 -11.69 11.14
N PRO B 92 22.70 -11.92 11.95
CA PRO B 92 21.97 -13.20 11.83
C PRO B 92 21.27 -13.44 10.50
N LYS B 93 21.30 -14.72 10.03
CA LYS B 93 20.63 -15.22 8.82
C LYS B 93 19.14 -15.00 9.01
N GLN B 94 18.45 -14.52 7.95
CA GLN B 94 17.02 -14.24 7.99
C GLN B 94 16.26 -15.14 7.05
N VAL B 95 15.04 -15.54 7.45
CA VAL B 95 14.16 -16.41 6.66
C VAL B 95 12.72 -15.88 6.72
N ILE B 96 12.11 -15.61 5.55
CA ILE B 96 10.71 -15.21 5.41
C ILE B 96 10.08 -16.04 4.27
N PRO B 97 8.72 -16.17 4.21
CA PRO B 97 8.13 -16.93 3.09
C PRO B 97 8.36 -16.21 1.76
N LEU B 98 8.32 -16.96 0.66
CA LEU B 98 8.46 -16.46 -0.70
C LEU B 98 7.07 -16.47 -1.36
N LYS B 99 6.39 -15.29 -1.46
CA LYS B 99 5.07 -15.20 -2.08
C LYS B 99 5.17 -15.39 -3.61
N THR B 100 4.35 -16.30 -4.19
CA THR B 100 4.41 -16.55 -5.64
C THR B 100 3.48 -15.62 -6.39
N LEU B 101 4.05 -14.88 -7.37
CA LEU B 101 3.34 -13.98 -8.26
C LEU B 101 2.76 -14.88 -9.33
N ASN B 102 1.43 -14.92 -9.41
CA ASN B 102 0.67 -15.77 -10.33
C ASN B 102 1.00 -15.52 -11.78
N ALA B 103 1.20 -16.62 -12.52
CA ALA B 103 1.57 -16.63 -13.92
C ALA B 103 0.72 -15.73 -14.80
N VAL B 104 1.42 -14.97 -15.64
CA VAL B 104 0.89 -14.03 -16.62
C VAL B 104 1.38 -14.54 -17.97
N ALA B 105 0.47 -14.71 -18.93
CA ALA B 105 0.90 -15.17 -20.24
C ALA B 105 1.50 -14.00 -21.04
N SER B 106 2.67 -14.26 -21.63
CA SER B 106 3.38 -13.30 -22.45
C SER B 106 2.86 -13.35 -23.90
N VAL B 107 3.23 -12.36 -24.74
CA VAL B 107 2.86 -12.35 -26.16
C VAL B 107 4.14 -12.66 -26.94
N PRO B 108 4.11 -13.12 -28.22
CA PRO B 108 5.39 -13.39 -28.90
C PRO B 108 6.25 -12.14 -29.13
N ILE B 109 7.57 -12.33 -29.35
CA ILE B 109 8.52 -11.23 -29.58
C ILE B 109 8.09 -10.37 -30.79
N MET B 110 8.22 -9.05 -30.66
CA MET B 110 7.85 -8.08 -31.68
C MET B 110 8.72 -6.84 -31.55
N TYR B 111 9.35 -6.41 -32.63
CA TYR B 111 10.16 -5.19 -32.63
C TYR B 111 9.39 -4.09 -33.30
N SER B 112 9.73 -2.85 -32.96
CA SER B 112 9.10 -1.65 -33.47
C SER B 112 9.10 -1.60 -35.00
N TRP B 113 7.96 -1.17 -35.54
CA TRP B 113 7.74 -1.08 -36.97
C TRP B 113 6.74 -0.01 -37.29
N SER B 114 6.91 0.61 -38.46
CA SER B 114 6.06 1.70 -38.88
C SER B 114 5.12 1.25 -39.99
N PRO B 115 3.83 1.65 -39.88
CA PRO B 115 2.85 1.24 -40.90
C PRO B 115 3.06 1.96 -42.22
N LEU B 116 2.83 1.24 -43.30
CA LEU B 116 3.04 1.71 -44.65
C LEU B 116 1.83 1.27 -45.51
N GLN B 117 1.41 2.07 -46.51
CA GLN B 117 0.34 1.69 -47.45
C GLN B 117 0.91 1.45 -48.87
N GLN B 118 2.07 2.03 -49.14
CA GLN B 118 2.87 1.97 -50.37
C GLN B 118 4.33 1.81 -49.92
N ASN B 119 5.21 1.24 -50.76
CA ASN B 119 6.63 1.09 -50.41
C ASN B 119 7.35 2.40 -50.13
N PHE B 120 8.45 2.32 -49.37
CA PHE B 120 9.26 3.46 -48.93
C PHE B 120 10.74 3.24 -49.27
N MET B 121 11.25 3.95 -50.27
CA MET B 121 12.64 3.90 -50.73
C MET B 121 13.63 4.44 -49.69
N VAL B 122 14.71 3.69 -49.41
CA VAL B 122 15.78 4.16 -48.52
C VAL B 122 17.15 3.94 -49.20
N GLU B 123 17.99 4.99 -49.25
CA GLU B 123 19.35 4.92 -49.84
C GLU B 123 20.31 4.23 -48.87
N ASP B 124 21.28 3.47 -49.43
CA ASP B 124 22.34 2.71 -48.73
C ASP B 124 22.96 3.47 -47.53
N ILE B 166 41.09 22.80 -34.56
CA ILE B 166 40.55 23.96 -35.27
C ILE B 166 39.08 23.74 -35.77
N ASN B 167 38.17 24.65 -35.38
CA ASN B 167 36.73 24.64 -35.77
C ASN B 167 36.39 25.92 -36.53
N ASP B 168 35.17 25.99 -37.07
CA ASP B 168 34.68 27.11 -37.88
C ASP B 168 34.53 28.45 -37.12
N GLU B 169 34.32 28.40 -35.79
CA GLU B 169 34.20 29.60 -34.95
C GLU B 169 35.58 30.28 -34.79
N ILE B 170 36.61 29.51 -34.34
CA ILE B 170 37.97 30.02 -34.17
C ILE B 170 38.62 30.33 -35.51
N PHE B 171 38.36 29.51 -36.56
CA PHE B 171 38.92 29.74 -37.89
C PHE B 171 38.62 31.15 -38.37
N VAL B 172 37.36 31.62 -38.22
CA VAL B 172 36.94 32.96 -38.64
C VAL B 172 37.66 34.02 -37.80
N GLU B 173 37.71 33.83 -36.46
CA GLU B 173 38.38 34.71 -35.51
C GLU B 173 39.86 34.87 -35.87
N LEU B 174 40.53 33.74 -36.20
CA LEU B 174 41.95 33.70 -36.57
C LEU B 174 42.17 34.50 -37.86
N VAL B 175 41.35 34.25 -38.91
CA VAL B 175 41.41 34.96 -40.19
C VAL B 175 41.38 36.47 -39.94
N ASN B 176 40.37 36.95 -39.19
CA ASN B 176 40.17 38.37 -38.82
C ASN B 176 41.33 38.94 -38.00
N ALA B 177 41.84 38.18 -37.01
CA ALA B 177 42.96 38.56 -36.15
C ALA B 177 44.20 38.78 -37.02
N LEU B 178 44.46 37.83 -37.94
CA LEU B 178 45.59 37.94 -38.87
C LEU B 178 45.39 39.10 -39.86
N GLY B 179 44.12 39.39 -40.20
CA GLY B 179 43.71 40.51 -41.06
C GLY B 179 43.97 41.86 -40.41
N GLN B 180 43.92 41.93 -39.07
CA GLN B 180 44.21 43.12 -38.28
C GLN B 180 45.73 43.34 -38.19
N LEU B 181 46.50 42.23 -38.22
CA LEU B 181 47.97 42.22 -38.18
C LEU B 181 48.52 42.78 -39.51
N ASP B 182 47.91 42.33 -40.64
CA ASP B 182 48.23 42.73 -42.03
C ASP B 182 47.98 44.22 -42.25
N ARG B 183 46.90 44.74 -41.64
CA ARG B 183 46.44 46.13 -41.66
C ARG B 183 47.45 47.00 -40.87
N ARG B 184 47.79 46.58 -39.63
CA ARG B 184 48.77 47.24 -38.75
C ARG B 184 50.18 47.34 -39.39
N ASP B 185 50.50 46.38 -40.27
CA ASP B 185 51.78 46.27 -40.99
C ASP B 185 52.05 47.46 -41.91
N GLU B 186 50.99 48.04 -42.52
CA GLU B 186 51.11 49.22 -43.40
C GLU B 186 51.48 50.45 -42.55
N LYS B 187 52.80 50.82 -42.58
CA LYS B 187 53.47 51.92 -41.86
C LYS B 187 53.59 51.67 -40.35
N PRO B 207 40.43 39.92 -46.71
CA PRO B 207 41.73 39.60 -46.10
C PRO B 207 42.72 39.05 -47.12
N SER B 208 44.04 39.30 -46.90
CA SER B 208 45.13 38.88 -47.80
C SER B 208 45.18 37.39 -48.10
N ASP B 209 45.73 37.04 -49.27
CA ASP B 209 45.90 35.64 -49.65
C ASP B 209 47.09 35.02 -48.90
N LYS B 210 48.11 35.84 -48.54
CA LYS B 210 49.28 35.40 -47.76
C LYS B 210 48.85 34.81 -46.41
N ILE B 211 47.70 35.29 -45.89
CA ILE B 211 47.06 34.86 -44.64
C ILE B 211 46.47 33.44 -44.77
N PHE B 212 45.65 33.19 -45.83
CA PHE B 212 45.02 31.87 -46.06
C PHE B 212 46.04 30.78 -46.36
N GLU B 213 47.09 31.13 -47.13
CA GLU B 213 48.17 30.20 -47.45
C GLU B 213 49.08 29.98 -46.23
N ALA B 214 49.05 30.89 -45.22
CA ALA B 214 49.82 30.69 -43.98
C ALA B 214 49.06 29.73 -43.05
N ILE B 215 47.71 29.89 -42.91
CA ILE B 215 46.84 29.01 -42.12
C ILE B 215 46.88 27.58 -42.69
N SER B 216 46.88 27.41 -44.05
CA SER B 216 46.98 26.09 -44.70
C SER B 216 48.27 25.35 -44.35
N SER B 217 49.36 26.08 -44.15
CA SER B 217 50.66 25.50 -43.80
C SER B 217 50.65 24.89 -42.40
N MET B 218 49.92 25.53 -41.47
CA MET B 218 49.83 25.13 -40.06
C MET B 218 48.69 24.15 -39.78
N PHE B 219 47.65 24.17 -40.63
CA PHE B 219 46.51 23.25 -40.57
C PHE B 219 46.36 22.62 -41.97
N PRO B 220 47.32 21.76 -42.41
CA PRO B 220 47.22 21.17 -43.78
C PRO B 220 46.03 20.21 -43.99
N ASP B 221 45.48 19.68 -42.88
CA ASP B 221 44.33 18.77 -42.90
C ASP B 221 42.99 19.49 -43.10
N LYS B 222 42.81 20.69 -42.47
CA LYS B 222 41.60 21.52 -42.54
C LYS B 222 41.27 21.98 -44.00
N GLY B 223 42.26 21.93 -44.90
CA GLY B 223 42.08 22.27 -46.30
C GLY B 223 43.29 22.82 -47.03
N THR B 224 43.02 23.61 -48.08
CA THR B 224 44.00 24.29 -48.92
C THR B 224 43.73 25.80 -48.91
N ALA B 225 44.70 26.63 -49.36
CA ALA B 225 44.58 28.10 -49.41
C ALA B 225 43.32 28.59 -50.14
N GLU B 226 42.87 27.84 -51.17
CA GLU B 226 41.66 28.12 -51.95
C GLU B 226 40.44 27.74 -51.12
N GLU B 227 40.42 26.49 -50.60
CA GLU B 227 39.34 25.94 -49.76
C GLU B 227 39.00 26.81 -48.54
N LEU B 228 40.02 27.45 -47.93
CA LEU B 228 39.85 28.33 -46.77
C LEU B 228 39.26 29.68 -47.18
N LYS B 229 39.56 30.16 -48.41
CA LYS B 229 38.97 31.40 -48.94
C LYS B 229 37.47 31.14 -49.13
N GLU B 230 37.11 29.95 -49.69
CA GLU B 230 35.75 29.48 -49.92
C GLU B 230 35.02 29.34 -48.57
N LYS B 231 35.65 28.62 -47.60
CA LYS B 231 35.08 28.38 -46.27
C LYS B 231 34.82 29.68 -45.51
N TYR B 232 35.77 30.62 -45.54
CA TYR B 232 35.67 31.92 -44.86
C TYR B 232 34.54 32.78 -45.41
N LYS B 233 34.39 32.85 -46.75
CA LYS B 233 33.37 33.65 -47.46
C LYS B 233 31.92 33.36 -47.06
N GLU B 234 31.55 32.06 -47.01
CA GLU B 234 30.20 31.63 -46.68
C GLU B 234 29.91 31.98 -45.22
N LEU B 235 30.84 31.60 -44.31
CA LEU B 235 30.78 31.86 -42.87
C LEU B 235 30.69 33.36 -42.55
N THR B 236 31.38 34.21 -43.33
CA THR B 236 31.36 35.67 -43.16
C THR B 236 30.12 36.27 -43.81
N CYS B 248 20.45 28.91 -53.78
CA CYS B 248 19.06 29.32 -53.56
C CYS B 248 18.60 30.48 -54.50
N THR B 249 17.27 30.75 -54.53
CA THR B 249 16.59 31.80 -55.31
C THR B 249 15.45 32.34 -54.41
N PRO B 250 15.29 33.68 -54.20
CA PRO B 250 14.22 34.17 -53.31
C PRO B 250 12.81 33.98 -53.86
N ASN B 251 11.78 33.91 -52.98
CA ASN B 251 10.44 33.67 -53.51
C ASN B 251 9.83 34.88 -54.14
N ILE B 252 9.22 34.61 -55.29
CA ILE B 252 8.47 35.51 -56.15
C ILE B 252 7.34 36.19 -55.34
N ASP B 253 6.91 35.57 -54.22
CA ASP B 253 5.87 36.12 -53.34
C ASP B 253 6.45 36.98 -52.20
N GLY B 254 7.77 36.91 -52.01
CA GLY B 254 8.49 37.64 -50.97
C GLY B 254 8.90 39.06 -51.32
N PRO B 255 9.42 39.84 -50.34
CA PRO B 255 9.83 41.24 -50.63
C PRO B 255 11.18 41.37 -51.36
N ASN B 256 11.99 40.31 -51.30
CA ASN B 256 13.33 40.20 -51.90
C ASN B 256 13.30 39.58 -53.31
N ALA B 257 12.07 39.39 -53.87
CA ALA B 257 11.81 38.80 -55.19
C ALA B 257 12.59 39.44 -56.34
N LYS B 258 13.63 38.72 -56.81
CA LYS B 258 14.53 39.12 -57.90
C LYS B 258 13.99 38.76 -59.30
N SER B 259 14.46 39.48 -60.34
CA SER B 259 14.08 39.23 -61.73
C SER B 259 15.04 38.21 -62.34
N VAL B 260 14.54 36.99 -62.63
CA VAL B 260 15.34 35.87 -63.19
C VAL B 260 14.62 35.19 -64.36
N GLN B 261 15.32 34.23 -65.01
CA GLN B 261 14.88 33.42 -66.16
C GLN B 261 13.63 32.56 -65.85
N ARG B 262 13.14 31.80 -66.87
CA ARG B 262 12.00 30.90 -66.66
C ARG B 262 12.46 29.64 -65.89
N GLU B 263 13.64 29.08 -66.25
CA GLU B 263 14.20 27.89 -65.62
C GLU B 263 14.66 28.12 -64.18
N GLN B 264 15.12 29.33 -63.83
CA GLN B 264 15.58 29.63 -62.46
C GLN B 264 14.42 29.67 -61.43
N SER B 265 13.26 30.21 -61.85
CA SER B 265 12.04 30.32 -61.04
C SER B 265 11.33 28.95 -60.92
N LEU B 266 11.49 28.10 -61.96
CA LEU B 266 10.89 26.76 -62.06
C LEU B 266 11.78 25.60 -61.53
N HIS B 267 13.10 25.80 -61.47
CA HIS B 267 14.11 24.82 -61.06
C HIS B 267 13.73 23.93 -59.85
N SER B 268 13.29 24.52 -58.73
CA SER B 268 12.93 23.72 -57.58
C SER B 268 11.75 22.79 -57.87
N PHE B 269 10.73 23.27 -58.59
CA PHE B 269 9.57 22.49 -58.97
C PHE B 269 9.97 21.42 -59.96
N HIS B 270 10.87 21.75 -60.88
CA HIS B 270 11.31 20.84 -61.94
C HIS B 270 12.16 19.68 -61.43
N THR B 271 13.06 19.94 -60.48
CA THR B 271 13.97 18.91 -59.97
C THR B 271 13.38 18.10 -58.77
N LEU B 272 12.40 18.65 -58.04
CA LEU B 272 11.80 17.96 -56.90
C LEU B 272 10.53 17.16 -57.23
N PHE B 273 9.84 17.50 -58.32
CA PHE B 273 8.61 16.82 -58.71
C PHE B 273 8.82 15.46 -59.37
N CYS B 274 8.06 14.47 -58.87
CA CYS B 274 8.00 13.13 -59.43
C CYS B 274 6.73 13.05 -60.27
N ARG B 275 6.92 12.98 -61.58
CA ARG B 275 5.86 12.88 -62.56
C ARG B 275 5.10 11.55 -62.35
N ARG B 276 5.83 10.47 -61.97
CA ARG B 276 5.31 9.12 -61.75
C ARG B 276 4.29 9.04 -60.61
N CYS B 277 4.47 9.80 -59.52
CA CYS B 277 3.51 9.72 -58.43
C CYS B 277 3.02 11.09 -57.91
N PHE B 278 3.17 12.16 -58.72
CA PHE B 278 2.63 13.52 -58.56
C PHE B 278 2.97 14.19 -57.23
N LYS B 279 4.16 13.87 -56.71
CA LYS B 279 4.62 14.41 -55.44
C LYS B 279 6.03 14.96 -55.57
N TYR B 280 6.34 15.93 -54.69
CA TYR B 280 7.62 16.62 -54.54
C TYR B 280 8.46 15.87 -53.50
N ASP B 281 9.69 15.41 -53.90
CA ASP B 281 10.61 14.68 -53.02
C ASP B 281 9.90 13.41 -52.55
N CYS B 282 9.41 12.64 -53.52
CA CYS B 282 8.65 11.42 -53.30
C CYS B 282 9.51 10.34 -52.65
N PHE B 283 8.85 9.46 -51.87
CA PHE B 283 9.47 8.39 -51.11
C PHE B 283 9.64 7.12 -51.89
N LEU B 284 9.46 7.17 -53.21
CA LEU B 284 9.54 5.98 -54.00
C LEU B 284 10.56 5.98 -55.10
N HIS B 285 10.79 7.13 -55.77
CA HIS B 285 11.66 7.17 -56.93
C HIS B 285 12.97 7.95 -56.68
N PRO B 286 14.12 7.20 -56.73
CA PRO B 286 15.42 7.82 -56.43
C PRO B 286 15.93 8.85 -57.43
N PHE B 287 16.01 8.45 -58.72
CA PHE B 287 16.47 9.28 -59.84
C PHE B 287 15.54 10.43 -60.07
N HIS B 288 16.13 11.57 -60.43
CA HIS B 288 15.37 12.78 -60.76
C HIS B 288 14.81 12.60 -62.18
N ALA B 289 13.69 13.28 -62.48
CA ALA B 289 13.05 13.26 -63.79
C ALA B 289 13.97 13.93 -64.84
N THR B 290 14.17 13.27 -66.01
CA THR B 290 15.01 13.75 -67.12
C THR B 290 14.50 15.11 -67.66
N PRO B 291 15.37 16.04 -68.12
CA PRO B 291 14.87 17.36 -68.58
C PRO B 291 13.78 17.36 -69.64
N ASN B 292 13.68 16.30 -70.49
CA ASN B 292 12.64 16.22 -71.51
C ASN B 292 11.25 15.95 -70.92
N THR B 293 11.18 15.39 -69.69
CA THR B 293 9.92 15.10 -68.99
C THR B 293 9.17 16.39 -68.65
N TYR B 294 9.90 17.49 -68.32
CA TYR B 294 9.27 18.76 -68.00
C TYR B 294 9.27 19.73 -69.20
N LYS B 295 8.82 19.23 -70.37
CA LYS B 295 8.59 19.94 -71.64
C LYS B 295 7.64 19.17 -72.54
N ARG B 296 6.85 19.87 -73.38
CA ARG B 296 5.89 19.22 -74.29
C ARG B 296 6.10 19.56 -75.76
N VAL B 331 6.45 51.56 -68.43
CA VAL B 331 6.68 51.70 -66.98
C VAL B 331 7.75 50.72 -66.46
N GLU B 332 7.87 50.58 -65.12
CA GLU B 332 8.83 49.71 -64.44
C GLU B 332 8.14 48.41 -63.98
N TRP B 333 8.89 47.30 -64.06
CA TRP B 333 8.47 45.95 -63.70
C TRP B 333 9.30 45.47 -62.52
N SER B 334 8.61 44.92 -61.51
CA SER B 334 9.28 44.38 -60.32
C SER B 334 9.92 43.03 -60.63
N GLY B 335 10.81 42.58 -59.75
CA GLY B 335 11.47 41.28 -59.86
C GLY B 335 10.49 40.14 -60.09
N ALA B 336 9.34 40.17 -59.38
CA ALA B 336 8.24 39.20 -59.46
C ALA B 336 7.43 39.28 -60.76
N GLU B 337 7.21 40.50 -61.30
CA GLU B 337 6.48 40.71 -62.56
C GLU B 337 7.32 40.22 -63.74
N ALA B 338 8.62 40.53 -63.70
CA ALA B 338 9.59 40.15 -64.73
C ALA B 338 9.77 38.62 -64.79
N SER B 339 10.15 38.01 -63.65
CA SER B 339 10.34 36.56 -63.47
C SER B 339 9.13 35.78 -63.98
N MET B 340 7.90 36.30 -63.70
CA MET B 340 6.61 35.75 -64.11
C MET B 340 6.36 35.88 -65.62
N PHE B 341 6.75 37.01 -66.25
CA PHE B 341 6.59 37.18 -67.69
C PHE B 341 7.45 36.12 -68.37
N ARG B 342 8.73 36.01 -67.93
CA ARG B 342 9.71 35.05 -68.43
C ARG B 342 9.15 33.62 -68.40
N VAL B 343 8.53 33.23 -67.26
CA VAL B 343 7.90 31.91 -67.05
C VAL B 343 6.70 31.74 -68.00
N LEU B 344 5.77 32.69 -67.97
CA LEU B 344 4.54 32.66 -68.74
C LEU B 344 4.73 32.64 -70.25
N ILE B 345 5.88 33.17 -70.77
CA ILE B 345 6.17 33.19 -72.22
C ILE B 345 6.54 31.77 -72.72
N GLY B 346 7.09 30.95 -71.82
CA GLY B 346 7.44 29.56 -72.09
C GLY B 346 6.24 28.65 -72.27
N THR B 347 5.10 29.04 -71.65
CA THR B 347 3.83 28.30 -71.67
C THR B 347 2.90 28.88 -72.77
N TYR B 348 2.43 30.12 -72.55
CA TYR B 348 1.60 30.90 -73.47
C TYR B 348 2.67 31.59 -74.28
N TYR B 349 2.62 31.52 -75.60
CA TYR B 349 3.74 32.10 -76.32
C TYR B 349 3.48 33.54 -76.73
N ASP B 350 2.63 33.74 -77.76
CA ASP B 350 2.25 35.04 -78.31
C ASP B 350 0.93 35.60 -77.73
N ASN B 351 0.26 34.86 -76.81
CA ASN B 351 -1.02 35.29 -76.21
C ASN B 351 -0.71 36.20 -75.04
N PHE B 352 -0.47 37.50 -75.34
CA PHE B 352 -0.16 38.52 -74.35
C PHE B 352 -1.40 38.93 -73.56
N CYS B 353 -2.60 38.67 -74.14
CA CYS B 353 -3.88 38.95 -73.49
C CYS B 353 -4.00 38.04 -72.22
N ALA B 354 -3.77 36.71 -72.37
CA ALA B 354 -3.82 35.72 -71.29
C ALA B 354 -2.66 35.86 -70.29
N ILE B 355 -1.46 36.32 -70.73
CA ILE B 355 -0.30 36.54 -69.85
C ILE B 355 -0.55 37.76 -68.96
N ALA B 356 -1.24 38.78 -69.52
CA ALA B 356 -1.64 39.99 -68.79
C ALA B 356 -2.66 39.57 -67.72
N ARG B 357 -3.65 38.74 -68.12
CA ARG B 357 -4.71 38.13 -67.30
C ARG B 357 -4.10 37.39 -66.10
N LEU B 358 -2.90 36.81 -66.28
CA LEU B 358 -2.18 36.09 -65.24
C LEU B 358 -1.25 36.97 -64.37
N ILE B 359 -0.55 37.95 -64.95
CA ILE B 359 0.31 38.84 -64.15
C ILE B 359 -0.59 39.81 -63.33
N GLY B 360 -1.80 40.07 -63.84
CA GLY B 360 -2.80 40.93 -63.22
C GLY B 360 -2.43 42.39 -63.31
N THR B 361 -1.38 42.80 -62.52
CA THR B 361 -0.80 44.14 -62.38
C THR B 361 -0.53 44.82 -63.74
N LYS B 362 -0.09 44.04 -64.77
CA LYS B 362 0.19 44.51 -66.12
C LYS B 362 -0.90 44.11 -67.14
N THR B 363 -1.05 44.94 -68.18
CA THR B 363 -2.05 44.82 -69.25
C THR B 363 -1.50 44.27 -70.57
N CYS B 364 -2.43 43.98 -71.50
CA CYS B 364 -2.26 43.47 -72.87
C CYS B 364 -1.11 44.18 -73.61
N ARG B 365 -1.19 45.52 -73.72
CA ARG B 365 -0.20 46.37 -74.37
C ARG B 365 1.11 46.41 -73.60
N GLN B 366 1.06 46.49 -72.25
CA GLN B 366 2.25 46.53 -71.38
C GLN B 366 3.09 45.26 -71.50
N VAL B 367 2.43 44.08 -71.59
CA VAL B 367 3.05 42.75 -71.74
C VAL B 367 3.68 42.64 -73.14
N TYR B 368 2.93 43.06 -74.19
CA TYR B 368 3.36 43.11 -75.60
C TYR B 368 4.63 43.96 -75.72
N GLU B 369 4.65 45.13 -75.05
CA GLU B 369 5.76 46.08 -75.02
C GLU B 369 7.00 45.48 -74.35
N PHE B 370 6.80 44.76 -73.21
CA PHE B 370 7.88 44.12 -72.48
C PHE B 370 8.59 43.05 -73.34
N ARG B 371 7.81 42.35 -74.21
CA ARG B 371 8.34 41.36 -75.16
C ARG B 371 9.35 42.00 -76.14
N VAL B 372 8.97 43.16 -76.75
CA VAL B 372 9.75 43.93 -77.73
C VAL B 372 11.08 44.41 -77.11
N LYS B 373 11.08 44.80 -75.82
CA LYS B 373 12.28 45.24 -75.09
C LYS B 373 13.25 44.06 -74.87
N VAL B 414 14.62 -10.06 -64.50
CA VAL B 414 13.69 -8.95 -64.22
C VAL B 414 14.43 -7.69 -63.72
N TYR B 415 14.45 -6.66 -64.55
CA TYR B 415 15.11 -5.41 -64.19
C TYR B 415 14.10 -4.35 -63.83
N ASN B 416 14.50 -3.44 -62.95
CA ASN B 416 13.66 -2.33 -62.55
C ASN B 416 13.42 -1.42 -63.75
N TYR B 417 12.19 -0.92 -63.90
CA TYR B 417 11.86 -0.01 -64.98
C TYR B 417 12.38 1.41 -64.63
N GLN B 418 12.90 2.12 -65.63
CA GLN B 418 13.36 3.49 -65.51
C GLN B 418 13.00 4.16 -66.85
N PRO B 419 12.31 5.32 -66.82
CA PRO B 419 11.92 5.95 -68.09
C PRO B 419 13.13 6.20 -68.98
N CYS B 420 13.02 5.85 -70.27
CA CYS B 420 14.11 6.09 -71.21
C CYS B 420 13.97 7.47 -71.78
N ASP B 421 15.11 8.09 -72.14
CA ASP B 421 15.21 9.42 -72.73
C ASP B 421 16.48 9.47 -73.55
N HIS B 422 16.34 9.28 -74.86
CA HIS B 422 17.44 9.29 -75.82
C HIS B 422 16.96 10.13 -77.03
N PRO B 423 17.04 11.49 -76.94
CA PRO B 423 16.54 12.33 -78.04
C PRO B 423 16.97 11.94 -79.46
N ARG B 424 16.00 11.93 -80.40
CA ARG B 424 16.19 11.64 -81.84
C ARG B 424 16.76 10.22 -82.14
N GLN B 425 16.67 9.34 -81.15
CA GLN B 425 17.06 7.95 -81.30
C GLN B 425 15.83 7.06 -81.00
N PRO B 426 15.52 6.05 -81.84
CA PRO B 426 14.35 5.20 -81.52
C PRO B 426 14.65 4.17 -80.43
N CYS B 427 13.60 3.54 -79.90
CA CYS B 427 13.80 2.52 -78.87
C CYS B 427 14.21 1.20 -79.51
N ASP B 428 15.53 1.10 -79.81
CA ASP B 428 16.15 -0.06 -80.43
C ASP B 428 17.04 -0.82 -79.43
N ASN B 429 17.94 -1.66 -79.94
CA ASN B 429 18.87 -2.51 -79.19
C ASN B 429 19.74 -1.76 -78.18
N SER B 430 19.89 -0.44 -78.34
CA SER B 430 20.69 0.38 -77.42
C SER B 430 19.83 1.09 -76.37
N CYS B 431 18.48 0.93 -76.48
CA CYS B 431 17.54 1.53 -75.52
C CYS B 431 17.63 0.80 -74.18
N PRO B 432 17.76 1.53 -73.04
CA PRO B 432 17.82 0.84 -71.73
C PRO B 432 16.61 -0.06 -71.47
N CYS B 433 15.37 0.39 -71.87
CA CYS B 433 14.11 -0.36 -71.74
C CYS B 433 14.20 -1.66 -72.54
N VAL B 434 14.62 -1.57 -73.81
CA VAL B 434 14.79 -2.72 -74.71
C VAL B 434 15.86 -3.70 -74.16
N ILE B 435 17.02 -3.17 -73.69
CA ILE B 435 18.10 -3.96 -73.07
C ILE B 435 17.58 -4.72 -71.84
N ALA B 436 16.95 -3.98 -70.87
CA ALA B 436 16.36 -4.49 -69.62
C ALA B 436 15.20 -5.44 -69.87
N GLN B 437 14.87 -5.66 -71.16
CA GLN B 437 13.78 -6.50 -71.63
C GLN B 437 12.45 -6.04 -70.97
N ASN B 438 12.23 -4.74 -70.96
CA ASN B 438 11.07 -4.10 -70.36
C ASN B 438 10.34 -3.29 -71.41
N PHE B 439 9.05 -3.11 -71.23
CA PHE B 439 8.25 -2.27 -72.09
C PHE B 439 8.51 -0.82 -71.78
N CYS B 440 8.24 0.04 -72.75
CA CYS B 440 8.31 1.46 -72.53
C CYS B 440 6.94 1.78 -71.92
N GLU B 441 6.89 2.73 -70.99
CA GLU B 441 5.65 3.13 -70.32
C GLU B 441 5.25 4.55 -70.72
N LYS B 442 4.14 5.06 -70.15
CA LYS B 442 3.66 6.43 -70.38
C LYS B 442 4.71 7.51 -69.99
N PHE B 443 5.66 7.16 -69.09
CA PHE B 443 6.70 8.04 -68.55
C PHE B 443 7.91 8.14 -69.45
N CYS B 444 8.08 7.18 -70.37
CA CYS B 444 9.15 7.21 -71.35
C CYS B 444 9.07 8.48 -72.23
N GLN B 445 10.24 9.01 -72.60
CA GLN B 445 10.36 10.23 -73.39
C GLN B 445 10.52 9.92 -74.89
N CYS B 446 10.32 8.64 -75.27
CA CYS B 446 10.34 8.16 -76.66
C CYS B 446 9.06 8.61 -77.43
N SER B 447 9.00 8.32 -78.74
CA SER B 447 7.86 8.67 -79.60
C SER B 447 6.56 8.04 -79.09
N SER B 448 5.40 8.66 -79.41
CA SER B 448 4.08 8.13 -79.05
C SER B 448 3.83 6.83 -79.82
N GLU B 449 4.52 6.68 -80.96
CA GLU B 449 4.41 5.54 -81.87
C GLU B 449 5.46 4.46 -81.57
N CYS B 450 6.15 4.56 -80.42
CA CYS B 450 7.18 3.61 -80.01
C CYS B 450 6.60 2.19 -79.98
N GLN B 451 7.26 1.29 -80.71
CA GLN B 451 6.83 -0.10 -80.86
C GLN B 451 7.06 -0.93 -79.62
N ASN B 452 7.82 -0.40 -78.64
CA ASN B 452 8.11 -1.08 -77.37
C ASN B 452 7.19 -0.60 -76.24
N ARG B 453 6.33 0.40 -76.51
CA ARG B 453 5.38 0.88 -75.49
C ARG B 453 4.32 -0.20 -75.21
N PHE B 454 3.85 -0.29 -73.94
CA PHE B 454 2.79 -1.25 -73.68
C PHE B 454 1.46 -0.58 -74.07
N PRO B 455 0.63 -1.20 -74.95
CA PRO B 455 -0.59 -0.53 -75.42
C PRO B 455 -1.74 -0.46 -74.42
N GLY B 456 -1.80 -1.43 -73.53
CA GLY B 456 -2.88 -1.59 -72.58
C GLY B 456 -3.84 -2.62 -73.13
N CYS B 457 -5.06 -2.68 -72.58
CA CYS B 457 -6.07 -3.65 -73.01
C CYS B 457 -7.39 -2.99 -73.34
N ARG B 458 -8.09 -3.60 -74.31
CA ARG B 458 -9.37 -3.14 -74.84
C ARG B 458 -10.56 -3.96 -74.27
N CYS B 459 -10.31 -4.65 -73.11
CA CYS B 459 -11.27 -5.47 -72.35
C CYS B 459 -12.46 -4.65 -71.94
N LYS B 460 -13.57 -5.33 -71.66
CA LYS B 460 -14.84 -4.74 -71.24
C LYS B 460 -15.00 -4.76 -69.71
N ALA B 461 -14.30 -5.71 -69.03
CA ALA B 461 -14.29 -5.94 -67.58
C ALA B 461 -13.37 -7.10 -67.27
N GLN B 462 -13.18 -7.43 -65.95
CA GLN B 462 -12.40 -8.58 -65.45
C GLN B 462 -10.88 -8.38 -65.50
N CYS B 463 -10.24 -8.62 -66.69
CA CYS B 463 -8.81 -8.51 -66.89
C CYS B 463 -8.05 -9.50 -65.94
N ASN B 464 -8.68 -10.64 -65.61
CA ASN B 464 -8.13 -11.67 -64.70
C ASN B 464 -7.80 -13.02 -65.39
N THR B 465 -7.68 -13.02 -66.73
CA THR B 465 -7.36 -14.23 -67.51
C THR B 465 -6.28 -13.94 -68.54
N LYS B 466 -5.68 -15.00 -69.14
CA LYS B 466 -4.66 -14.90 -70.20
C LYS B 466 -5.19 -14.17 -71.47
N GLN B 467 -6.52 -13.93 -71.52
CA GLN B 467 -7.19 -13.23 -72.62
C GLN B 467 -6.85 -11.75 -72.56
N CYS B 468 -6.51 -11.25 -71.36
CA CYS B 468 -6.13 -9.85 -71.13
C CYS B 468 -4.62 -9.67 -71.27
N PRO B 469 -4.15 -8.80 -72.22
CA PRO B 469 -2.70 -8.61 -72.40
C PRO B 469 -1.96 -8.08 -71.17
N CYS B 470 -2.64 -7.26 -70.36
CA CYS B 470 -2.14 -6.72 -69.09
C CYS B 470 -1.86 -7.90 -68.14
N TYR B 471 -2.92 -8.68 -67.80
CA TYR B 471 -2.82 -9.87 -66.95
C TYR B 471 -1.77 -10.88 -67.43
N LEU B 472 -1.75 -11.17 -68.73
CA LEU B 472 -0.83 -12.12 -69.35
C LEU B 472 0.65 -11.66 -69.24
N ALA B 473 0.88 -10.32 -69.24
CA ALA B 473 2.21 -9.75 -69.13
C ALA B 473 2.62 -9.56 -67.66
N VAL B 474 1.78 -10.05 -66.73
CA VAL B 474 1.95 -9.97 -65.28
C VAL B 474 2.01 -8.47 -64.85
N ARG B 475 1.09 -7.69 -65.44
CA ARG B 475 0.94 -6.27 -65.21
C ARG B 475 -0.46 -6.00 -64.77
N GLU B 476 -0.63 -5.01 -63.86
CA GLU B 476 -1.95 -4.52 -63.48
C GLU B 476 -2.39 -3.63 -64.65
N CYS B 477 -3.65 -3.23 -64.66
CA CYS B 477 -4.11 -2.36 -65.72
C CYS B 477 -3.68 -0.92 -65.45
N ASP B 478 -3.22 -0.21 -66.49
CA ASP B 478 -2.81 1.18 -66.41
C ASP B 478 -4.07 2.06 -66.50
N PRO B 479 -4.37 2.93 -65.52
CA PRO B 479 -5.58 3.78 -65.66
C PRO B 479 -5.56 4.80 -66.81
N ASP B 480 -4.38 5.10 -67.40
CA ASP B 480 -4.30 6.07 -68.50
C ASP B 480 -4.29 5.37 -69.90
N LEU B 481 -4.19 4.02 -69.93
CA LEU B 481 -4.16 3.25 -71.17
C LEU B 481 -5.36 2.30 -71.33
N CYS B 482 -5.81 1.66 -70.23
CA CYS B 482 -6.93 0.70 -70.16
C CYS B 482 -8.22 1.49 -69.90
N LEU B 483 -8.75 2.08 -71.00
CA LEU B 483 -9.90 3.00 -71.02
C LEU B 483 -11.30 2.35 -71.06
N THR B 484 -11.38 1.04 -71.40
CA THR B 484 -12.66 0.34 -71.53
C THR B 484 -12.96 -0.69 -70.42
N CYS B 485 -11.92 -1.26 -69.75
CA CYS B 485 -12.06 -2.29 -68.71
C CYS B 485 -12.62 -1.81 -67.33
N GLY B 486 -12.42 -0.55 -66.96
CA GLY B 486 -12.89 0.00 -65.68
C GLY B 486 -11.78 0.56 -64.80
N ALA B 487 -10.49 0.26 -65.14
CA ALA B 487 -9.27 0.73 -64.43
C ALA B 487 -9.15 2.26 -64.36
N ALA B 488 -9.71 2.96 -65.36
CA ALA B 488 -9.70 4.41 -65.52
C ALA B 488 -10.82 5.18 -64.82
N ASP B 489 -11.95 4.52 -64.48
CA ASP B 489 -13.13 5.16 -63.87
C ASP B 489 -13.33 4.90 -62.36
N HIS B 490 -14.38 5.49 -61.77
CA HIS B 490 -14.84 5.35 -60.37
C HIS B 490 -13.70 5.27 -59.33
N TRP B 491 -13.07 6.40 -59.08
CA TRP B 491 -11.96 6.54 -58.15
C TRP B 491 -12.38 6.43 -56.67
N ASP B 492 -13.68 6.63 -56.41
CA ASP B 492 -14.29 6.50 -55.08
C ASP B 492 -14.39 5.02 -54.68
N SER B 493 -14.60 4.13 -55.69
CA SER B 493 -14.79 2.69 -55.48
C SER B 493 -13.48 1.86 -55.59
N LYS B 494 -13.45 0.72 -54.86
CA LYS B 494 -12.38 -0.28 -54.86
C LYS B 494 -12.85 -1.50 -55.68
N ASN B 495 -14.21 -1.79 -55.66
CA ASN B 495 -14.87 -2.85 -56.43
C ASN B 495 -15.30 -2.23 -57.76
N VAL B 496 -14.39 -2.33 -58.71
CA VAL B 496 -14.49 -1.77 -60.05
C VAL B 496 -14.61 -2.94 -61.06
N SER B 497 -15.21 -2.66 -62.23
CA SER B 497 -15.43 -3.58 -63.34
C SER B 497 -14.19 -4.44 -63.69
N CYS B 498 -12.97 -3.85 -63.52
CA CYS B 498 -11.63 -4.42 -63.72
C CYS B 498 -11.13 -5.05 -62.41
N LYS B 499 -10.74 -6.34 -62.49
CA LYS B 499 -10.23 -7.11 -61.33
C LYS B 499 -8.68 -7.20 -61.38
N ASN B 500 -8.05 -6.29 -62.13
CA ASN B 500 -6.60 -6.19 -62.32
C ASN B 500 -6.05 -4.80 -61.96
N CYS B 501 -6.57 -4.19 -60.89
CA CYS B 501 -6.11 -2.89 -60.41
C CYS B 501 -6.19 -2.75 -58.87
N SER B 502 -6.11 -3.91 -58.16
CA SER B 502 -6.23 -3.97 -56.68
C SER B 502 -5.04 -3.34 -55.96
N ILE B 503 -3.79 -3.65 -56.42
CA ILE B 503 -2.54 -3.14 -55.82
C ILE B 503 -2.54 -1.61 -55.92
N GLN B 504 -2.73 -1.05 -57.14
CA GLN B 504 -2.72 0.40 -57.36
C GLN B 504 -3.77 1.20 -56.59
N ARG B 505 -4.94 0.60 -56.34
CA ARG B 505 -6.08 1.19 -55.63
C ARG B 505 -6.03 0.90 -54.15
N GLY B 506 -5.26 -0.11 -53.79
CA GLY B 506 -5.08 -0.51 -52.39
C GLY B 506 -6.32 -1.16 -51.79
N SER B 507 -7.05 -1.94 -52.64
CA SER B 507 -8.28 -2.69 -52.33
C SER B 507 -7.94 -3.93 -51.47
N LYS B 508 -7.23 -3.71 -50.36
CA LYS B 508 -6.80 -4.80 -49.48
C LYS B 508 -7.94 -5.33 -48.58
N LYS B 509 -7.82 -6.58 -48.13
CA LYS B 509 -8.76 -7.24 -47.24
C LYS B 509 -8.38 -6.96 -45.78
N HIS B 510 -9.38 -6.99 -44.86
N HIS B 510 -9.37 -7.07 -44.88
CA HIS B 510 -9.10 -6.72 -43.45
CA HIS B 510 -9.19 -6.85 -43.44
C HIS B 510 -8.45 -7.93 -42.81
C HIS B 510 -8.41 -8.01 -42.86
N LEU B 511 -7.33 -7.69 -42.11
CA LEU B 511 -6.49 -8.71 -41.48
C LEU B 511 -6.40 -8.46 -40.00
N LEU B 512 -6.16 -9.53 -39.26
CA LEU B 512 -6.15 -9.57 -37.81
C LEU B 512 -4.90 -10.22 -37.28
N LEU B 513 -4.36 -9.62 -36.23
CA LEU B 513 -3.13 -10.02 -35.57
C LEU B 513 -3.39 -10.88 -34.39
N ALA B 514 -2.69 -12.01 -34.29
CA ALA B 514 -2.74 -12.93 -33.15
C ALA B 514 -1.55 -13.88 -33.21
N PRO B 515 -1.13 -14.45 -32.05
CA PRO B 515 -0.07 -15.49 -32.09
C PRO B 515 -0.42 -16.61 -33.08
N SER B 516 0.55 -17.01 -33.90
CA SER B 516 0.43 -18.04 -34.91
C SER B 516 0.23 -19.43 -34.28
N ASP B 517 -0.39 -20.39 -35.04
CA ASP B 517 -0.55 -21.78 -34.61
C ASP B 517 0.78 -22.56 -34.90
N VAL B 518 1.82 -21.84 -35.37
CA VAL B 518 3.14 -22.41 -35.60
C VAL B 518 4.05 -21.77 -34.55
N ALA B 519 4.57 -20.56 -34.84
CA ALA B 519 5.39 -19.82 -33.90
C ALA B 519 5.27 -18.31 -34.14
N GLY B 520 5.60 -17.53 -33.09
CA GLY B 520 5.59 -16.08 -33.14
C GLY B 520 4.22 -15.53 -33.42
N TRP B 521 4.17 -14.46 -34.20
CA TRP B 521 2.90 -13.85 -34.60
C TRP B 521 2.46 -14.34 -35.98
N GLY B 522 1.17 -14.27 -36.21
CA GLY B 522 0.55 -14.65 -37.47
C GLY B 522 -0.54 -13.69 -37.82
N ILE B 523 -1.00 -13.77 -39.07
CA ILE B 523 -2.04 -12.91 -39.61
C ILE B 523 -3.24 -13.77 -40.05
N PHE B 524 -4.44 -13.32 -39.69
CA PHE B 524 -5.68 -14.05 -39.96
C PHE B 524 -6.64 -13.15 -40.73
N ILE B 525 -7.30 -13.68 -41.77
CA ILE B 525 -8.25 -12.94 -42.59
C ILE B 525 -9.57 -12.76 -41.86
N LYS B 526 -10.15 -11.56 -41.89
CA LYS B 526 -11.40 -11.27 -41.18
C LYS B 526 -12.62 -11.86 -41.88
N ASP B 527 -12.63 -11.83 -43.22
CA ASP B 527 -13.77 -12.31 -44.01
C ASP B 527 -13.34 -13.26 -45.13
N PRO B 528 -14.25 -14.11 -45.66
CA PRO B 528 -13.83 -15.07 -46.68
C PRO B 528 -13.29 -14.45 -47.96
N VAL B 529 -12.41 -15.20 -48.62
CA VAL B 529 -11.77 -14.80 -49.84
C VAL B 529 -11.82 -15.97 -50.81
N GLN B 530 -11.92 -15.70 -52.11
CA GLN B 530 -12.04 -16.70 -53.18
C GLN B 530 -10.69 -17.02 -53.80
N LYS B 531 -10.54 -18.19 -54.43
CA LYS B 531 -9.29 -18.56 -55.10
C LYS B 531 -8.83 -17.43 -56.04
N ASN B 532 -7.53 -17.08 -55.99
CA ASN B 532 -6.88 -16.05 -56.82
C ASN B 532 -7.31 -14.63 -56.49
N GLU B 533 -8.13 -14.42 -55.46
CA GLU B 533 -8.54 -13.09 -55.03
C GLU B 533 -7.38 -12.43 -54.27
N PHE B 534 -7.20 -11.13 -54.50
CA PHE B 534 -6.17 -10.29 -53.89
C PHE B 534 -6.44 -10.08 -52.39
N ILE B 535 -5.40 -10.27 -51.55
CA ILE B 535 -5.52 -10.05 -50.11
C ILE B 535 -4.94 -8.69 -49.73
N SER B 536 -3.63 -8.51 -49.96
CA SER B 536 -2.94 -7.27 -49.65
C SER B 536 -1.68 -7.22 -50.47
N GLU B 537 -1.05 -6.04 -50.49
CA GLU B 537 0.26 -5.83 -51.11
C GLU B 537 1.26 -6.15 -50.01
N TYR B 538 2.39 -6.75 -50.36
CA TYR B 538 3.43 -6.94 -49.36
C TYR B 538 4.35 -5.68 -49.40
N CYS B 539 4.03 -4.69 -48.57
CA CYS B 539 4.76 -3.42 -48.43
C CYS B 539 5.99 -3.49 -47.53
N GLY B 540 6.94 -2.59 -47.81
CA GLY B 540 8.15 -2.43 -47.03
C GLY B 540 9.08 -1.37 -47.55
N GLU B 541 10.30 -1.35 -47.02
CA GLU B 541 11.31 -0.41 -47.46
C GLU B 541 11.95 -0.94 -48.75
N ILE B 542 12.18 -0.06 -49.73
CA ILE B 542 12.86 -0.46 -50.97
C ILE B 542 14.34 -0.10 -50.72
N ILE B 543 15.15 -1.15 -50.70
CA ILE B 543 16.58 -1.08 -50.45
C ILE B 543 17.28 -1.78 -51.63
N SER B 544 18.53 -1.37 -51.89
CA SER B 544 19.40 -1.93 -52.92
C SER B 544 19.84 -3.32 -52.51
N GLN B 545 20.37 -4.12 -53.46
CA GLN B 545 20.88 -5.46 -53.18
C GLN B 545 22.00 -5.48 -52.14
N ASP B 546 22.88 -4.46 -52.19
CA ASP B 546 24.01 -4.26 -51.27
C ASP B 546 23.51 -4.00 -49.86
N GLU B 547 22.53 -3.07 -49.72
CA GLU B 547 21.90 -2.74 -48.44
C GLU B 547 21.22 -4.00 -47.87
N ALA B 548 20.60 -4.82 -48.71
CA ALA B 548 20.00 -6.05 -48.25
C ALA B 548 21.07 -7.04 -47.76
N ASP B 549 22.25 -7.10 -48.43
CA ASP B 549 23.37 -7.97 -48.03
C ASP B 549 23.94 -7.53 -46.69
N ARG B 550 24.07 -6.21 -46.49
CA ARG B 550 24.52 -5.57 -45.25
C ARG B 550 23.53 -5.91 -44.13
N ARG B 551 22.23 -5.60 -44.33
CA ARG B 551 21.12 -5.85 -43.41
C ARG B 551 20.95 -7.32 -43.04
N GLY B 552 21.12 -8.22 -44.02
CA GLY B 552 21.04 -9.67 -43.83
C GLY B 552 22.00 -10.24 -42.81
N LYS B 553 23.20 -9.63 -42.67
CA LYS B 553 24.21 -10.04 -41.70
C LYS B 553 23.66 -9.97 -40.27
N VAL B 554 22.96 -8.87 -39.95
CA VAL B 554 22.28 -8.62 -38.65
C VAL B 554 21.10 -9.58 -38.49
N TYR B 555 20.29 -9.72 -39.55
CA TYR B 555 19.08 -10.54 -39.54
C TYR B 555 19.34 -11.99 -39.18
N ASP B 556 20.43 -12.57 -39.71
CA ASP B 556 20.81 -13.96 -39.45
C ASP B 556 21.10 -14.23 -37.97
N LYS B 557 21.66 -13.22 -37.25
CA LYS B 557 21.88 -13.28 -35.81
C LYS B 557 20.55 -13.53 -35.08
N TYR B 558 19.41 -13.01 -35.64
CA TYR B 558 18.08 -13.12 -35.07
C TYR B 558 17.21 -14.22 -35.63
N MET B 559 17.70 -14.90 -36.67
CA MET B 559 16.97 -15.98 -37.36
C MET B 559 15.66 -15.48 -37.99
N CYS B 560 15.62 -14.17 -38.29
CA CYS B 560 14.50 -13.51 -38.93
C CYS B 560 14.89 -13.17 -40.39
N SER B 561 13.95 -13.30 -41.34
CA SER B 561 14.21 -12.97 -42.74
C SER B 561 12.93 -12.45 -43.39
N PHE B 562 12.70 -11.13 -43.27
CA PHE B 562 11.53 -10.43 -43.80
C PHE B 562 11.83 -9.54 -45.00
N LEU B 563 12.88 -9.89 -45.76
CA LEU B 563 13.23 -9.20 -46.99
C LEU B 563 12.99 -10.09 -48.19
N PHE B 564 12.42 -9.50 -49.27
CA PHE B 564 12.06 -10.25 -50.47
C PHE B 564 12.48 -9.56 -51.74
N ASN B 565 13.07 -10.30 -52.68
CA ASN B 565 13.51 -9.76 -53.95
C ASN B 565 12.37 -9.18 -54.72
N LEU B 566 12.51 -7.93 -55.17
CA LEU B 566 11.48 -7.25 -55.97
C LEU B 566 11.77 -7.41 -57.46
N ASN B 567 13.03 -7.17 -57.83
CA ASN B 567 13.62 -7.34 -59.14
C ASN B 567 15.13 -7.48 -58.93
N ASN B 568 15.94 -7.47 -60.01
CA ASN B 568 17.39 -7.62 -59.94
C ASN B 568 18.08 -6.50 -59.14
N ASP B 569 17.51 -5.30 -59.11
CA ASP B 569 18.09 -4.12 -58.47
C ASP B 569 17.62 -3.83 -57.03
N PHE B 570 16.38 -4.19 -56.67
CA PHE B 570 15.80 -3.87 -55.37
C PHE B 570 15.18 -5.00 -54.59
N VAL B 571 15.19 -4.83 -53.26
CA VAL B 571 14.60 -5.72 -52.29
C VAL B 571 13.63 -4.88 -51.46
N VAL B 572 12.46 -5.46 -51.15
CA VAL B 572 11.46 -4.87 -50.27
C VAL B 572 11.66 -5.57 -48.92
N ASP B 573 11.89 -4.74 -47.87
CA ASP B 573 12.19 -5.22 -46.53
C ASP B 573 11.13 -4.70 -45.57
N ALA B 574 10.32 -5.62 -45.05
CA ALA B 574 9.24 -5.31 -44.15
C ALA B 574 9.64 -5.25 -42.65
N THR B 575 10.95 -5.41 -42.31
CA THR B 575 11.49 -5.42 -40.93
C THR B 575 11.23 -4.13 -40.13
N ARG B 576 11.62 -2.97 -40.67
CA ARG B 576 11.48 -1.63 -40.08
C ARG B 576 10.09 -1.03 -40.39
N LYS B 577 9.69 -1.05 -41.66
CA LYS B 577 8.42 -0.53 -42.13
C LYS B 577 7.73 -1.60 -42.93
N GLY B 578 6.40 -1.66 -42.83
CA GLY B 578 5.58 -2.59 -43.60
C GLY B 578 4.12 -2.48 -43.26
N ASN B 579 3.31 -3.41 -43.79
CA ASN B 579 1.88 -3.51 -43.51
C ASN B 579 1.57 -4.88 -42.83
N LYS B 580 0.33 -5.08 -42.33
CA LYS B 580 -0.07 -6.27 -41.59
C LYS B 580 0.32 -7.60 -42.21
N ILE B 581 0.29 -7.73 -43.56
CA ILE B 581 0.64 -8.95 -44.30
C ILE B 581 2.11 -9.44 -44.02
N ARG B 582 2.96 -8.61 -43.40
CA ARG B 582 4.32 -8.96 -42.99
C ARG B 582 4.29 -10.13 -41.98
N PHE B 583 3.13 -10.33 -41.32
CA PHE B 583 2.86 -11.33 -40.31
C PHE B 583 2.38 -12.68 -40.86
N ALA B 584 2.27 -12.80 -42.20
CA ALA B 584 1.89 -14.04 -42.84
C ALA B 584 3.12 -14.89 -42.79
N ASN B 585 3.04 -16.06 -42.14
CA ASN B 585 4.17 -16.94 -41.96
C ASN B 585 4.50 -17.73 -43.21
N HIS B 586 5.70 -18.32 -43.26
CA HIS B 586 6.17 -19.15 -44.36
C HIS B 586 5.60 -20.54 -44.21
N SER B 587 5.34 -21.20 -45.35
CA SER B 587 4.88 -22.58 -45.43
C SER B 587 5.16 -23.09 -46.81
N VAL B 588 5.59 -24.36 -46.92
CA VAL B 588 5.80 -25.04 -48.21
C VAL B 588 4.46 -25.62 -48.69
N ASN B 589 3.44 -25.55 -47.81
CA ASN B 589 2.03 -25.92 -48.04
C ASN B 589 1.14 -24.68 -47.78
N PRO B 590 1.36 -23.56 -48.55
CA PRO B 590 0.59 -22.35 -48.28
C PRO B 590 -0.87 -22.38 -48.74
N ASN B 591 -1.61 -21.33 -48.35
CA ASN B 591 -2.98 -21.06 -48.79
C ASN B 591 -3.03 -19.71 -49.56
N CYS B 592 -1.88 -19.04 -49.64
CA CYS B 592 -1.60 -17.75 -50.28
C CYS B 592 -0.38 -17.87 -51.17
N TYR B 593 -0.29 -17.02 -52.17
CA TYR B 593 0.91 -16.92 -52.99
C TYR B 593 1.21 -15.43 -53.25
N ALA B 594 2.48 -15.15 -53.57
CA ALA B 594 2.98 -13.80 -53.87
C ALA B 594 3.23 -13.67 -55.34
N LYS B 595 2.79 -12.55 -55.89
CA LYS B 595 3.01 -12.27 -57.30
C LYS B 595 3.61 -10.86 -57.46
N VAL B 596 4.84 -10.78 -58.01
CA VAL B 596 5.41 -9.47 -58.30
C VAL B 596 4.78 -9.04 -59.61
N MET B 597 4.15 -7.87 -59.60
CA MET B 597 3.50 -7.34 -60.78
C MET B 597 4.10 -6.00 -61.14
N MET B 598 4.00 -5.61 -62.43
CA MET B 598 4.40 -4.30 -62.87
C MET B 598 3.14 -3.45 -62.73
N VAL B 599 3.15 -2.49 -61.82
CA VAL B 599 2.01 -1.65 -61.46
C VAL B 599 2.40 -0.21 -61.73
N ASN B 600 2.00 0.31 -62.90
CA ASN B 600 2.23 1.67 -63.38
C ASN B 600 3.72 2.09 -63.23
N GLY B 601 4.59 1.26 -63.79
CA GLY B 601 6.04 1.46 -63.79
C GLY B 601 6.77 1.03 -62.54
N ASP B 602 6.07 0.46 -61.56
CA ASP B 602 6.66 0.01 -60.29
C ASP B 602 6.44 -1.46 -60.11
N HIS B 603 7.44 -2.18 -59.60
CA HIS B 603 7.28 -3.59 -59.27
C HIS B 603 6.70 -3.60 -57.86
N ARG B 604 5.57 -4.31 -57.68
CA ARG B 604 4.86 -4.39 -56.41
C ARG B 604 4.48 -5.84 -56.17
N ILE B 605 4.57 -6.31 -54.91
CA ILE B 605 4.26 -7.70 -54.54
C ILE B 605 2.83 -7.77 -54.10
N GLY B 606 2.03 -8.58 -54.80
CA GLY B 606 0.65 -8.82 -54.42
C GLY B 606 0.55 -10.15 -53.72
N ILE B 607 -0.24 -10.24 -52.66
CA ILE B 607 -0.51 -11.50 -51.96
C ILE B 607 -1.95 -11.96 -52.30
N PHE B 608 -2.05 -13.07 -53.00
CA PHE B 608 -3.33 -13.61 -53.46
C PHE B 608 -3.66 -14.93 -52.77
N ALA B 609 -4.95 -15.24 -52.65
CA ALA B 609 -5.41 -16.54 -52.10
C ALA B 609 -5.11 -17.64 -53.12
N LYS B 610 -4.51 -18.76 -52.68
CA LYS B 610 -4.13 -19.90 -53.53
C LYS B 610 -5.34 -20.83 -53.76
N ARG B 611 -6.33 -20.71 -52.87
CA ARG B 611 -7.59 -21.45 -52.82
C ARG B 611 -8.56 -20.59 -52.02
N ALA B 612 -9.87 -20.91 -52.01
CA ALA B 612 -10.82 -20.16 -51.18
C ALA B 612 -10.39 -20.25 -49.70
N ILE B 613 -10.62 -19.18 -48.92
CA ILE B 613 -10.18 -19.08 -47.53
C ILE B 613 -11.35 -18.62 -46.70
N GLN B 614 -11.53 -19.24 -45.51
CA GLN B 614 -12.61 -18.98 -44.57
C GLN B 614 -12.31 -17.90 -43.53
N THR B 615 -13.38 -17.38 -42.87
CA THR B 615 -13.29 -16.40 -41.79
C THR B 615 -12.37 -16.94 -40.68
N GLY B 616 -11.36 -16.15 -40.31
CA GLY B 616 -10.43 -16.49 -39.24
C GLY B 616 -9.28 -17.42 -39.57
N GLU B 617 -9.11 -17.82 -40.86
CA GLU B 617 -8.02 -18.71 -41.26
C GLU B 617 -6.67 -17.94 -41.29
N GLU B 618 -5.60 -18.62 -40.83
CA GLU B 618 -4.25 -18.05 -40.81
C GLU B 618 -3.70 -17.99 -42.20
N LEU B 619 -2.90 -16.93 -42.51
CA LEU B 619 -2.31 -16.77 -43.83
C LEU B 619 -0.86 -17.19 -43.82
N PHE B 620 -0.49 -17.90 -44.88
CA PHE B 620 0.86 -18.42 -45.12
C PHE B 620 1.16 -18.35 -46.60
N PHE B 621 2.38 -18.00 -46.93
CA PHE B 621 2.84 -18.06 -48.33
C PHE B 621 4.22 -18.69 -48.35
N ASP B 622 4.61 -19.28 -49.49
CA ASP B 622 5.92 -19.94 -49.63
C ASP B 622 6.99 -18.85 -49.91
N TYR B 623 7.78 -18.54 -48.87
CA TYR B 623 8.83 -17.52 -48.91
C TYR B 623 9.88 -17.77 -49.96
N ARG B 624 10.21 -19.06 -50.22
CA ARG B 624 11.27 -19.51 -51.13
C ARG B 624 11.14 -18.98 -52.55
N TYR B 625 9.90 -18.84 -53.03
CA TYR B 625 9.64 -18.36 -54.38
C TYR B 625 10.05 -16.91 -54.54
N SER B 626 9.85 -16.11 -53.47
CA SER B 626 10.25 -14.71 -53.44
C SER B 626 11.75 -14.57 -53.22
N GLN B 627 12.40 -15.54 -52.54
CA GLN B 627 13.84 -15.54 -52.28
C GLN B 627 14.64 -16.03 -53.50
N ALA B 628 14.08 -17.01 -54.23
CA ALA B 628 14.70 -17.63 -55.41
C ALA B 628 14.80 -16.74 -56.63
N ASP B 629 15.76 -15.83 -56.65
CA ASP B 629 15.99 -14.97 -57.82
C ASP B 629 17.48 -14.81 -58.06
N ALA B 630 17.99 -15.61 -59.02
CA ALA B 630 19.38 -15.71 -59.48
C ALA B 630 19.48 -15.55 -61.02
N SER C 2 9.07 -0.35 75.04
CA SER C 2 8.19 -0.72 73.95
C SER C 2 7.33 -1.98 74.29
N PHE C 3 7.83 -3.22 74.03
CA PHE C 3 7.08 -4.45 74.29
C PHE C 3 7.82 -5.53 75.08
N LYS C 4 7.10 -6.19 76.00
CA LYS C 4 7.67 -7.30 76.77
C LYS C 4 6.88 -8.58 76.48
N CYS C 5 7.59 -9.70 76.19
CA CYS C 5 6.91 -10.98 76.02
C CYS C 5 6.51 -11.40 77.39
N VAL C 6 5.21 -11.45 77.58
CA VAL C 6 4.59 -11.64 78.86
C VAL C 6 3.88 -13.03 79.01
N ASN C 7 3.66 -13.76 77.88
CA ASN C 7 3.07 -15.12 77.86
C ASN C 7 3.20 -15.82 76.50
N SER C 8 3.29 -17.15 76.54
CA SER C 8 3.32 -18.04 75.39
C SER C 8 2.38 -19.18 75.69
N LEU C 9 1.48 -19.49 74.75
CA LEU C 9 0.46 -20.55 74.86
C LEU C 9 0.63 -21.56 73.74
N LYS C 10 0.19 -22.81 73.97
CA LYS C 10 0.27 -23.88 72.98
C LYS C 10 -1.05 -24.66 72.87
N GLU C 11 -1.63 -24.65 71.67
CA GLU C 11 -2.88 -25.37 71.39
C GLU C 11 -2.58 -26.85 71.18
N ASP C 12 -3.52 -27.72 71.61
CA ASP C 12 -3.30 -29.16 71.60
C ASP C 12 -3.22 -29.85 70.21
N HIS C 13 -3.78 -29.26 69.14
CA HIS C 13 -3.80 -29.85 67.78
C HIS C 13 -2.43 -29.87 67.06
N ASN C 14 -1.49 -29.01 67.48
CA ASN C 14 -0.12 -28.92 66.93
C ASN C 14 -0.04 -28.56 65.41
N GLN C 15 -1.12 -27.95 64.90
CA GLN C 15 -1.21 -27.52 63.51
C GLN C 15 -0.94 -25.99 63.43
N PRO C 16 -0.55 -25.43 62.24
CA PRO C 16 -0.33 -23.98 62.19
C PRO C 16 -1.59 -23.21 62.57
N LEU C 17 -1.40 -22.08 63.27
CA LEU C 17 -2.45 -21.13 63.62
C LEU C 17 -2.36 -20.08 62.52
N PHE C 18 -3.38 -19.96 61.65
CA PHE C 18 -3.29 -19.04 60.51
C PHE C 18 -3.85 -17.70 60.80
N GLY C 19 -4.79 -17.61 61.72
CA GLY C 19 -5.40 -16.34 62.05
C GLY C 19 -5.51 -16.01 63.53
N VAL C 20 -5.40 -14.69 63.81
CA VAL C 20 -5.61 -14.01 65.09
C VAL C 20 -6.33 -12.76 64.79
N GLN C 21 -7.35 -12.45 65.61
CA GLN C 21 -8.10 -11.22 65.56
C GLN C 21 -8.55 -10.87 66.95
N PHE C 22 -8.24 -9.64 67.39
CA PHE C 22 -8.74 -9.12 68.65
C PHE C 22 -10.15 -8.61 68.33
N ASN C 23 -11.04 -8.69 69.32
CA ASN C 23 -12.39 -8.19 69.16
C ASN C 23 -12.29 -6.71 69.49
N TRP C 24 -12.40 -5.86 68.46
CA TRP C 24 -12.36 -4.40 68.61
C TRP C 24 -13.74 -3.76 68.94
N HIS C 25 -14.80 -4.59 69.02
CA HIS C 25 -16.16 -4.13 69.35
C HIS C 25 -16.41 -4.15 70.86
N SER C 26 -15.53 -4.86 71.58
CA SER C 26 -15.50 -5.00 73.04
C SER C 26 -15.60 -3.61 73.71
N LYS C 27 -16.54 -3.45 74.68
CA LYS C 27 -16.78 -2.22 75.43
C LYS C 27 -15.55 -1.74 76.17
N GLU C 28 -15.48 -0.42 76.39
CA GLU C 28 -14.44 0.24 77.18
C GLU C 28 -14.64 -0.30 78.62
N GLY C 29 -13.59 -0.90 79.16
CA GLY C 29 -13.67 -1.50 80.49
C GLY C 29 -13.87 -3.01 80.48
N ASP C 30 -14.37 -3.59 79.35
CA ASP C 30 -14.53 -5.04 79.26
C ASP C 30 -13.15 -5.67 79.00
N PRO C 31 -12.91 -6.91 79.45
CA PRO C 31 -11.59 -7.52 79.15
C PRO C 31 -11.33 -7.72 77.66
N LEU C 32 -10.05 -7.62 77.27
CA LEU C 32 -9.60 -7.72 75.88
C LEU C 32 -9.59 -9.16 75.44
N VAL C 33 -10.47 -9.47 74.46
CA VAL C 33 -10.71 -10.79 73.90
C VAL C 33 -10.15 -10.95 72.46
N PHE C 34 -9.56 -12.12 72.16
CA PHE C 34 -9.08 -12.41 70.82
C PHE C 34 -9.46 -13.83 70.40
N ALA C 35 -9.64 -14.03 69.10
CA ALA C 35 -9.97 -15.34 68.53
C ALA C 35 -8.75 -15.90 67.80
N THR C 36 -8.69 -17.22 67.66
CA THR C 36 -7.58 -17.94 67.03
C THR C 36 -8.14 -18.98 66.06
N VAL C 37 -7.57 -19.10 64.85
CA VAL C 37 -8.03 -20.12 63.87
C VAL C 37 -6.85 -20.92 63.34
N GLY C 38 -7.00 -22.21 63.38
CA GLY C 38 -5.99 -23.17 62.94
C GLY C 38 -6.60 -24.53 63.06
N SER C 39 -6.05 -25.52 62.31
CA SER C 39 -6.61 -26.89 62.22
C SER C 39 -8.09 -26.70 61.82
N ASN C 40 -9.02 -27.48 62.38
CA ASN C 40 -10.45 -27.26 62.14
C ASN C 40 -11.01 -26.64 63.43
N ARG C 41 -10.21 -25.78 64.06
CA ARG C 41 -10.58 -25.19 65.35
C ARG C 41 -10.63 -23.66 65.36
N VAL C 42 -11.51 -23.14 66.24
CA VAL C 42 -11.74 -21.73 66.55
C VAL C 42 -11.66 -21.63 68.08
N THR C 43 -10.68 -20.87 68.59
CA THR C 43 -10.46 -20.72 70.03
C THR C 43 -10.55 -19.25 70.45
N LEU C 44 -11.21 -18.99 71.56
CA LEU C 44 -11.42 -17.64 72.11
C LEU C 44 -10.65 -17.48 73.40
N TYR C 45 -10.06 -16.30 73.60
CA TYR C 45 -9.23 -16.00 74.76
C TYR C 45 -9.55 -14.63 75.34
N GLU C 46 -9.24 -14.47 76.65
CA GLU C 46 -9.42 -13.25 77.42
C GLU C 46 -8.08 -12.88 78.07
N CYS C 47 -7.66 -11.62 77.88
CA CYS C 47 -6.41 -11.11 78.40
C CYS C 47 -6.60 -10.51 79.77
N HIS C 48 -5.67 -10.83 80.65
CA HIS C 48 -5.65 -10.38 82.02
C HIS C 48 -4.27 -9.90 82.40
N SER C 49 -4.17 -9.21 83.54
CA SER C 49 -2.92 -8.64 84.09
C SER C 49 -1.87 -9.71 84.32
N GLN C 50 -0.59 -9.29 84.38
CA GLN C 50 0.57 -10.15 84.60
C GLN C 50 0.63 -11.30 83.60
N GLY C 51 0.40 -10.97 82.32
CA GLY C 51 0.47 -11.89 81.20
C GLY C 51 -0.56 -13.00 81.10
N GLU C 52 -1.49 -13.10 82.09
CA GLU C 52 -2.50 -14.15 82.13
C GLU C 52 -3.47 -14.14 80.93
N ILE C 53 -3.47 -15.25 80.17
CA ILE C 53 -4.40 -15.44 79.04
C ILE C 53 -5.37 -16.55 79.47
N ARG C 54 -6.64 -16.22 79.59
CA ARG C 54 -7.67 -17.15 80.02
C ARG C 54 -8.38 -17.78 78.80
N LEU C 55 -8.29 -19.11 78.66
CA LEU C 55 -8.94 -19.89 77.61
C LEU C 55 -10.47 -19.90 77.87
N LEU C 56 -11.27 -19.18 77.02
CA LEU C 56 -12.73 -19.07 77.18
C LEU C 56 -13.54 -20.11 76.42
N GLN C 57 -13.47 -20.12 75.08
CA GLN C 57 -14.27 -21.03 74.25
C GLN C 57 -13.45 -21.69 73.17
N SER C 58 -13.86 -22.89 72.75
CA SER C 58 -13.25 -23.57 71.64
C SER C 58 -14.24 -24.42 70.90
N TYR C 59 -14.20 -24.31 69.56
CA TYR C 59 -15.09 -24.95 68.61
C TYR C 59 -14.31 -25.84 67.68
N VAL C 60 -14.95 -26.89 67.18
CA VAL C 60 -14.31 -27.83 66.25
C VAL C 60 -15.28 -28.19 65.12
N ASP C 61 -14.84 -28.08 63.87
CA ASP C 61 -15.72 -28.45 62.78
C ASP C 61 -15.95 -29.99 62.85
N ALA C 62 -17.21 -30.44 62.61
CA ALA C 62 -17.58 -31.86 62.58
C ALA C 62 -16.74 -32.59 61.49
N ASP C 63 -16.33 -31.82 60.45
CA ASP C 63 -15.48 -32.31 59.37
C ASP C 63 -14.04 -32.22 59.81
N ALA C 64 -13.33 -33.36 59.78
CA ALA C 64 -11.92 -33.43 60.16
C ALA C 64 -11.06 -32.81 59.07
N ASP C 65 -11.55 -32.76 57.83
CA ASP C 65 -10.80 -32.23 56.68
C ASP C 65 -10.89 -30.68 56.51
N GLU C 66 -11.62 -29.99 57.40
CA GLU C 66 -11.70 -28.55 57.38
C GLU C 66 -10.38 -27.99 57.93
N ASN C 67 -10.00 -26.83 57.40
CA ASN C 67 -8.84 -26.14 57.89
C ASN C 67 -9.17 -24.67 57.82
N PHE C 68 -9.42 -24.04 58.97
CA PHE C 68 -9.70 -22.61 59.06
C PHE C 68 -8.43 -21.80 58.86
N TYR C 69 -8.54 -20.75 58.04
CA TYR C 69 -7.43 -19.87 57.68
C TYR C 69 -7.61 -18.48 58.20
N THR C 70 -8.86 -18.04 58.29
CA THR C 70 -9.21 -16.67 58.64
C THR C 70 -10.42 -16.57 59.59
N CYS C 71 -10.56 -15.41 60.23
CA CYS C 71 -11.67 -15.05 61.09
C CYS C 71 -11.82 -13.56 61.14
N ALA C 72 -13.03 -13.09 61.46
CA ALA C 72 -13.34 -11.66 61.59
C ALA C 72 -14.50 -11.49 62.54
N TRP C 73 -14.42 -10.45 63.36
CA TRP C 73 -15.42 -10.12 64.38
C TRP C 73 -16.36 -9.09 63.84
N THR C 74 -17.64 -9.25 64.18
CA THR C 74 -18.71 -8.29 63.95
C THR C 74 -19.62 -8.25 65.18
N TYR C 75 -20.78 -7.61 65.04
CA TYR C 75 -21.78 -7.57 66.08
C TYR C 75 -23.17 -7.65 65.43
N ASP C 76 -24.18 -8.15 66.16
CA ASP C 76 -25.58 -8.14 65.72
C ASP C 76 -26.12 -6.78 66.15
N SER C 77 -26.64 -5.98 65.19
CA SER C 77 -27.15 -4.61 65.42
C SER C 77 -28.22 -4.56 66.53
N ASN C 78 -29.17 -5.52 66.51
CA ASN C 78 -30.27 -5.64 67.46
C ASN C 78 -29.80 -6.15 68.82
N THR C 79 -29.49 -7.47 68.91
CA THR C 79 -29.09 -8.19 70.12
C THR C 79 -27.87 -7.61 70.87
N SER C 80 -27.00 -6.85 70.17
CA SER C 80 -25.73 -6.29 70.67
C SER C 80 -24.74 -7.41 71.09
N HIS C 81 -24.81 -8.58 70.43
CA HIS C 81 -23.93 -9.71 70.66
C HIS C 81 -22.73 -9.67 69.72
N PRO C 82 -21.51 -10.02 70.17
CA PRO C 82 -20.41 -10.13 69.20
C PRO C 82 -20.63 -11.40 68.37
N LEU C 83 -20.17 -11.36 67.12
CA LEU C 83 -20.26 -12.49 66.21
C LEU C 83 -18.89 -12.68 65.61
N LEU C 84 -18.54 -13.92 65.37
CA LEU C 84 -17.27 -14.24 64.78
C LEU C 84 -17.48 -15.11 63.57
N ALA C 85 -17.05 -14.61 62.40
CA ALA C 85 -17.05 -15.33 61.13
C ALA C 85 -15.69 -16.02 60.97
N VAL C 86 -15.72 -17.26 60.53
CA VAL C 86 -14.53 -18.09 60.28
C VAL C 86 -14.71 -18.77 58.93
N ALA C 87 -13.61 -19.13 58.26
CA ALA C 87 -13.60 -19.83 56.98
C ALA C 87 -12.18 -20.31 56.68
N GLY C 88 -12.07 -21.31 55.83
CA GLY C 88 -10.79 -21.87 55.44
C GLY C 88 -10.84 -22.63 54.13
N SER C 89 -10.18 -23.78 54.11
CA SER C 89 -9.99 -24.66 52.95
C SER C 89 -11.24 -25.18 52.27
N ARG C 90 -12.32 -25.44 53.02
CA ARG C 90 -13.58 -25.99 52.45
C ARG C 90 -14.46 -24.95 51.70
N GLY C 91 -14.13 -23.68 51.82
CA GLY C 91 -14.87 -22.62 51.13
C GLY C 91 -16.19 -22.24 51.77
N ILE C 92 -16.37 -22.63 53.04
CA ILE C 92 -17.58 -22.37 53.82
C ILE C 92 -17.33 -21.29 54.85
N ILE C 93 -18.22 -20.28 54.90
CA ILE C 93 -18.22 -19.22 55.89
C ILE C 93 -19.15 -19.69 57.01
N ARG C 94 -18.69 -19.60 58.26
CA ARG C 94 -19.47 -19.91 59.45
C ARG C 94 -19.55 -18.67 60.31
N ILE C 95 -20.77 -18.29 60.75
CA ILE C 95 -20.97 -17.17 61.66
C ILE C 95 -21.26 -17.75 63.04
N ILE C 96 -20.29 -17.70 63.96
CA ILE C 96 -20.45 -18.19 65.33
C ILE C 96 -20.96 -17.08 66.27
N ASN C 97 -21.85 -17.44 67.21
CA ASN C 97 -22.33 -16.53 68.25
C ASN C 97 -21.69 -17.01 69.56
N PRO C 98 -20.65 -16.31 70.07
CA PRO C 98 -20.00 -16.77 71.32
C PRO C 98 -20.87 -16.60 72.59
N ILE C 99 -21.97 -15.80 72.52
CA ILE C 99 -22.90 -15.59 73.64
C ILE C 99 -23.82 -16.82 73.78
N THR C 100 -24.28 -17.35 72.63
CA THR C 100 -25.19 -18.48 72.52
C THR C 100 -24.46 -19.80 72.36
N MET C 101 -23.15 -19.74 72.02
CA MET C 101 -22.26 -20.88 71.81
C MET C 101 -22.75 -21.79 70.69
N GLN C 102 -23.21 -21.18 69.57
CA GLN C 102 -23.71 -21.91 68.40
C GLN C 102 -23.31 -21.31 67.05
N CYS C 103 -23.36 -22.13 65.98
CA CYS C 103 -23.15 -21.68 64.61
C CYS C 103 -24.52 -21.09 64.20
N ILE C 104 -24.58 -19.76 64.11
CA ILE C 104 -25.84 -19.06 63.87
C ILE C 104 -26.20 -18.93 62.37
N LYS C 105 -25.20 -19.06 61.44
CA LYS C 105 -25.34 -18.96 59.97
C LYS C 105 -24.16 -19.64 59.27
N HIS C 106 -24.31 -19.99 57.98
CA HIS C 106 -23.26 -20.52 57.14
C HIS C 106 -23.51 -20.28 55.62
N TYR C 107 -22.46 -19.94 54.88
CA TYR C 107 -22.52 -19.66 53.45
C TYR C 107 -21.57 -20.56 52.66
N VAL C 108 -22.17 -21.30 51.73
CA VAL C 108 -21.51 -22.16 50.79
C VAL C 108 -21.80 -21.42 49.47
N GLY C 109 -20.84 -21.39 48.57
CA GLY C 109 -21.00 -20.65 47.33
C GLY C 109 -19.67 -20.41 46.64
N HIS C 110 -18.59 -20.16 47.44
CA HIS C 110 -17.25 -20.04 46.85
C HIS C 110 -16.89 -21.39 46.30
N GLY C 111 -16.31 -21.41 45.11
CA GLY C 111 -15.91 -22.63 44.46
C GLY C 111 -14.55 -23.16 44.89
N ASN C 112 -13.96 -22.58 45.95
CA ASN C 112 -12.67 -22.96 46.51
C ASN C 112 -12.45 -22.38 47.92
N ALA C 113 -11.25 -22.59 48.49
CA ALA C 113 -10.81 -22.11 49.82
C ALA C 113 -10.96 -20.60 49.98
N ILE C 114 -11.29 -20.11 51.20
CA ILE C 114 -11.40 -18.69 51.52
C ILE C 114 -10.14 -18.29 52.29
N ASN C 115 -9.37 -17.32 51.77
CA ASN C 115 -8.12 -16.90 52.42
C ASN C 115 -8.26 -15.74 53.36
N GLU C 116 -9.28 -14.91 53.15
CA GLU C 116 -9.54 -13.76 54.00
C GLU C 116 -11.02 -13.46 54.07
N LEU C 117 -11.44 -12.95 55.23
CA LEU C 117 -12.77 -12.54 55.65
C LEU C 117 -12.56 -11.18 56.31
N LYS C 118 -13.36 -10.19 55.91
CA LYS C 118 -13.32 -8.84 56.45
C LYS C 118 -14.75 -8.30 56.55
N PHE C 119 -15.06 -7.62 57.67
CA PHE C 119 -16.34 -6.96 57.89
C PHE C 119 -16.25 -5.48 57.61
N HIS C 120 -17.29 -4.92 56.96
CA HIS C 120 -17.41 -3.50 56.58
C HIS C 120 -17.23 -2.65 57.86
N PRO C 121 -16.34 -1.64 57.84
CA PRO C 121 -16.10 -0.85 59.06
C PRO C 121 -17.28 -0.07 59.64
N ARG C 122 -18.35 0.14 58.85
CA ARG C 122 -19.50 0.92 59.30
C ARG C 122 -20.80 0.09 59.34
N ASP C 123 -21.00 -0.88 58.42
CA ASP C 123 -22.18 -1.76 58.38
C ASP C 123 -21.76 -3.16 58.88
N PRO C 124 -22.21 -3.57 60.11
CA PRO C 124 -21.78 -4.88 60.64
C PRO C 124 -22.24 -6.11 59.86
N ASN C 125 -23.17 -5.92 58.93
CA ASN C 125 -23.78 -6.98 58.15
C ASN C 125 -23.09 -7.30 56.84
N LEU C 126 -22.19 -6.41 56.36
CA LEU C 126 -21.52 -6.61 55.08
C LEU C 126 -20.19 -7.34 55.26
N LEU C 127 -20.15 -8.59 54.81
CA LEU C 127 -18.97 -9.45 54.93
C LEU C 127 -18.36 -9.71 53.59
N LEU C 128 -17.06 -9.47 53.51
CA LEU C 128 -16.25 -9.69 52.32
C LEU C 128 -15.43 -10.96 52.52
N SER C 129 -15.54 -11.90 51.58
CA SER C 129 -14.78 -13.13 51.57
C SER C 129 -13.92 -13.13 50.31
N VAL C 130 -12.69 -13.61 50.41
CA VAL C 130 -11.65 -13.60 49.37
C VAL C 130 -11.26 -15.03 49.08
N SER C 131 -11.40 -15.49 47.82
CA SER C 131 -11.17 -16.93 47.60
C SER C 131 -10.05 -17.36 46.62
N LYS C 132 -9.61 -18.62 46.82
CA LYS C 132 -8.72 -19.39 45.97
C LYS C 132 -9.36 -19.58 44.57
N ASP C 133 -10.70 -19.40 44.45
CA ASP C 133 -11.50 -19.49 43.19
C ASP C 133 -11.29 -18.32 42.21
N HIS C 134 -10.51 -17.28 42.62
CA HIS C 134 -10.15 -16.04 41.88
C HIS C 134 -11.10 -14.84 42.14
N ALA C 135 -12.19 -15.04 42.88
CA ALA C 135 -13.15 -13.99 43.16
C ALA C 135 -13.25 -13.53 44.63
N LEU C 136 -13.87 -12.36 44.83
CA LEU C 136 -14.16 -11.78 46.14
C LEU C 136 -15.69 -11.82 46.17
N ARG C 137 -16.29 -11.99 47.35
CA ARG C 137 -17.75 -11.95 47.51
C ARG C 137 -18.15 -11.07 48.63
N LEU C 138 -19.15 -10.23 48.37
CA LEU C 138 -19.74 -9.35 49.36
C LEU C 138 -21.08 -9.95 49.71
N TRP C 139 -21.24 -10.34 50.98
CA TRP C 139 -22.45 -10.94 51.53
C TRP C 139 -23.15 -9.96 52.48
N ASN C 140 -24.49 -10.06 52.58
CA ASN C 140 -25.31 -9.33 53.55
C ASN C 140 -25.75 -10.39 54.52
N ILE C 141 -25.17 -10.40 55.69
CA ILE C 141 -25.35 -11.40 56.74
C ILE C 141 -26.74 -11.24 57.46
N GLN C 142 -27.47 -10.13 57.23
CA GLN C 142 -28.82 -9.92 57.80
C GLN C 142 -29.86 -10.64 56.94
N THR C 143 -29.85 -10.40 55.62
CA THR C 143 -30.82 -10.98 54.69
C THR C 143 -30.33 -12.24 53.99
N ASP C 144 -29.13 -12.72 54.34
CA ASP C 144 -28.45 -13.91 53.77
C ASP C 144 -28.35 -13.87 52.24
N THR C 145 -28.02 -12.69 51.71
CA THR C 145 -27.92 -12.46 50.27
C THR C 145 -26.48 -12.22 49.87
N LEU C 146 -26.16 -12.54 48.63
CA LEU C 146 -24.85 -12.29 48.07
C LEU C 146 -25.01 -10.97 47.29
N VAL C 147 -24.50 -9.86 47.86
CA VAL C 147 -24.63 -8.54 47.22
C VAL C 147 -23.91 -8.45 45.85
N ALA C 148 -22.64 -8.91 45.79
CA ALA C 148 -21.83 -8.84 44.59
C ALA C 148 -20.75 -9.90 44.55
N ILE C 149 -20.28 -10.21 43.33
CA ILE C 149 -19.13 -11.06 43.05
C ILE C 149 -18.12 -10.17 42.34
N PHE C 150 -16.95 -9.95 42.97
CA PHE C 150 -15.85 -9.18 42.40
C PHE C 150 -14.85 -10.15 41.77
N GLY C 151 -15.03 -10.38 40.49
CA GLY C 151 -14.22 -11.31 39.70
C GLY C 151 -14.71 -11.34 38.27
N GLY C 152 -13.95 -12.00 37.40
CA GLY C 152 -14.33 -12.11 35.99
C GLY C 152 -13.25 -11.63 35.05
N VAL C 153 -13.66 -11.14 33.84
CA VAL C 153 -12.75 -10.76 32.75
C VAL C 153 -11.61 -9.84 33.19
N GLU C 154 -11.88 -8.86 34.07
CA GLU C 154 -10.80 -8.02 34.52
C GLU C 154 -10.56 -8.17 36.00
N GLY C 155 -10.98 -9.30 36.55
CA GLY C 155 -10.73 -9.68 37.93
C GLY C 155 -9.41 -10.43 38.07
N HIS C 156 -9.16 -11.00 39.25
CA HIS C 156 -7.94 -11.75 39.53
C HIS C 156 -7.84 -12.99 38.64
N ARG C 157 -6.64 -13.21 38.09
CA ARG C 157 -6.36 -14.33 37.18
C ARG C 157 -5.87 -15.55 37.97
N ASP C 158 -5.57 -15.38 39.26
CA ASP C 158 -5.17 -16.45 40.16
C ASP C 158 -5.83 -16.20 41.52
N GLU C 159 -5.57 -17.08 42.48
CA GLU C 159 -6.05 -17.07 43.86
C GLU C 159 -5.90 -15.68 44.51
N VAL C 160 -7.02 -15.20 45.13
CA VAL C 160 -7.07 -13.92 45.85
C VAL C 160 -6.62 -14.24 47.28
N LEU C 161 -5.58 -13.55 47.75
CA LEU C 161 -5.01 -13.86 49.04
C LEU C 161 -5.41 -12.94 50.16
N SER C 162 -5.71 -11.69 49.86
CA SER C 162 -6.01 -10.68 50.88
C SER C 162 -6.85 -9.56 50.31
N ALA C 163 -7.59 -8.86 51.20
CA ALA C 163 -8.41 -7.70 50.86
C ALA C 163 -8.65 -6.85 52.08
N ASP C 164 -8.92 -5.56 51.86
CA ASP C 164 -9.18 -4.64 52.97
C ASP C 164 -10.11 -3.54 52.54
N TYR C 165 -11.08 -3.18 53.39
CA TYR C 165 -11.90 -1.98 53.18
C TYR C 165 -11.05 -0.81 53.62
N ASP C 166 -11.39 0.39 53.14
CA ASP C 166 -10.75 1.63 53.62
C ASP C 166 -11.47 2.00 54.93
N LEU C 167 -10.97 3.01 55.66
CA LEU C 167 -11.53 3.44 56.94
C LEU C 167 -13.06 3.64 56.95
N LEU C 168 -13.64 4.33 55.94
CA LEU C 168 -15.09 4.57 55.91
C LEU C 168 -15.96 3.55 55.12
N GLY C 169 -15.34 2.50 54.57
CA GLY C 169 -16.03 1.48 53.78
C GLY C 169 -16.54 1.95 52.44
N GLU C 170 -15.80 2.84 51.79
CA GLU C 170 -16.16 3.41 50.49
C GLU C 170 -15.56 2.59 49.32
N LYS C 171 -14.47 1.87 49.59
CA LYS C 171 -13.72 1.06 48.63
C LYS C 171 -12.95 -0.09 49.30
N ILE C 172 -12.69 -1.14 48.52
CA ILE C 172 -11.93 -2.37 48.84
C ILE C 172 -10.65 -2.42 47.94
N MET C 173 -9.56 -2.92 48.48
CA MET C 173 -8.33 -3.16 47.75
C MET C 173 -8.01 -4.64 47.95
N SER C 174 -7.90 -5.40 46.83
CA SER C 174 -7.60 -6.84 46.88
C SER C 174 -6.26 -7.14 46.25
N CYS C 175 -5.67 -8.29 46.58
CA CYS C 175 -4.37 -8.73 46.05
C CYS C 175 -4.28 -10.25 45.94
N GLY C 176 -3.35 -10.74 45.11
CA GLY C 176 -3.26 -12.19 44.99
C GLY C 176 -2.06 -12.81 44.34
N MET C 177 -2.25 -14.06 43.88
CA MET C 177 -1.17 -14.82 43.29
C MET C 177 -0.83 -14.46 41.87
N ASP C 178 -1.71 -13.71 41.20
CA ASP C 178 -1.52 -13.19 39.86
C ASP C 178 -0.63 -11.91 39.90
N HIS C 179 -0.10 -11.51 41.10
CA HIS C 179 0.82 -10.38 41.37
C HIS C 179 0.06 -9.02 41.39
N SER C 180 -1.25 -9.10 41.25
CA SER C 180 -2.10 -7.94 41.10
C SER C 180 -2.70 -7.42 42.37
N LEU C 181 -2.91 -6.08 42.39
CA LEU C 181 -3.60 -5.33 43.44
C LEU C 181 -4.70 -4.58 42.72
N LYS C 182 -5.94 -4.90 43.07
CA LYS C 182 -7.12 -4.35 42.42
C LYS C 182 -8.00 -3.54 43.36
N LEU C 183 -8.59 -2.44 42.86
CA LEU C 183 -9.46 -1.56 43.65
C LEU C 183 -10.87 -1.75 43.20
N TRP C 184 -11.78 -1.98 44.15
CA TRP C 184 -13.19 -2.17 43.89
C TRP C 184 -13.97 -1.19 44.79
N ARG C 185 -14.57 -0.18 44.16
CA ARG C 185 -15.34 0.88 44.83
C ARG C 185 -16.69 0.38 45.24
N ILE C 186 -17.08 0.64 46.47
CA ILE C 186 -18.39 0.15 46.88
C ILE C 186 -19.33 1.33 47.22
N ASN C 187 -18.93 2.57 46.86
CA ASN C 187 -19.72 3.78 47.08
C ASN C 187 -20.32 4.26 45.74
N SER C 188 -20.19 3.41 44.70
CA SER C 188 -20.73 3.67 43.37
C SER C 188 -22.25 3.55 43.46
N LYS C 189 -22.97 4.18 42.53
CA LYS C 189 -24.42 4.13 42.51
C LYS C 189 -24.91 2.68 42.35
N ARG C 190 -24.24 1.87 41.51
CA ARG C 190 -24.51 0.44 41.27
C ARG C 190 -24.38 -0.32 42.58
N MET C 191 -23.27 -0.10 43.28
CA MET C 191 -23.00 -0.82 44.51
C MET C 191 -23.86 -0.38 45.66
N MET C 192 -24.12 0.94 45.82
CA MET C 192 -24.98 1.44 46.90
C MET C 192 -26.41 0.93 46.76
N ASN C 193 -26.93 0.85 45.51
CA ASN C 193 -28.25 0.32 45.21
C ASN C 193 -28.33 -1.20 45.48
N ALA C 194 -27.29 -1.95 45.08
CA ALA C 194 -27.24 -3.38 45.33
C ALA C 194 -27.27 -3.67 46.84
N ILE C 195 -26.55 -2.89 47.67
CA ILE C 195 -26.56 -3.02 49.14
C ILE C 195 -27.98 -2.74 49.66
N LYS C 196 -28.60 -1.62 49.20
CA LYS C 196 -29.96 -1.22 49.54
C LYS C 196 -30.93 -2.34 49.18
N GLU C 197 -30.93 -2.80 47.92
CA GLU C 197 -31.76 -3.89 47.43
C GLU C 197 -31.59 -5.19 48.22
N SER C 198 -30.37 -5.45 48.77
CA SER C 198 -30.11 -6.68 49.52
C SER C 198 -30.86 -6.65 50.86
N TYR C 199 -30.99 -5.45 51.43
CA TYR C 199 -31.73 -5.21 52.65
C TYR C 199 -33.26 -5.35 52.44
N ASP C 200 -33.77 -4.94 51.26
CA ASP C 200 -35.19 -5.05 50.90
C ASP C 200 -35.59 -6.47 50.59
N TYR C 201 -34.63 -7.31 50.14
CA TYR C 201 -34.88 -8.70 49.80
C TYR C 201 -35.50 -9.52 50.94
N ASN C 202 -36.64 -10.16 50.62
CA ASN C 202 -37.37 -11.05 51.52
C ASN C 202 -37.77 -12.27 50.67
N PRO C 203 -37.12 -13.45 50.86
CA PRO C 203 -37.46 -14.62 50.02
C PRO C 203 -38.85 -15.17 50.27
N ASN C 204 -39.46 -14.77 51.40
CA ASN C 204 -40.82 -15.19 51.75
C ASN C 204 -41.87 -14.42 50.96
N LYS C 205 -41.59 -13.13 50.64
CA LYS C 205 -42.50 -12.28 49.86
C LYS C 205 -42.26 -12.39 48.32
N THR C 206 -41.43 -13.36 47.87
CA THR C 206 -41.14 -13.54 46.44
C THR C 206 -40.79 -14.99 46.06
N ASN C 207 -40.87 -15.29 44.76
CA ASN C 207 -40.56 -16.60 44.17
C ASN C 207 -39.25 -16.51 43.35
N ARG C 208 -38.76 -15.28 43.10
CA ARG C 208 -37.54 -15.03 42.34
C ARG C 208 -36.29 -14.81 43.23
N PRO C 209 -35.09 -15.31 42.80
CA PRO C 209 -33.89 -15.15 43.63
C PRO C 209 -33.36 -13.73 43.61
N PHE C 210 -32.56 -13.36 44.63
CA PHE C 210 -31.91 -12.04 44.67
C PHE C 210 -30.89 -12.02 43.54
N ILE C 211 -30.78 -10.87 42.87
CA ILE C 211 -29.84 -10.69 41.76
C ILE C 211 -28.56 -10.05 42.26
N SER C 212 -27.50 -10.89 42.32
CA SER C 212 -26.15 -10.49 42.74
C SER C 212 -25.53 -9.70 41.60
N GLN C 213 -24.73 -8.68 41.94
CA GLN C 213 -23.99 -7.91 40.94
C GLN C 213 -22.76 -8.71 40.54
N LYS C 214 -22.45 -8.74 39.25
CA LYS C 214 -21.25 -9.39 38.79
C LYS C 214 -20.37 -8.25 38.31
N ILE C 215 -19.42 -7.83 39.20
CA ILE C 215 -18.46 -6.77 38.96
C ILE C 215 -17.22 -7.40 38.29
N HIS C 216 -17.17 -7.37 36.96
CA HIS C 216 -16.04 -7.94 36.22
C HIS C 216 -14.86 -6.98 36.12
N PHE C 217 -15.09 -5.69 36.34
CA PHE C 217 -14.05 -4.68 36.15
C PHE C 217 -13.70 -3.90 37.43
N PRO C 218 -12.41 -3.92 37.86
CA PRO C 218 -12.01 -3.14 39.04
C PRO C 218 -11.92 -1.67 38.66
N ASP C 219 -11.83 -0.82 39.66
CA ASP C 219 -11.74 0.62 39.51
C ASP C 219 -10.33 1.13 39.31
N PHE C 220 -9.36 0.18 39.31
CA PHE C 220 -7.90 0.33 39.14
C PHE C 220 -7.29 -1.05 39.34
N SER C 221 -6.18 -1.32 38.65
CA SER C 221 -5.43 -2.58 38.71
C SER C 221 -3.96 -2.32 38.42
N THR C 222 -3.06 -2.96 39.17
CA THR C 222 -1.61 -2.87 38.94
C THR C 222 -0.91 -4.21 39.20
N ARG C 223 0.23 -4.44 38.56
CA ARG C 223 1.10 -5.61 38.69
C ARG C 223 2.56 -5.10 38.85
N ASP C 224 2.73 -3.77 38.97
CA ASP C 224 4.06 -3.13 39.03
C ASP C 224 4.52 -2.69 40.42
N ILE C 225 4.03 -3.31 41.48
CA ILE C 225 4.45 -3.03 42.85
C ILE C 225 5.36 -4.19 43.29
N HIS C 226 4.87 -5.42 43.09
CA HIS C 226 5.61 -6.62 43.45
C HIS C 226 5.88 -7.50 42.22
N ARG C 227 7.02 -8.23 42.28
CA ARG C 227 7.49 -9.17 41.26
C ARG C 227 6.92 -10.59 41.50
N ASN C 228 6.31 -10.85 42.65
CA ASN C 228 5.73 -12.16 42.92
C ASN C 228 4.31 -12.01 43.49
N TYR C 229 3.74 -13.08 44.09
CA TYR C 229 2.39 -13.12 44.67
C TYR C 229 2.27 -12.06 45.78
N VAL C 230 1.11 -11.43 45.93
CA VAL C 230 0.90 -10.44 46.97
C VAL C 230 0.02 -11.14 48.00
N ASP C 231 0.52 -11.33 49.22
CA ASP C 231 -0.23 -12.11 50.20
C ASP C 231 -0.90 -11.29 51.33
N CYS C 232 -0.66 -9.99 51.40
CA CYS C 232 -1.29 -9.12 52.39
C CYS C 232 -1.40 -7.71 51.85
N VAL C 233 -2.58 -7.09 52.05
CA VAL C 233 -2.89 -5.72 51.64
C VAL C 233 -3.72 -5.02 52.69
N ARG C 234 -3.31 -3.81 53.10
CA ARG C 234 -4.03 -2.97 54.05
C ARG C 234 -3.96 -1.53 53.60
N TRP C 235 -5.08 -0.79 53.69
CA TRP C 235 -5.06 0.65 53.43
C TRP C 235 -4.38 1.34 54.60
N LEU C 236 -3.62 2.41 54.34
CA LEU C 236 -3.03 3.32 55.34
C LEU C 236 -3.61 4.68 54.92
N GLY C 237 -4.85 4.94 55.32
CA GLY C 237 -5.55 6.14 54.89
C GLY C 237 -5.97 5.97 53.44
N ASP C 238 -5.39 6.76 52.55
CA ASP C 238 -5.66 6.68 51.12
C ASP C 238 -4.47 6.06 50.36
N LEU C 239 -3.42 5.72 51.12
CA LEU C 239 -2.22 5.03 50.66
C LEU C 239 -2.42 3.52 50.84
N ILE C 240 -1.57 2.70 50.20
CA ILE C 240 -1.70 1.26 50.29
C ILE C 240 -0.44 0.67 50.81
N LEU C 241 -0.58 -0.30 51.70
CA LEU C 241 0.51 -1.06 52.28
C LEU C 241 0.33 -2.50 51.82
N SER C 242 1.33 -3.08 51.14
CA SER C 242 1.26 -4.46 50.64
C SER C 242 2.62 -5.16 50.61
N LYS C 243 2.59 -6.49 50.70
CA LYS C 243 3.81 -7.27 50.67
C LYS C 243 3.72 -8.49 49.77
N SER C 244 4.90 -9.02 49.38
CA SER C 244 5.15 -10.22 48.62
C SER C 244 6.22 -10.98 49.40
N CYS C 245 6.97 -11.87 48.76
CA CYS C 245 8.05 -12.64 49.38
C CYS C 245 9.42 -11.93 49.23
N GLU C 246 9.44 -10.65 48.82
CA GLU C 246 10.67 -9.88 48.60
C GLU C 246 11.19 -9.14 49.83
N ASN C 247 10.82 -9.61 51.02
CA ASN C 247 11.24 -9.08 52.32
C ASN C 247 11.06 -7.55 52.52
N ALA C 248 9.92 -7.02 52.02
CA ALA C 248 9.54 -5.61 52.19
C ALA C 248 8.00 -5.39 52.07
N ILE C 249 7.50 -4.44 52.90
CA ILE C 249 6.13 -3.92 52.85
C ILE C 249 6.31 -2.63 52.06
N VAL C 250 5.60 -2.53 50.93
CA VAL C 250 5.68 -1.38 50.04
C VAL C 250 4.53 -0.44 50.32
N CYS C 251 4.82 0.84 50.52
CA CYS C 251 3.81 1.87 50.71
C CYS C 251 3.69 2.57 49.38
N TRP C 252 2.49 2.61 48.82
CA TRP C 252 2.30 3.14 47.46
C TRP C 252 0.90 3.72 47.25
N LYS C 253 0.66 4.32 46.08
CA LYS C 253 -0.67 4.85 45.75
C LYS C 253 -0.99 4.71 44.27
N PRO C 254 -2.27 4.51 43.89
CA PRO C 254 -2.60 4.48 42.45
C PRO C 254 -2.33 5.87 41.83
N GLY C 255 -2.01 5.89 40.54
CA GLY C 255 -1.71 7.11 39.80
C GLY C 255 -0.42 7.81 40.19
N LYS C 256 -0.26 9.08 39.75
CA LYS C 256 0.91 9.91 40.02
C LYS C 256 0.82 10.47 41.43
N MET C 257 1.92 10.99 41.96
CA MET C 257 2.03 11.57 43.32
C MET C 257 0.85 12.43 43.76
N GLU C 258 0.43 13.36 42.92
CA GLU C 258 -0.63 14.31 43.24
C GLU C 258 -2.05 13.76 42.96
N ASP C 259 -2.16 12.62 42.25
CA ASP C 259 -3.45 12.04 41.91
C ASP C 259 -4.25 11.59 43.14
N ASP C 260 -5.49 12.10 43.24
CA ASP C 260 -6.43 11.85 44.33
C ASP C 260 -7.02 10.47 44.07
N ILE C 261 -7.10 9.66 45.15
CA ILE C 261 -7.62 8.29 45.09
C ILE C 261 -9.01 8.23 44.47
N ASP C 262 -9.90 9.17 44.84
CA ASP C 262 -11.28 9.20 44.36
C ASP C 262 -11.43 9.80 42.93
N LYS C 263 -10.34 10.25 42.31
CA LYS C 263 -10.35 10.78 40.94
C LYS C 263 -9.64 9.86 39.93
N ILE C 264 -9.14 8.69 40.41
CA ILE C 264 -8.43 7.70 39.61
C ILE C 264 -9.40 6.96 38.68
N LYS C 265 -9.14 7.07 37.37
CA LYS C 265 -9.89 6.42 36.30
C LYS C 265 -9.52 4.93 36.21
N PRO C 266 -10.42 4.01 35.78
CA PRO C 266 -10.03 2.58 35.71
C PRO C 266 -8.86 2.23 34.81
N SER C 267 -8.63 3.02 33.74
CA SER C 267 -7.53 2.89 32.75
C SER C 267 -6.20 3.44 33.23
N GLU C 268 -6.10 3.94 34.48
CA GLU C 268 -4.87 4.46 35.08
C GLU C 268 -3.72 3.42 35.04
N SER C 269 -2.64 3.76 34.31
CA SER C 269 -1.45 2.92 34.13
C SER C 269 -0.33 3.24 35.13
N ASN C 270 -0.50 4.29 35.94
CA ASN C 270 0.54 4.76 36.87
C ASN C 270 0.39 4.33 38.32
N VAL C 271 1.52 4.21 39.00
CA VAL C 271 1.62 3.94 40.42
C VAL C 271 2.75 4.80 40.96
N THR C 272 2.65 5.22 42.23
CA THR C 272 3.69 5.98 42.89
C THR C 272 4.10 5.22 44.15
N ILE C 273 5.36 4.75 44.21
CA ILE C 273 5.88 4.06 45.39
C ILE C 273 6.40 5.13 46.34
N LEU C 274 5.78 5.29 47.51
CA LEU C 274 6.17 6.29 48.49
C LEU C 274 7.39 5.87 49.28
N GLY C 275 7.47 4.58 49.57
CA GLY C 275 8.58 4.02 50.32
C GLY C 275 8.34 2.59 50.68
N ARG C 276 9.28 1.99 51.44
CA ARG C 276 9.17 0.61 51.85
C ARG C 276 9.72 0.35 53.24
N PHE C 277 9.21 -0.71 53.90
CA PHE C 277 9.60 -1.16 55.25
C PHE C 277 10.30 -2.47 55.04
N ASP C 278 11.60 -2.47 55.30
CA ASP C 278 12.48 -3.61 55.15
C ASP C 278 12.58 -4.48 56.40
N TYR C 279 12.85 -5.78 56.19
CA TYR C 279 12.99 -6.83 57.19
C TYR C 279 13.59 -8.04 56.45
N SER C 280 13.82 -9.14 57.17
CA SER C 280 14.38 -10.34 56.56
C SER C 280 13.66 -11.59 57.00
N GLN C 281 13.95 -12.70 56.29
CA GLN C 281 13.44 -14.05 56.48
C GLN C 281 11.94 -14.14 56.54
N CYS C 282 11.29 -13.65 55.49
CA CYS C 282 9.85 -13.72 55.29
C CYS C 282 9.60 -13.90 53.80
N ASP C 283 10.26 -14.92 53.25
CA ASP C 283 10.19 -15.26 51.83
C ASP C 283 9.27 -16.47 51.56
N ILE C 284 8.58 -16.93 52.63
CA ILE C 284 7.57 -17.99 52.54
C ILE C 284 6.18 -17.36 52.35
N TRP C 285 5.33 -18.06 51.62
CA TRP C 285 3.97 -17.68 51.25
C TRP C 285 3.00 -17.65 52.47
N TYR C 286 1.97 -16.75 52.43
CA TYR C 286 0.88 -16.63 53.43
C TYR C 286 1.38 -16.09 54.82
N MET C 287 2.00 -14.91 54.81
CA MET C 287 2.55 -14.23 56.00
C MET C 287 1.96 -12.82 56.07
N ARG C 288 1.13 -12.57 57.10
CA ARG C 288 0.36 -11.33 57.21
C ARG C 288 0.82 -10.32 58.26
N PHE C 289 0.75 -9.05 57.83
CA PHE C 289 1.04 -7.90 58.65
C PHE C 289 -0.28 -7.31 59.14
N SER C 290 -0.25 -6.61 60.28
CA SER C 290 -1.44 -6.00 60.83
C SER C 290 -1.15 -4.64 61.43
N MET C 291 -2.18 -3.83 61.67
CA MET C 291 -2.08 -2.51 62.28
C MET C 291 -3.03 -2.39 63.45
N ASP C 292 -2.73 -1.46 64.38
CA ASP C 292 -3.61 -1.12 65.50
C ASP C 292 -4.77 -0.29 64.94
N PHE C 293 -5.84 -0.08 65.75
CA PHE C 293 -7.03 0.66 65.28
C PHE C 293 -6.68 2.09 64.81
N TRP C 294 -5.79 2.75 65.54
CA TRP C 294 -5.38 4.13 65.25
C TRP C 294 -4.43 4.27 64.07
N GLN C 295 -4.04 3.14 63.43
CA GLN C 295 -3.14 3.03 62.28
C GLN C 295 -1.83 3.78 62.54
N LYS C 296 -1.30 3.66 63.77
CA LYS C 296 -0.04 4.30 64.20
C LYS C 296 1.09 3.27 64.32
N MET C 297 0.73 1.99 64.48
CA MET C 297 1.64 0.87 64.65
C MET C 297 1.38 -0.12 63.54
N LEU C 298 2.43 -0.87 63.17
CA LEU C 298 2.40 -1.92 62.16
C LEU C 298 3.25 -3.07 62.68
N ALA C 299 2.77 -4.32 62.51
CA ALA C 299 3.48 -5.52 62.96
C ALA C 299 3.53 -6.61 61.91
N LEU C 300 4.67 -7.33 61.90
CA LEU C 300 4.91 -8.43 60.98
C LEU C 300 5.91 -9.37 61.56
N GLY C 301 5.53 -10.65 61.59
CA GLY C 301 6.38 -11.74 62.04
C GLY C 301 7.05 -12.39 60.86
N ASN C 302 8.16 -13.09 61.09
CA ASN C 302 8.85 -13.74 59.98
C ASN C 302 8.92 -15.25 60.17
N GLN C 303 9.56 -15.98 59.23
CA GLN C 303 9.58 -17.45 59.23
C GLN C 303 10.40 -18.07 60.37
N VAL C 304 11.11 -17.28 61.15
CA VAL C 304 11.95 -17.78 62.25
C VAL C 304 11.56 -17.20 63.61
N GLY C 305 10.39 -16.60 63.73
CA GLY C 305 9.86 -16.10 64.99
C GLY C 305 10.22 -14.69 65.43
N LYS C 306 10.85 -13.91 64.54
CA LYS C 306 11.18 -12.51 64.82
C LYS C 306 9.88 -11.74 64.54
N LEU C 307 9.56 -10.77 65.37
CA LEU C 307 8.37 -9.96 65.24
C LEU C 307 8.80 -8.51 65.09
N TYR C 308 8.47 -7.88 63.98
CA TYR C 308 8.82 -6.50 63.67
C TYR C 308 7.64 -5.55 63.94
N VAL C 309 7.90 -4.44 64.66
CA VAL C 309 6.91 -3.41 64.97
C VAL C 309 7.44 -2.07 64.50
N TRP C 310 6.64 -1.38 63.68
CA TRP C 310 7.00 -0.08 63.14
C TRP C 310 6.03 0.98 63.65
N ASP C 311 6.56 2.21 63.91
CA ASP C 311 5.76 3.35 64.29
C ASP C 311 5.50 4.05 62.96
N LEU C 312 4.25 4.05 62.51
CA LEU C 312 3.88 4.61 61.22
C LEU C 312 3.82 6.14 61.16
N GLU C 313 3.81 6.81 62.32
CA GLU C 313 3.74 8.27 62.44
C GLU C 313 5.12 8.90 62.08
N VAL C 314 5.61 8.62 60.87
CA VAL C 314 6.93 9.07 60.45
C VAL C 314 6.80 10.08 59.30
N GLU C 315 6.05 11.16 59.59
CA GLU C 315 5.75 12.26 58.69
C GLU C 315 6.84 13.32 58.76
N LYS C 321 10.37 4.08 62.75
CA LYS C 321 11.11 3.43 63.84
C LYS C 321 10.77 1.93 63.83
N CYS C 322 11.79 1.04 63.98
CA CYS C 322 11.56 -0.41 63.98
C CYS C 322 12.15 -1.14 65.17
N THR C 323 11.31 -1.84 65.97
CA THR C 323 11.76 -2.67 67.09
C THR C 323 11.62 -4.14 66.66
N THR C 324 12.63 -4.97 66.96
CA THR C 324 12.60 -6.39 66.63
C THR C 324 12.35 -7.15 67.91
N LEU C 325 11.09 -7.56 68.11
CA LEU C 325 10.60 -8.32 69.25
C LEU C 325 11.05 -9.74 69.07
N THR C 326 11.85 -10.21 70.00
CA THR C 326 12.44 -11.54 69.91
C THR C 326 12.39 -12.27 71.27
N HIS C 327 12.42 -13.62 71.22
CA HIS C 327 12.40 -14.49 72.41
C HIS C 327 13.01 -15.82 72.03
N HIS C 328 13.89 -16.35 72.92
CA HIS C 328 14.62 -17.60 72.76
C HIS C 328 13.72 -18.81 72.47
N LYS C 329 12.51 -18.84 73.08
CA LYS C 329 11.57 -19.95 72.91
C LYS C 329 10.67 -19.81 71.65
N CYS C 330 10.77 -18.69 70.92
CA CYS C 330 9.98 -18.42 69.72
C CYS C 330 10.84 -18.51 68.47
N GLY C 331 10.71 -19.62 67.76
CA GLY C 331 11.46 -19.87 66.53
C GLY C 331 10.63 -20.40 65.36
N ALA C 332 9.29 -20.35 65.48
CA ALA C 332 8.45 -20.84 64.37
C ALA C 332 7.97 -19.68 63.51
N ALA C 333 7.46 -19.99 62.31
CA ALA C 333 6.91 -19.00 61.39
C ALA C 333 5.68 -18.34 62.04
N ILE C 334 5.70 -17.00 62.21
CA ILE C 334 4.59 -16.20 62.76
C ILE C 334 3.69 -15.90 61.58
N ARG C 335 2.52 -16.54 61.54
CA ARG C 335 1.55 -16.41 60.43
C ARG C 335 0.78 -15.10 60.36
N GLN C 336 0.37 -14.57 61.52
CA GLN C 336 -0.42 -13.33 61.61
C GLN C 336 -0.26 -12.72 62.99
N THR C 337 -0.54 -11.42 63.09
CA THR C 337 -0.48 -10.68 64.34
C THR C 337 -1.78 -9.94 64.53
N SER C 338 -2.04 -9.52 65.77
CA SER C 338 -3.21 -8.73 66.12
C SER C 338 -2.88 -7.85 67.28
N PHE C 339 -3.29 -6.58 67.17
CA PHE C 339 -3.16 -5.54 68.18
C PHE C 339 -4.51 -5.42 68.85
N SER C 340 -4.51 -5.14 70.17
CA SER C 340 -5.71 -4.82 70.94
C SER C 340 -6.22 -3.47 70.36
N ARG C 341 -7.51 -3.10 70.58
CA ARG C 341 -8.03 -1.81 70.06
C ARG C 341 -7.14 -0.62 70.47
N ASP C 342 -6.76 -0.57 71.78
CA ASP C 342 -5.93 0.43 72.47
C ASP C 342 -4.41 0.27 72.22
N SER C 343 -3.99 -0.75 71.45
CA SER C 343 -2.60 -1.01 71.08
C SER C 343 -1.67 -1.47 72.24
N SER C 344 -2.23 -1.73 73.45
CA SER C 344 -1.48 -2.19 74.63
C SER C 344 -1.03 -3.65 74.53
N ILE C 345 -1.77 -4.50 73.80
CA ILE C 345 -1.42 -5.91 73.63
C ILE C 345 -1.24 -6.24 72.17
N LEU C 346 -0.19 -7.04 71.89
CA LEU C 346 0.14 -7.53 70.57
C LEU C 346 0.31 -9.05 70.62
N ILE C 347 -0.55 -9.76 69.88
CA ILE C 347 -0.53 -11.21 69.80
C ILE C 347 0.03 -11.65 68.46
N ALA C 348 0.88 -12.70 68.48
CA ALA C 348 1.48 -13.36 67.32
C ALA C 348 1.14 -14.86 67.39
N VAL C 349 0.75 -15.46 66.27
CA VAL C 349 0.40 -16.90 66.19
C VAL C 349 1.35 -17.65 65.25
N CYS C 350 1.69 -18.93 65.56
CA CYS C 350 2.71 -19.63 64.78
C CYS C 350 2.29 -20.97 64.15
N ASP C 351 3.23 -21.49 63.33
CA ASP C 351 3.19 -22.74 62.56
C ASP C 351 3.19 -23.96 63.50
N ASP C 352 3.47 -23.75 64.81
CA ASP C 352 3.55 -24.81 65.83
C ASP C 352 2.42 -24.77 66.91
N ALA C 353 1.25 -24.27 66.54
CA ALA C 353 0.09 -24.05 67.44
C ALA C 353 0.44 -23.17 68.66
N SER C 354 1.48 -22.32 68.55
CA SER C 354 1.81 -21.42 69.68
C SER C 354 1.26 -19.98 69.50
N ILE C 355 0.94 -19.30 70.65
CA ILE C 355 0.43 -17.93 70.78
C ILE C 355 1.45 -17.16 71.64
N TRP C 356 1.83 -15.94 71.22
CA TRP C 356 2.82 -15.11 71.92
C TRP C 356 2.23 -13.77 72.26
N ARG C 357 2.17 -13.45 73.56
CA ARG C 357 1.60 -12.21 74.06
C ARG C 357 2.70 -11.22 74.33
N TRP C 358 2.58 -10.02 73.74
CA TRP C 358 3.56 -8.96 73.90
C TRP C 358 2.87 -7.73 74.44
N ASP C 359 3.15 -7.43 75.70
CA ASP C 359 2.55 -6.30 76.36
C ASP C 359 3.36 -5.00 76.20
N ARG C 360 2.66 -3.93 75.83
CA ARG C 360 3.20 -2.60 75.62
C ARG C 360 3.35 -1.94 76.97
N LEU C 361 4.58 -1.51 77.26
CA LEU C 361 4.97 -0.78 78.46
C LEU C 361 6.28 -0.09 78.16
N SER D 2 32.82 10.53 5.30
CA SER D 2 31.90 10.32 4.18
C SER D 2 31.01 9.06 4.35
N PHE D 3 31.50 7.86 3.94
CA PHE D 3 30.71 6.62 4.04
C PHE D 3 31.43 5.42 4.67
N LYS D 4 30.71 4.64 5.49
CA LYS D 4 31.25 3.43 6.09
C LYS D 4 30.43 2.21 5.64
N CYS D 5 31.12 1.14 5.19
CA CYS D 5 30.43 -0.10 4.84
C CYS D 5 30.02 -0.68 6.16
N VAL D 6 28.71 -0.70 6.36
CA VAL D 6 28.10 -1.06 7.61
C VAL D 6 27.39 -2.44 7.57
N ASN D 7 27.12 -3.01 6.34
CA ASN D 7 26.53 -4.34 6.14
C ASN D 7 26.66 -4.85 4.69
N SER D 8 26.74 -6.17 4.55
CA SER D 8 26.74 -6.87 3.27
C SER D 8 25.76 -8.03 3.41
N LEU D 9 24.85 -8.18 2.44
CA LEU D 9 23.81 -9.22 2.42
C LEU D 9 23.97 -10.08 1.15
N LYS D 10 23.51 -11.34 1.21
CA LYS D 10 23.51 -12.22 0.05
C LYS D 10 22.15 -12.94 -0.09
N GLU D 11 21.47 -12.73 -1.25
CA GLU D 11 20.19 -13.38 -1.59
C GLU D 11 20.53 -14.82 -2.05
N ASP D 12 19.72 -15.81 -1.61
CA ASP D 12 19.93 -17.26 -1.85
C ASP D 12 19.98 -17.70 -3.32
N HIS D 13 19.36 -16.94 -4.25
CA HIS D 13 19.32 -17.29 -5.68
C HIS D 13 20.69 -17.25 -6.38
N ASN D 14 21.64 -16.51 -5.80
CA ASN D 14 23.03 -16.35 -6.27
C ASN D 14 23.15 -15.91 -7.77
N GLN D 15 22.15 -15.17 -8.27
CA GLN D 15 22.16 -14.68 -9.65
C GLN D 15 22.40 -13.18 -9.55
N PRO D 16 22.74 -12.49 -10.67
CA PRO D 16 22.89 -11.04 -10.58
C PRO D 16 21.62 -10.30 -10.14
N LEU D 17 21.84 -9.21 -9.38
CA LEU D 17 20.83 -8.25 -8.94
C LEU D 17 21.04 -7.02 -9.84
N PHE D 18 20.06 -6.71 -10.73
CA PHE D 18 20.15 -5.58 -11.66
C PHE D 18 19.48 -4.28 -11.18
N GLY D 19 18.64 -4.36 -10.17
CA GLY D 19 18.00 -3.14 -9.70
C GLY D 19 17.84 -3.02 -8.20
N VAL D 20 18.02 -1.77 -7.70
CA VAL D 20 17.80 -1.30 -6.33
C VAL D 20 17.12 -0.01 -6.42
N GLN D 21 16.11 0.19 -5.56
CA GLN D 21 15.36 1.43 -5.46
C GLN D 21 14.92 1.59 -4.03
N PHE D 22 15.28 2.74 -3.41
CA PHE D 22 14.77 3.09 -2.08
C PHE D 22 13.37 3.64 -2.33
N ASN D 23 12.47 3.43 -1.37
CA ASN D 23 11.14 3.99 -1.45
C ASN D 23 11.26 5.41 -0.94
N TRP D 24 11.14 6.39 -1.83
CA TRP D 24 11.23 7.82 -1.49
C TRP D 24 9.85 8.42 -1.05
N HIS D 25 8.78 7.62 -1.07
CA HIS D 25 7.43 8.04 -0.68
C HIS D 25 7.19 7.82 0.82
N SER D 26 8.07 7.02 1.43
CA SER D 26 8.13 6.69 2.85
C SER D 26 8.05 7.99 3.70
N LYS D 27 7.13 8.01 4.69
CA LYS D 27 6.89 9.13 5.61
C LYS D 27 8.13 9.47 6.41
N GLU D 28 8.20 10.74 6.85
CA GLU D 28 9.22 11.26 7.73
C GLU D 28 9.00 10.51 9.07
N GLY D 29 10.04 9.81 9.53
CA GLY D 29 9.94 9.00 10.73
C GLY D 29 9.74 7.52 10.47
N ASP D 30 9.25 7.14 9.27
CA ASP D 30 9.07 5.71 8.94
C ASP D 30 10.43 5.10 8.61
N PRO D 31 10.66 3.80 8.88
CA PRO D 31 11.98 3.23 8.54
C PRO D 31 12.24 3.23 7.03
N LEU D 32 13.53 3.35 6.67
CA LEU D 32 14.00 3.44 5.29
C LEU D 32 13.96 2.07 4.65
N VAL D 33 13.09 1.92 3.64
CA VAL D 33 12.83 0.69 2.88
C VAL D 33 13.36 0.75 1.44
N PHE D 34 13.94 -0.37 0.98
CA PHE D 34 14.40 -0.49 -0.39
C PHE D 34 14.00 -1.81 -1.02
N ALA D 35 13.81 -1.83 -2.34
CA ALA D 35 13.46 -3.03 -3.08
C ALA D 35 14.68 -3.51 -3.88
N THR D 36 14.71 -4.78 -4.21
CA THR D 36 15.80 -5.41 -4.94
C THR D 36 15.23 -6.32 -6.04
N VAL D 37 15.83 -6.27 -7.24
CA VAL D 37 15.36 -7.06 -8.39
C VAL D 37 16.51 -7.82 -9.05
N GLY D 38 16.29 -9.13 -9.16
CA GLY D 38 17.24 -10.05 -9.75
C GLY D 38 16.61 -11.40 -9.78
N SER D 39 17.11 -12.29 -10.67
CA SER D 39 16.54 -13.63 -10.93
C SER D 39 15.06 -13.36 -11.29
N ASN D 40 14.12 -14.19 -10.83
CA ASN D 40 12.69 -13.91 -11.03
C ASN D 40 12.16 -13.48 -9.66
N ARG D 41 12.97 -12.72 -8.93
CA ARG D 41 12.63 -12.32 -7.58
C ARG D 41 12.61 -10.80 -7.35
N VAL D 42 11.76 -10.41 -6.40
CA VAL D 42 11.55 -9.05 -5.91
C VAL D 42 11.66 -9.14 -4.38
N THR D 43 12.66 -8.47 -3.79
CA THR D 43 12.88 -8.54 -2.35
C THR D 43 12.83 -7.16 -1.73
N LEU D 44 12.18 -7.04 -0.57
CA LEU D 44 12.00 -5.78 0.16
C LEU D 44 12.78 -5.83 1.46
N TYR D 45 13.40 -4.70 1.82
CA TYR D 45 14.22 -4.58 3.02
C TYR D 45 13.93 -3.32 3.79
N GLU D 46 14.24 -3.35 5.10
CA GLU D 46 14.08 -2.26 6.06
C GLU D 46 15.43 -2.00 6.75
N CYS D 47 15.88 -0.73 6.73
CA CYS D 47 17.14 -0.31 7.31
C CYS D 47 16.96 0.09 8.75
N HIS D 48 17.88 -0.39 9.57
CA HIS D 48 17.91 -0.15 10.99
C HIS D 48 19.30 0.27 11.44
N SER D 49 19.39 0.77 12.69
CA SER D 49 20.63 1.22 13.33
C SER D 49 21.69 0.10 13.39
N GLN D 50 22.95 0.49 13.54
CA GLN D 50 24.10 -0.41 13.61
C GLN D 50 24.17 -1.38 12.41
N GLY D 51 23.95 -0.84 11.21
CA GLY D 51 24.00 -1.59 9.95
C GLY D 51 22.96 -2.68 9.70
N GLU D 52 22.04 -2.89 10.66
CA GLU D 52 21.01 -3.94 10.55
C GLU D 52 20.03 -3.74 9.38
N ILE D 53 20.02 -4.72 8.44
CA ILE D 53 19.07 -4.73 7.32
C ILE D 53 18.10 -5.87 7.60
N ARG D 54 16.82 -5.54 7.77
CA ARG D 54 15.78 -6.51 8.07
C ARG D 54 15.07 -6.94 6.77
N LEU D 55 15.13 -8.24 6.44
CA LEU D 55 14.46 -8.85 5.29
C LEU D 55 12.93 -8.87 5.54
N LEU D 56 12.15 -8.01 4.81
CA LEU D 56 10.69 -7.90 5.00
C LEU D 56 9.86 -8.81 4.10
N GLN D 57 9.93 -8.61 2.77
CA GLN D 57 9.11 -9.38 1.82
C GLN D 57 9.92 -9.91 0.67
N SER D 58 9.47 -11.02 0.09
CA SER D 58 10.09 -11.57 -1.11
C SER D 58 9.07 -12.27 -1.96
N TYR D 59 9.10 -11.98 -3.26
CA TYR D 59 8.18 -12.47 -4.27
C TYR D 59 8.92 -13.24 -5.31
N VAL D 60 8.23 -14.17 -5.98
CA VAL D 60 8.83 -14.99 -7.03
C VAL D 60 7.85 -15.17 -8.19
N ASP D 61 8.29 -14.90 -9.41
CA ASP D 61 7.40 -15.12 -10.55
C ASP D 61 7.14 -16.64 -10.69
N ALA D 62 5.88 -17.01 -10.99
CA ALA D 62 5.47 -18.41 -11.26
C ALA D 62 6.29 -19.00 -12.44
N ASP D 63 6.76 -18.12 -13.34
CA ASP D 63 7.58 -18.48 -14.47
C ASP D 63 9.03 -18.47 -14.02
N ALA D 64 9.73 -19.61 -14.23
CA ALA D 64 11.13 -19.75 -13.88
C ALA D 64 12.01 -19.00 -14.87
N ASP D 65 11.52 -18.77 -16.10
CA ASP D 65 12.28 -18.07 -17.15
C ASP D 65 12.20 -16.50 -17.08
N GLU D 66 11.46 -15.96 -16.09
CA GLU D 66 11.42 -14.51 -15.91
C GLU D 66 12.74 -14.06 -15.31
N ASN D 67 13.14 -12.85 -15.66
CA ASN D 67 14.31 -12.23 -15.10
C ASN D 67 14.02 -10.77 -14.97
N PHE D 68 13.76 -10.30 -13.73
CA PHE D 68 13.50 -8.89 -13.44
C PHE D 68 14.77 -8.08 -13.53
N TYR D 69 14.68 -6.93 -14.21
CA TYR D 69 15.82 -6.03 -14.46
C TYR D 69 15.66 -4.71 -13.76
N THR D 70 14.42 -4.27 -13.57
CA THR D 70 14.09 -2.96 -13.06
C THR D 70 12.91 -3.00 -12.11
N CYS D 71 12.78 -1.92 -11.31
CA CYS D 71 11.68 -1.66 -10.41
C CYS D 71 11.56 -0.18 -10.17
N ALA D 72 10.36 0.26 -9.78
CA ALA D 72 10.08 1.65 -9.46
C ALA D 72 8.93 1.70 -8.48
N TRP D 73 9.03 2.58 -7.50
CA TRP D 73 8.06 2.81 -6.45
C TRP D 73 7.14 3.92 -6.83
N THR D 74 5.85 3.73 -6.51
CA THR D 74 4.80 4.74 -6.61
C THR D 74 3.90 4.61 -5.38
N TYR D 75 2.73 5.27 -5.43
CA TYR D 75 1.73 5.17 -4.39
C TYR D 75 0.35 5.21 -5.04
N ASP D 76 -0.66 4.62 -4.36
CA ASP D 76 -2.06 4.70 -4.78
C ASP D 76 -2.58 6.01 -4.15
N SER D 77 -3.11 6.93 -4.99
CA SER D 77 -3.61 8.26 -4.57
C SER D 77 -4.65 8.16 -3.43
N ASN D 78 -5.61 7.22 -3.58
CA ASN D 78 -6.71 6.97 -2.65
C ASN D 78 -6.22 6.28 -1.40
N THR D 79 -5.93 4.95 -1.50
CA THR D 79 -5.54 4.05 -0.41
C THR D 79 -4.32 4.50 0.41
N SER D 80 -3.44 5.35 -0.17
CA SER D 80 -2.17 5.82 0.41
C SER D 80 -1.19 4.65 0.64
N HIS D 81 -1.28 3.59 -0.18
CA HIS D 81 -0.40 2.42 -0.12
C HIS D 81 0.78 2.60 -1.07
N PRO D 82 2.02 2.19 -0.67
CA PRO D 82 3.11 2.22 -1.65
C PRO D 82 2.87 1.07 -2.65
N LEU D 83 3.30 1.27 -3.88
CA LEU D 83 3.19 0.27 -4.93
C LEU D 83 4.56 0.15 -5.56
N LEU D 84 4.88 -1.05 -5.96
CA LEU D 84 6.14 -1.30 -6.60
C LEU D 84 5.89 -1.98 -7.93
N ALA D 85 6.32 -1.32 -9.01
CA ALA D 85 6.28 -1.86 -10.36
C ALA D 85 7.64 -2.55 -10.62
N VAL D 86 7.59 -3.74 -11.22
CA VAL D 86 8.76 -4.52 -11.59
C VAL D 86 8.56 -5.02 -13.02
N ALA D 87 9.66 -5.28 -13.74
CA ALA D 87 9.63 -5.80 -15.11
C ALA D 87 11.05 -6.25 -15.48
N GLY D 88 11.13 -7.13 -16.46
CA GLY D 88 12.40 -7.64 -16.93
C GLY D 88 12.34 -8.21 -18.33
N SER D 89 12.99 -9.37 -18.51
CA SER D 89 13.16 -10.07 -19.79
C SER D 89 11.88 -10.48 -20.51
N ARG D 90 10.80 -10.82 -19.79
CA ARG D 90 9.55 -11.27 -20.43
C ARG D 90 8.67 -10.14 -21.03
N GLY D 91 9.02 -8.88 -20.74
CA GLY D 91 8.31 -7.72 -21.26
C GLY D 91 7.00 -7.42 -20.57
N ILE D 92 6.81 -7.99 -19.37
CA ILE D 92 5.60 -7.83 -18.57
C ILE D 92 5.88 -6.92 -17.39
N ILE D 93 5.00 -5.92 -17.20
CA ILE D 93 5.02 -4.98 -16.06
C ILE D 93 4.10 -5.58 -15.03
N ARG D 94 4.56 -5.68 -13.79
CA ARG D 94 3.78 -6.14 -12.63
C ARG D 94 3.72 -5.03 -11.62
N ILE D 95 2.51 -4.71 -11.11
CA ILE D 95 2.33 -3.72 -10.06
C ILE D 95 2.05 -4.47 -8.77
N ILE D 96 3.03 -4.55 -7.87
CA ILE D 96 2.89 -5.23 -6.58
C ILE D 96 2.42 -4.27 -5.49
N ASN D 97 1.55 -4.75 -4.58
CA ASN D 97 1.08 -3.99 -3.43
C ASN D 97 1.73 -4.64 -2.20
N PRO D 98 2.79 -4.02 -1.61
CA PRO D 98 3.45 -4.65 -0.45
C PRO D 98 2.60 -4.64 0.84
N ILE D 99 1.52 -3.86 0.90
CA ILE D 99 0.60 -3.80 2.05
C ILE D 99 -0.32 -5.02 2.04
N THR D 100 -0.79 -5.39 0.85
CA THR D 100 -1.72 -6.49 0.59
C THR D 100 -0.99 -7.78 0.26
N MET D 101 0.30 -7.68 -0.10
CA MET D 101 1.18 -8.79 -0.47
C MET D 101 0.67 -9.52 -1.71
N GLN D 102 0.20 -8.76 -2.73
CA GLN D 102 -0.33 -9.32 -3.98
C GLN D 102 0.07 -8.54 -5.25
N CYS D 103 -0.01 -9.22 -6.42
CA CYS D 103 0.18 -8.58 -7.72
C CYS D 103 -1.18 -7.93 -8.04
N ILE D 104 -1.26 -6.60 -7.94
CA ILE D 104 -2.52 -5.90 -8.07
C ILE D 104 -2.91 -5.56 -9.56
N LYS D 105 -1.92 -5.55 -10.50
CA LYS D 105 -2.09 -5.24 -11.95
C LYS D 105 -0.91 -5.82 -12.75
N HIS D 106 -1.10 -5.97 -14.09
CA HIS D 106 -0.04 -6.37 -15.01
C HIS D 106 -0.30 -5.91 -16.47
N TYR D 107 0.78 -5.49 -17.17
CA TYR D 107 0.72 -5.01 -18.55
C TYR D 107 1.64 -5.80 -19.45
N VAL D 108 1.04 -6.39 -20.47
CA VAL D 108 1.68 -7.12 -21.54
C VAL D 108 1.41 -6.23 -22.75
N GLY D 109 2.36 -6.09 -23.63
CA GLY D 109 2.21 -5.20 -24.78
C GLY D 109 3.55 -4.88 -25.42
N HIS D 110 4.62 -4.75 -24.59
CA HIS D 110 5.97 -4.57 -25.14
C HIS D 110 6.31 -5.85 -25.87
N GLY D 111 6.89 -5.69 -27.05
CA GLY D 111 7.28 -6.83 -27.88
C GLY D 111 8.62 -7.44 -27.53
N ASN D 112 9.22 -7.01 -26.40
CA ASN D 112 10.48 -7.49 -25.89
C ASN D 112 10.72 -7.09 -24.43
N ALA D 113 11.92 -7.38 -23.89
CA ALA D 113 12.36 -7.09 -22.51
C ALA D 113 12.24 -5.61 -22.16
N ILE D 114 11.92 -5.29 -20.88
CA ILE D 114 11.83 -3.92 -20.37
C ILE D 114 13.10 -3.65 -19.55
N ASN D 115 13.90 -2.64 -19.96
CA ASN D 115 15.16 -2.32 -19.27
C ASN D 115 15.05 -1.30 -18.18
N GLU D 116 14.02 -0.43 -18.27
CA GLU D 116 13.79 0.59 -17.25
C GLU D 116 12.33 0.91 -17.15
N LEU D 117 11.91 1.23 -15.93
CA LEU D 117 10.59 1.61 -15.45
C LEU D 117 10.82 2.87 -14.63
N LYS D 118 10.04 3.92 -14.90
CA LYS D 118 10.10 5.16 -14.18
C LYS D 118 8.68 5.71 -13.99
N PHE D 119 8.38 6.23 -12.81
CA PHE D 119 7.11 6.88 -12.47
C PHE D 119 7.25 8.38 -12.56
N HIS D 120 6.20 9.04 -13.10
CA HIS D 120 6.10 10.49 -13.28
C HIS D 120 6.30 11.14 -11.92
N PRO D 121 7.22 12.13 -11.80
CA PRO D 121 7.48 12.75 -10.49
C PRO D 121 6.30 13.42 -9.78
N ARG D 122 5.24 13.77 -10.52
CA ARG D 122 4.11 14.49 -9.95
C ARG D 122 2.78 13.69 -10.00
N ASP D 123 2.57 12.86 -11.06
CA ASP D 123 1.37 12.02 -11.22
C ASP D 123 1.76 10.56 -10.91
N PRO D 124 1.32 9.99 -9.76
CA PRO D 124 1.74 8.61 -9.42
C PRO D 124 1.25 7.52 -10.35
N ASN D 125 0.31 7.86 -11.25
CA ASN D 125 -0.32 6.92 -12.17
C ASN D 125 0.36 6.77 -13.52
N LEU D 126 1.28 7.70 -13.86
CA LEU D 126 1.95 7.67 -15.16
C LEU D 126 3.26 6.89 -15.09
N LEU D 127 3.27 5.71 -15.70
CA LEU D 127 4.43 4.83 -15.71
C LEU D 127 5.04 4.77 -17.09
N LEU D 128 6.34 5.02 -17.14
CA LEU D 128 7.13 4.95 -18.36
C LEU D 128 7.95 3.65 -18.35
N SER D 129 7.83 2.87 -19.41
CA SER D 129 8.59 1.63 -19.58
C SER D 129 9.42 1.80 -20.82
N VAL D 130 10.64 1.28 -20.79
CA VAL D 130 11.67 1.42 -21.81
C VAL D 130 12.05 0.03 -22.30
N SER D 131 11.89 -0.25 -23.61
CA SER D 131 12.10 -1.65 -24.03
C SER D 131 13.19 -1.97 -25.06
N LYS D 132 13.63 -3.25 -25.03
CA LYS D 132 14.50 -3.91 -25.98
C LYS D 132 13.85 -3.91 -27.38
N ASP D 133 12.50 -3.72 -27.49
CA ASP D 133 11.70 -3.61 -28.74
C ASP D 133 11.91 -2.32 -29.54
N HIS D 134 12.70 -1.34 -28.99
CA HIS D 134 13.08 -0.03 -29.57
C HIS D 134 12.14 1.14 -29.13
N ALA D 135 11.06 0.86 -28.45
CA ALA D 135 10.10 1.87 -28.02
C ALA D 135 10.02 2.14 -26.50
N LEU D 136 9.45 3.28 -26.15
CA LEU D 136 9.17 3.69 -24.77
C LEU D 136 7.63 3.67 -24.75
N ARG D 137 7.03 3.35 -23.60
CA ARG D 137 5.59 3.37 -23.44
C ARG D 137 5.20 4.11 -22.19
N LEU D 138 4.21 4.99 -22.33
CA LEU D 138 3.64 5.73 -21.23
C LEU D 138 2.29 5.09 -20.95
N TRP D 139 2.15 4.54 -19.74
CA TRP D 139 0.93 3.87 -19.26
C TRP D 139 0.24 4.72 -18.19
N ASN D 140 -1.10 4.62 -18.10
CA ASN D 140 -1.90 5.23 -17.04
C ASN D 140 -2.36 4.03 -16.22
N ILE D 141 -1.76 3.87 -15.04
CA ILE D 141 -1.97 2.74 -14.14
C ILE D 141 -3.34 2.82 -13.40
N GLN D 142 -4.07 3.96 -13.47
CA GLN D 142 -5.40 4.12 -12.89
C GLN D 142 -6.45 3.54 -13.84
N THR D 143 -6.43 3.96 -15.12
CA THR D 143 -7.43 3.51 -16.10
C THR D 143 -6.96 2.36 -16.97
N ASP D 144 -5.77 1.80 -16.69
CA ASP D 144 -5.12 0.70 -17.40
C ASP D 144 -5.02 0.94 -18.92
N THR D 145 -4.66 2.18 -19.28
CA THR D 145 -4.55 2.60 -20.68
C THR D 145 -3.12 2.86 -21.06
N LEU D 146 -2.82 2.72 -22.35
CA LEU D 146 -1.51 3.03 -22.88
C LEU D 146 -1.66 4.43 -23.45
N VAL D 147 -1.14 5.46 -22.76
CA VAL D 147 -1.25 6.84 -23.21
C VAL D 147 -0.54 7.11 -24.55
N ALA D 148 0.73 6.66 -24.68
CA ALA D 148 1.55 6.89 -25.88
C ALA D 148 2.60 5.83 -26.07
N ILE D 149 3.06 5.69 -27.32
CA ILE D 149 4.20 4.87 -27.71
C ILE D 149 5.22 5.84 -28.31
N PHE D 150 6.39 5.96 -27.68
CA PHE D 150 7.49 6.79 -28.14
C PHE D 150 8.48 5.89 -28.90
N GLY D 151 8.29 5.83 -30.21
CA GLY D 151 9.08 5.00 -31.12
C GLY D 151 8.55 5.17 -32.54
N GLY D 152 9.28 4.63 -33.51
CA GLY D 152 8.92 4.72 -34.92
C GLY D 152 10.01 5.29 -35.79
N VAL D 153 9.64 5.94 -36.91
CA VAL D 153 10.55 6.46 -37.94
C VAL D 153 11.70 7.27 -37.38
N GLU D 154 11.44 8.13 -36.37
CA GLU D 154 12.55 8.90 -35.81
C GLU D 154 12.79 8.56 -34.36
N GLY D 155 12.35 7.37 -33.98
CA GLY D 155 12.58 6.80 -32.67
C GLY D 155 13.90 6.02 -32.62
N HIS D 156 14.14 5.31 -31.51
CA HIS D 156 15.33 4.51 -31.33
C HIS D 156 15.42 3.40 -32.37
N ARG D 157 16.63 3.22 -32.95
CA ARG D 157 16.92 2.24 -33.99
C ARG D 157 17.34 0.91 -33.38
N ASP D 158 17.65 0.91 -32.09
CA ASP D 158 18.06 -0.27 -31.34
C ASP D 158 17.41 -0.20 -29.95
N GLU D 159 17.66 -1.19 -29.13
CA GLU D 159 17.20 -1.36 -27.76
C GLU D 159 17.34 -0.07 -26.92
N VAL D 160 16.24 0.33 -26.24
CA VAL D 160 16.21 1.52 -25.37
C VAL D 160 16.68 1.01 -23.99
N LEU D 161 17.73 1.62 -23.46
CA LEU D 161 18.29 1.12 -22.21
C LEU D 161 17.90 1.90 -20.96
N SER D 162 17.65 3.19 -21.10
CA SER D 162 17.35 4.05 -19.96
C SER D 162 16.51 5.25 -20.38
N ALA D 163 15.80 5.83 -19.40
CA ALA D 163 15.00 7.03 -19.58
C ALA D 163 14.78 7.73 -18.25
N ASP D 164 14.52 9.03 -18.30
CA ASP D 164 14.29 9.78 -17.08
C ASP D 164 13.36 10.94 -17.36
N TYR D 165 12.40 11.19 -16.45
CA TYR D 165 11.59 12.41 -16.50
C TYR D 165 12.47 13.51 -15.91
N ASP D 166 12.15 14.77 -16.24
CA ASP D 166 12.80 15.92 -15.61
C ASP D 166 12.08 16.12 -14.22
N LEU D 167 12.59 17.00 -13.35
CA LEU D 167 12.03 17.26 -12.02
C LEU D 167 10.51 17.50 -12.00
N LEU D 168 9.93 18.31 -12.88
CA LEU D 168 8.48 18.55 -12.87
C LEU D 168 7.61 17.66 -13.80
N GLY D 169 8.22 16.70 -14.49
CA GLY D 169 7.51 15.80 -15.40
C GLY D 169 7.00 16.45 -16.66
N GLU D 170 7.75 17.43 -17.19
CA GLU D 170 7.40 18.17 -18.41
C GLU D 170 7.98 17.51 -19.68
N LYS D 171 9.08 16.76 -19.50
CA LYS D 171 9.79 16.08 -20.58
C LYS D 171 10.55 14.84 -20.08
N ILE D 172 10.81 13.90 -21.01
CA ILE D 172 11.55 12.63 -20.86
C ILE D 172 12.80 12.69 -21.76
N MET D 173 13.92 12.13 -21.29
CA MET D 173 15.15 11.96 -22.05
C MET D 173 15.44 10.46 -22.06
N SER D 174 15.55 9.86 -23.27
CA SER D 174 15.81 8.43 -23.41
C SER D 174 17.15 8.19 -24.08
N CYS D 175 17.71 7.00 -23.90
CA CYS D 175 18.99 6.62 -24.49
C CYS D 175 19.02 5.11 -24.82
N GLY D 176 19.78 4.74 -25.85
CA GLY D 176 19.84 3.35 -26.21
C GLY D 176 21.13 2.79 -26.77
N MET D 177 21.00 1.61 -27.39
CA MET D 177 22.08 0.91 -28.04
C MET D 177 22.40 1.48 -29.40
N ASP D 178 21.51 2.33 -29.93
CA ASP D 178 21.72 3.03 -31.20
C ASP D 178 22.66 4.27 -31.02
N HIS D 179 23.22 4.49 -29.80
CA HIS D 179 24.15 5.57 -29.37
C HIS D 179 23.42 6.90 -29.21
N SER D 180 22.11 6.88 -29.33
CA SER D 180 21.24 8.06 -29.30
C SER D 180 20.72 8.43 -27.94
N LEU D 181 20.50 9.74 -27.78
CA LEU D 181 19.82 10.35 -26.63
C LEU D 181 18.74 11.17 -27.25
N LYS D 182 17.49 10.81 -26.93
CA LYS D 182 16.30 11.47 -27.50
C LYS D 182 15.42 12.15 -26.45
N LEU D 183 14.86 13.31 -26.81
CA LEU D 183 14.01 14.09 -25.91
C LEU D 183 12.58 13.98 -26.36
N TRP D 184 11.69 13.65 -25.45
CA TRP D 184 10.26 13.52 -25.74
C TRP D 184 9.50 14.38 -24.71
N ARG D 185 8.91 15.48 -25.19
CA ARG D 185 8.17 16.46 -24.39
C ARG D 185 6.81 15.90 -24.04
N ILE D 186 6.44 15.99 -22.76
CA ILE D 186 5.11 15.46 -22.41
C ILE D 186 4.20 16.60 -21.91
N ASN D 187 4.62 17.86 -22.11
CA ASN D 187 3.84 19.05 -21.74
C ASN D 187 3.25 19.70 -23.01
N SER D 188 3.37 19.00 -24.15
CA SER D 188 2.82 19.44 -25.42
C SER D 188 1.30 19.32 -25.36
N LYS D 189 0.58 20.08 -26.19
CA LYS D 189 -0.88 20.04 -26.22
C LYS D 189 -1.37 18.63 -26.55
N ARG D 190 -0.72 17.92 -27.49
CA ARG D 190 -1.01 16.54 -27.91
C ARG D 190 -0.88 15.61 -26.72
N MET D 191 0.23 15.72 -25.99
CA MET D 191 0.49 14.85 -24.87
C MET D 191 -0.36 15.15 -23.65
N MET D 192 -0.60 16.46 -23.34
CA MET D 192 -1.44 16.83 -22.19
C MET D 192 -2.88 16.35 -22.39
N ASN D 193 -3.39 16.42 -23.64
CA ASN D 193 -4.73 15.95 -23.99
C ASN D 193 -4.82 14.43 -23.91
N ALA D 194 -3.79 13.72 -24.42
CA ALA D 194 -3.75 12.26 -24.36
C ALA D 194 -3.80 11.77 -22.91
N ILE D 195 -3.07 12.44 -21.97
CA ILE D 195 -3.06 12.12 -20.53
C ILE D 195 -4.48 12.34 -19.97
N LYS D 196 -5.09 13.50 -20.28
CA LYS D 196 -6.45 13.88 -19.89
C LYS D 196 -7.43 12.83 -20.40
N GLU D 197 -7.43 12.54 -21.71
CA GLU D 197 -8.28 11.54 -22.34
C GLU D 197 -8.13 10.13 -21.74
N SER D 198 -6.91 9.78 -21.22
CA SER D 198 -6.67 8.47 -20.64
C SER D 198 -7.41 8.33 -19.32
N TYR D 199 -7.53 9.44 -18.60
CA TYR D 199 -8.26 9.52 -17.34
C TYR D 199 -9.78 9.45 -17.56
N ASP D 200 -10.29 10.03 -18.68
CA ASP D 200 -11.71 10.00 -19.04
C ASP D 200 -12.14 8.63 -19.52
N TYR D 201 -11.19 7.85 -20.09
CA TYR D 201 -11.48 6.52 -20.61
C TYR D 201 -12.12 5.56 -19.60
N ASN D 202 -13.28 5.01 -20.00
CA ASN D 202 -14.07 4.04 -19.25
C ASN D 202 -14.51 2.98 -20.27
N PRO D 203 -13.93 1.76 -20.21
CA PRO D 203 -14.30 0.74 -21.22
C PRO D 203 -15.72 0.23 -21.07
N ASN D 204 -16.35 0.50 -19.91
CA ASN D 204 -17.73 0.10 -19.64
C ASN D 204 -18.73 1.04 -20.33
N LYS D 205 -18.37 2.34 -20.47
CA LYS D 205 -19.22 3.33 -21.15
C LYS D 205 -18.95 3.42 -22.68
N THR D 206 -18.16 2.48 -23.25
CA THR D 206 -17.85 2.47 -24.69
C THR D 206 -17.58 1.07 -25.25
N ASN D 207 -17.65 0.95 -26.58
CA ASN D 207 -17.41 -0.29 -27.34
C ASN D 207 -16.07 -0.20 -28.10
N ARG D 208 -15.49 1.02 -28.19
CA ARG D 208 -14.25 1.28 -28.90
C ARG D 208 -13.02 1.32 -27.95
N PRO D 209 -11.82 0.85 -28.43
CA PRO D 209 -10.63 0.87 -27.55
C PRO D 209 -10.06 2.28 -27.40
N PHE D 210 -9.26 2.49 -26.32
CA PHE D 210 -8.58 3.78 -26.13
C PHE D 210 -7.56 3.94 -27.25
N ILE D 211 -7.44 5.17 -27.78
CA ILE D 211 -6.50 5.47 -28.86
C ILE D 211 -5.20 6.02 -28.28
N SER D 212 -4.16 5.19 -28.35
CA SER D 212 -2.81 5.52 -27.90
C SER D 212 -2.17 6.44 -28.93
N GLN D 213 -1.37 7.42 -28.47
CA GLN D 213 -0.64 8.30 -29.36
C GLN D 213 0.60 7.55 -29.89
N LYS D 214 0.90 7.70 -31.17
CA LYS D 214 2.10 7.10 -31.72
C LYS D 214 2.98 8.28 -32.05
N ILE D 215 3.94 8.57 -31.12
CA ILE D 215 4.91 9.65 -31.21
C ILE D 215 6.14 9.10 -31.98
N HIS D 216 6.18 9.32 -33.30
CA HIS D 216 7.31 8.85 -34.12
C HIS D 216 8.50 9.80 -34.10
N PHE D 217 8.28 11.05 -33.70
CA PHE D 217 9.33 12.05 -33.74
C PHE D 217 9.71 12.65 -32.38
N PRO D 218 11.02 12.58 -31.96
CA PRO D 218 11.43 13.19 -30.69
C PRO D 218 11.55 14.69 -30.87
N ASP D 219 11.68 15.39 -29.76
CA ASP D 219 11.77 16.85 -29.71
C ASP D 219 13.20 17.35 -29.84
N PHE D 220 14.15 16.40 -29.95
CA PHE D 220 15.61 16.55 -30.09
C PHE D 220 16.19 15.15 -30.11
N SER D 221 17.30 14.96 -30.85
CA SER D 221 18.02 13.70 -30.94
C SER D 221 19.50 13.99 -31.18
N THR D 222 20.41 13.23 -30.54
CA THR D 222 21.85 13.33 -30.76
C THR D 222 22.54 11.97 -30.69
N ARG D 223 23.67 11.84 -31.40
CA ARG D 223 24.52 10.64 -31.41
C ARG D 223 25.99 11.09 -31.17
N ASP D 224 26.19 12.39 -30.85
CA ASP D 224 27.52 13.00 -30.71
C ASP D 224 28.01 13.22 -29.28
N ILE D 225 27.50 12.46 -28.31
CA ILE D 225 27.95 12.55 -26.90
C ILE D 225 28.81 11.33 -26.63
N HIS D 226 28.29 10.15 -26.99
CA HIS D 226 29.00 8.91 -26.81
C HIS D 226 29.25 8.19 -28.15
N ARG D 227 30.37 7.45 -28.20
CA ARG D 227 30.83 6.65 -29.32
C ARG D 227 30.24 5.21 -29.28
N ASN D 228 29.63 4.81 -28.16
CA ASN D 228 29.02 3.49 -28.06
C ASN D 228 27.60 3.59 -27.48
N TYR D 229 27.01 2.46 -27.03
CA TYR D 229 25.67 2.37 -26.46
C TYR D 229 25.57 3.28 -25.22
N VAL D 230 24.39 3.92 -25.00
CA VAL D 230 24.17 4.78 -23.83
C VAL D 230 23.30 3.99 -22.89
N ASP D 231 23.82 3.55 -21.73
CA ASP D 231 23.08 2.64 -20.84
C ASP D 231 22.45 3.30 -19.60
N CYS D 232 22.69 4.60 -19.36
CA CYS D 232 22.08 5.32 -18.25
C CYS D 232 21.99 6.79 -18.58
N VAL D 233 20.84 7.38 -18.29
CA VAL D 233 20.55 8.81 -18.53
C VAL D 233 19.72 9.36 -17.39
N ARG D 234 20.15 10.51 -16.84
CA ARG D 234 19.43 11.23 -15.77
C ARG D 234 19.54 12.72 -16.01
N TRP D 235 18.43 13.46 -15.83
CA TRP D 235 18.46 14.92 -15.91
C TRP D 235 19.16 15.44 -14.63
N LEU D 236 19.91 16.54 -14.75
CA LEU D 236 20.53 17.29 -13.64
C LEU D 236 19.98 18.69 -13.90
N GLY D 237 18.76 18.92 -13.45
CA GLY D 237 18.07 20.18 -13.71
C GLY D 237 17.62 20.21 -15.16
N ASP D 238 18.22 21.11 -15.96
CA ASP D 238 17.93 21.23 -17.40
C ASP D 238 19.13 20.68 -18.23
N LEU D 239 20.17 20.23 -17.53
CA LEU D 239 21.36 19.60 -18.08
C LEU D 239 21.14 18.08 -18.10
N ILE D 240 21.98 17.34 -18.83
CA ILE D 240 21.83 15.89 -18.92
C ILE D 240 23.09 15.24 -18.48
N LEU D 241 22.93 14.14 -17.75
CA LEU D 241 24.00 13.28 -17.26
C LEU D 241 23.79 11.92 -17.94
N SER D 242 24.80 11.42 -18.66
CA SER D 242 24.71 10.12 -19.35
C SER D 242 26.05 9.41 -19.47
N LYS D 243 25.99 8.09 -19.58
CA LYS D 243 27.20 7.31 -19.71
C LYS D 243 27.08 6.22 -20.77
N SER D 244 28.25 5.74 -21.21
CA SER D 244 28.49 4.65 -22.16
C SER D 244 29.55 3.78 -21.50
N CYS D 245 30.27 2.98 -22.27
CA CYS D 245 31.36 2.12 -21.78
C CYS D 245 32.73 2.82 -21.85
N GLU D 246 32.76 4.15 -22.04
CA GLU D 246 33.99 4.96 -22.16
C GLU D 246 34.55 5.49 -20.84
N ASN D 247 34.16 4.85 -19.72
CA ASN D 247 34.58 5.17 -18.35
C ASN D 247 34.41 6.66 -17.94
N ALA D 248 33.29 7.27 -18.35
CA ALA D 248 32.93 8.65 -17.99
C ALA D 248 31.42 8.91 -18.07
N ILE D 249 30.92 9.74 -17.11
CA ILE D 249 29.56 10.28 -17.07
C ILE D 249 29.75 11.67 -17.67
N VAL D 250 29.05 11.95 -18.77
CA VAL D 250 29.17 13.20 -19.50
C VAL D 250 28.03 14.10 -19.11
N CYS D 251 28.35 15.34 -18.75
CA CYS D 251 27.34 16.35 -18.42
C CYS D 251 27.27 17.23 -19.66
N TRP D 252 26.04 17.35 -20.22
CA TRP D 252 25.88 18.09 -21.46
C TRP D 252 24.50 18.71 -21.59
N LYS D 253 24.26 19.47 -22.68
CA LYS D 253 22.95 20.06 -22.92
C LYS D 253 22.62 20.13 -24.42
N PRO D 254 21.33 19.99 -24.82
CA PRO D 254 21.00 20.15 -26.26
C PRO D 254 21.29 21.60 -26.67
N GLY D 255 21.61 21.81 -27.94
CA GLY D 255 21.92 23.11 -28.51
C GLY D 255 23.25 23.69 -28.07
N LYS D 256 23.43 25.00 -28.33
CA LYS D 256 24.62 25.78 -27.95
C LYS D 256 24.51 26.18 -26.47
N MET D 257 25.63 26.63 -25.87
CA MET D 257 25.72 27.04 -24.47
C MET D 257 24.53 27.85 -23.94
N GLU D 258 24.14 28.88 -24.67
CA GLU D 258 23.09 29.80 -24.26
C GLU D 258 21.67 29.32 -24.63
N ASP D 259 21.56 28.26 -25.44
CA ASP D 259 20.26 27.75 -25.84
C ASP D 259 19.45 27.15 -24.68
N ASP D 260 18.23 27.67 -24.50
CA ASP D 260 17.31 27.26 -23.44
C ASP D 260 16.68 25.94 -23.86
N ILE D 261 16.59 25.00 -22.90
CA ILE D 261 16.03 23.66 -23.15
C ILE D 261 14.64 23.72 -23.77
N ASP D 262 13.76 24.63 -23.28
CA ASP D 262 12.39 24.75 -23.76
C ASP D 262 12.25 25.53 -25.09
N LYS D 263 13.37 26.03 -25.66
CA LYS D 263 13.38 26.73 -26.95
C LYS D 263 14.07 25.91 -28.06
N ILE D 264 14.56 24.69 -27.73
CA ILE D 264 15.25 23.80 -28.65
C ILE D 264 14.28 23.19 -29.66
N LYS D 265 14.55 23.47 -30.95
CA LYS D 265 13.78 22.99 -32.11
C LYS D 265 14.13 21.52 -32.39
N PRO D 266 13.21 20.68 -32.95
CA PRO D 266 13.56 19.26 -33.20
C PRO D 266 14.75 19.03 -34.15
N SER D 267 14.98 19.96 -35.10
CA SER D 267 16.09 19.95 -36.09
C SER D 267 17.44 20.41 -35.55
N GLU D 268 17.54 20.72 -34.23
CA GLU D 268 18.78 21.13 -33.58
C GLU D 268 19.91 20.08 -33.76
N SER D 269 20.99 20.47 -34.40
CA SER D 269 22.16 19.62 -34.68
C SER D 269 23.29 19.79 -33.66
N ASN D 270 23.14 20.74 -32.74
CA ASN D 270 24.17 21.08 -31.76
C ASN D 270 24.00 20.47 -30.36
N VAL D 271 25.13 20.26 -29.70
CA VAL D 271 25.25 19.80 -28.32
C VAL D 271 26.40 20.58 -27.68
N THR D 272 26.29 20.83 -26.36
CA THR D 272 27.32 21.51 -25.59
C THR D 272 27.73 20.57 -24.46
N ILE D 273 28.98 20.07 -24.47
CA ILE D 273 29.49 19.22 -23.40
C ILE D 273 30.03 20.17 -22.31
N LEU D 274 29.39 20.18 -21.13
CA LEU D 274 29.79 21.03 -20.02
C LEU D 274 30.99 20.46 -19.28
N GLY D 275 31.03 19.15 -19.14
CA GLY D 275 32.13 18.48 -18.46
C GLY D 275 31.88 17.00 -18.31
N ARG D 276 32.77 16.31 -17.59
CA ARG D 276 32.64 14.87 -17.39
C ARG D 276 33.18 14.40 -16.05
N PHE D 277 32.67 13.25 -15.55
CA PHE D 277 33.04 12.62 -14.30
C PHE D 277 33.74 11.33 -14.68
N ASP D 278 35.03 11.27 -14.42
CA ASP D 278 35.90 10.16 -14.76
C ASP D 278 36.01 9.12 -13.66
N TYR D 279 36.26 7.86 -14.08
CA TYR D 279 36.41 6.65 -13.25
C TYR D 279 36.98 5.57 -14.15
N SER D 280 37.21 4.38 -13.61
CA SER D 280 37.75 3.27 -14.39
C SER D 280 37.00 1.97 -14.13
N GLN D 281 37.28 0.98 -15.01
CA GLN D 281 36.76 -0.38 -15.01
C GLN D 281 35.24 -0.45 -14.95
N CYS D 282 34.60 0.21 -15.91
CA CYS D 282 33.16 0.19 -16.10
C CYS D 282 32.91 0.23 -17.62
N ASP D 283 33.53 -0.71 -18.32
CA ASP D 283 33.45 -0.83 -19.76
C ASP D 283 32.50 -1.99 -20.18
N ILE D 284 31.82 -2.58 -19.19
CA ILE D 284 30.80 -3.61 -19.41
C ILE D 284 29.41 -2.93 -19.50
N TRP D 285 28.55 -3.52 -20.30
CA TRP D 285 27.19 -3.08 -20.61
C TRP D 285 26.23 -3.20 -19.39
N TYR D 286 25.22 -2.30 -19.30
CA TYR D 286 24.14 -2.30 -18.28
C TYR D 286 24.65 -1.98 -16.84
N MET D 287 25.28 -0.80 -16.70
CA MET D 287 25.85 -0.31 -15.44
C MET D 287 25.27 1.08 -15.15
N ARG D 288 24.48 1.19 -14.07
CA ARG D 288 23.73 2.41 -13.77
C ARG D 288 24.23 3.26 -12.61
N PHE D 289 24.15 4.58 -12.85
CA PHE D 289 24.47 5.60 -11.87
C PHE D 289 23.18 6.14 -11.30
N SER D 290 23.24 6.66 -10.08
CA SER D 290 22.08 7.20 -9.43
C SER D 290 22.41 8.48 -8.66
N MET D 291 21.39 9.25 -8.32
CA MET D 291 21.48 10.47 -7.55
C MET D 291 20.56 10.42 -6.36
N ASP D 292 20.89 11.20 -5.30
CA ASP D 292 20.01 11.37 -4.14
C ASP D 292 18.85 12.28 -4.58
N PHE D 293 17.78 12.39 -3.77
CA PHE D 293 16.61 13.20 -4.14
C PHE D 293 16.97 14.68 -4.43
N TRP D 294 17.86 15.23 -3.61
CA TRP D 294 18.29 16.62 -3.71
C TRP D 294 19.28 16.91 -4.84
N GLN D 295 19.64 15.88 -5.62
CA GLN D 295 20.55 15.92 -6.78
C GLN D 295 21.87 16.59 -6.41
N LYS D 296 22.40 16.29 -5.20
CA LYS D 296 23.66 16.85 -4.66
C LYS D 296 24.75 15.80 -4.67
N MET D 297 24.35 14.52 -4.69
CA MET D 297 25.22 13.35 -4.70
C MET D 297 25.02 12.51 -5.96
N LEU D 298 26.11 11.92 -6.47
CA LEU D 298 26.10 11.04 -7.63
C LEU D 298 26.92 9.76 -7.34
N ALA D 299 26.33 8.56 -7.56
CA ALA D 299 27.02 7.28 -7.31
C ALA D 299 27.04 6.35 -8.49
N LEU D 300 28.15 5.64 -8.63
CA LEU D 300 28.37 4.66 -9.69
C LEU D 300 29.35 3.61 -9.25
N GLY D 301 28.95 2.36 -9.38
CA GLY D 301 29.77 1.19 -9.11
C GLY D 301 30.43 0.70 -10.38
N ASN D 302 31.53 -0.06 -10.27
CA ASN D 302 32.20 -0.53 -11.45
C ASN D 302 32.23 -2.07 -11.51
N GLN D 303 32.86 -2.64 -12.55
CA GLN D 303 32.85 -4.08 -12.78
C GLN D 303 33.65 -4.91 -11.78
N VAL D 304 34.39 -4.24 -10.87
CA VAL D 304 35.23 -4.93 -9.88
C VAL D 304 34.86 -4.58 -8.43
N GLY D 305 33.69 -3.95 -8.23
CA GLY D 305 33.19 -3.66 -6.90
C GLY D 305 33.59 -2.35 -6.26
N LYS D 306 34.22 -1.44 -7.03
CA LYS D 306 34.56 -0.10 -6.54
C LYS D 306 33.30 0.74 -6.69
N LEU D 307 33.00 1.56 -5.69
CA LEU D 307 31.83 2.41 -5.70
C LEU D 307 32.29 3.87 -5.64
N TYR D 308 31.95 4.67 -6.65
CA TYR D 308 32.33 6.07 -6.75
C TYR D 308 31.19 6.99 -6.34
N VAL D 309 31.50 8.01 -5.52
CA VAL D 309 30.54 9.01 -5.04
C VAL D 309 31.10 10.40 -5.33
N TRP D 310 30.32 11.25 -6.02
CA TRP D 310 30.69 12.61 -6.40
C TRP D 310 29.78 13.61 -5.72
N ASP D 311 30.36 14.77 -5.32
CA ASP D 311 29.60 15.89 -4.77
C ASP D 311 29.23 16.72 -6.00
N LEU D 312 27.94 16.95 -6.23
CA LEU D 312 27.48 17.70 -7.39
C LEU D 312 27.36 19.20 -7.11
N GLU D 313 27.69 19.60 -5.87
CA GLU D 313 27.69 20.99 -5.40
C GLU D 313 29.10 21.59 -5.47
N VAL D 314 29.65 21.58 -6.69
CA VAL D 314 30.95 22.11 -7.09
C VAL D 314 30.79 22.64 -8.53
N GLU D 315 31.44 23.78 -8.86
CA GLU D 315 31.36 24.43 -10.18
C GLU D 315 31.93 23.60 -11.34
N ASP D 316 32.85 22.64 -11.07
CA ASP D 316 33.49 21.82 -12.10
C ASP D 316 33.41 20.31 -11.85
N PRO D 317 32.97 19.54 -12.88
CA PRO D 317 32.86 18.08 -12.73
C PRO D 317 34.21 17.37 -12.65
N HIS D 318 35.25 18.03 -13.17
CA HIS D 318 36.61 17.51 -13.15
C HIS D 318 37.21 17.68 -11.74
N LYS D 319 37.00 18.86 -11.12
CA LYS D 319 37.42 19.10 -9.75
C LYS D 319 36.26 18.85 -8.72
N ALA D 320 35.38 17.86 -9.05
CA ALA D 320 34.26 17.39 -8.23
C ALA D 320 34.79 16.28 -7.32
N LYS D 321 34.81 16.54 -6.00
CA LYS D 321 35.32 15.62 -4.97
C LYS D 321 34.76 14.20 -5.15
N CYS D 322 35.64 13.23 -5.43
CA CYS D 322 35.27 11.84 -5.66
C CYS D 322 35.86 10.89 -4.63
N THR D 323 34.98 10.26 -3.82
CA THR D 323 35.41 9.26 -2.86
C THR D 323 35.22 7.88 -3.48
N THR D 324 36.22 6.99 -3.30
CA THR D 324 36.16 5.63 -3.82
C THR D 324 35.90 4.69 -2.66
N LEU D 325 34.62 4.29 -2.54
CA LEU D 325 34.11 3.39 -1.52
C LEU D 325 34.52 1.98 -1.91
N THR D 326 35.29 1.34 -1.05
CA THR D 326 35.81 0.02 -1.36
C THR D 326 35.75 -0.94 -0.14
N HIS D 327 35.73 -2.25 -0.40
CA HIS D 327 35.70 -3.31 0.60
C HIS D 327 36.29 -4.59 0.00
N HIS D 328 37.15 -5.28 0.77
CA HIS D 328 37.83 -6.50 0.36
C HIS D 328 36.89 -7.62 -0.10
N LYS D 329 35.71 -7.75 0.54
CA LYS D 329 34.73 -8.79 0.21
C LYS D 329 33.80 -8.42 -0.99
N CYS D 330 33.94 -7.20 -1.53
CA CYS D 330 33.14 -6.70 -2.65
C CYS D 330 33.98 -6.63 -3.91
N GLY D 331 33.81 -7.61 -4.79
CA GLY D 331 34.55 -7.69 -6.04
C GLY D 331 33.76 -8.02 -7.29
N ALA D 332 32.42 -8.16 -7.20
CA ALA D 332 31.59 -8.44 -8.38
C ALA D 332 31.13 -7.11 -8.94
N ALA D 333 30.61 -7.12 -10.18
CA ALA D 333 30.13 -5.89 -10.83
C ALA D 333 28.90 -5.33 -10.09
N ILE D 334 28.99 -4.03 -9.70
CA ILE D 334 27.92 -3.29 -9.03
C ILE D 334 27.02 -2.79 -10.14
N ARG D 335 25.82 -3.41 -10.25
CA ARG D 335 24.85 -3.11 -11.31
C ARG D 335 24.11 -1.78 -11.19
N GLN D 336 23.71 -1.44 -9.97
CA GLN D 336 22.98 -0.19 -9.70
C GLN D 336 23.16 0.21 -8.23
N THR D 337 22.88 1.49 -7.95
CA THR D 337 22.98 2.06 -6.61
C THR D 337 21.69 2.78 -6.31
N SER D 338 21.43 2.99 -5.01
CA SER D 338 20.29 3.75 -4.56
C SER D 338 20.64 4.46 -3.29
N PHE D 339 20.25 5.72 -3.23
CA PHE D 339 20.40 6.62 -2.09
C PHE D 339 19.06 6.68 -1.41
N SER D 340 19.09 6.84 -0.06
CA SER D 340 17.86 7.04 0.71
C SER D 340 17.39 8.48 0.39
N ARG D 341 16.10 8.81 0.61
CA ARG D 341 15.60 10.15 0.29
C ARG D 341 16.52 11.27 0.85
N ASP D 342 16.92 11.10 2.14
CA ASP D 342 17.77 11.97 2.98
C ASP D 342 19.27 11.84 2.72
N SER D 343 19.68 10.92 1.82
CA SER D 343 21.08 10.69 1.41
C SER D 343 21.99 10.03 2.49
N SER D 344 21.43 9.62 3.64
CA SER D 344 22.17 8.97 4.74
C SER D 344 22.60 7.54 4.45
N ILE D 345 21.83 6.81 3.62
CA ILE D 345 22.15 5.43 3.26
C ILE D 345 22.33 5.31 1.75
N LEU D 346 23.36 4.55 1.37
CA LEU D 346 23.68 4.24 -0.01
C LEU D 346 23.81 2.72 -0.17
N ILE D 347 22.92 2.14 -0.99
CA ILE D 347 22.92 0.72 -1.28
C ILE D 347 23.48 0.47 -2.67
N ALA D 348 24.32 -0.57 -2.79
CA ALA D 348 24.90 -1.07 -4.04
C ALA D 348 24.53 -2.56 -4.18
N VAL D 349 24.13 -3.00 -5.41
CA VAL D 349 23.75 -4.41 -5.67
C VAL D 349 24.71 -5.01 -6.71
N CYS D 350 25.09 -6.30 -6.54
CA CYS D 350 26.08 -6.96 -7.40
C CYS D 350 25.64 -8.21 -8.11
N ASP D 351 26.46 -8.60 -9.11
CA ASP D 351 26.31 -9.79 -9.95
C ASP D 351 26.38 -11.12 -9.18
N ASP D 352 26.86 -11.09 -7.92
CA ASP D 352 26.93 -12.30 -7.10
C ASP D 352 25.77 -12.44 -6.11
N ALA D 353 24.69 -11.65 -6.28
CA ALA D 353 23.46 -11.57 -5.44
C ALA D 353 23.73 -10.86 -4.07
N SER D 354 24.74 -9.96 -4.06
CA SER D 354 25.17 -9.21 -2.87
C SER D 354 24.63 -7.79 -2.79
N ILE D 355 24.23 -7.40 -1.58
CA ILE D 355 23.75 -6.06 -1.26
C ILE D 355 24.81 -5.44 -0.32
N TRP D 356 25.20 -4.18 -0.56
CA TRP D 356 26.21 -3.49 0.25
C TRP D 356 25.66 -2.21 0.78
N ARG D 357 25.60 -2.09 2.11
CA ARG D 357 25.07 -0.92 2.79
C ARG D 357 26.19 0.01 3.20
N TRP D 358 26.09 1.27 2.77
CA TRP D 358 27.08 2.30 3.06
C TRP D 358 26.41 3.43 3.77
N ASP D 359 26.72 3.55 5.06
CA ASP D 359 26.14 4.61 5.86
C ASP D 359 26.99 5.88 5.84
N ARG D 360 26.30 7.01 5.62
CA ARG D 360 26.87 8.35 5.60
C ARG D 360 27.04 8.82 7.03
N LEU D 361 28.27 9.19 7.36
CA LEU D 361 28.66 9.76 8.65
C LEU D 361 29.98 10.46 8.43
N ASN E 28 -36.14 -33.92 40.91
CA ASN E 28 -35.85 -34.58 42.19
C ASN E 28 -34.35 -34.42 42.59
N ARG E 29 -33.83 -33.19 42.50
CA ARG E 29 -32.45 -32.88 42.89
C ARG E 29 -32.19 -31.40 43.05
N LEU E 30 -31.35 -31.06 44.00
CA LEU E 30 -31.01 -29.68 44.25
C LEU E 30 -30.14 -29.13 43.09
N TYR E 31 -30.67 -28.08 42.42
CA TYR E 31 -30.02 -27.35 41.35
C TYR E 31 -29.43 -26.03 41.92
N PHE E 32 -28.42 -25.51 41.23
CA PHE E 32 -27.65 -24.32 41.61
C PHE E 32 -27.56 -23.34 40.45
N HIS E 33 -27.53 -22.04 40.77
CA HIS E 33 -27.34 -20.96 39.78
C HIS E 33 -25.87 -21.00 39.32
N SER E 34 -25.64 -21.02 38.01
CA SER E 34 -24.30 -21.08 37.42
C SER E 34 -23.40 -19.86 37.71
N ASP E 35 -24.04 -18.66 37.94
CA ASP E 35 -23.33 -17.40 38.23
C ASP E 35 -22.90 -17.21 39.67
N THR E 36 -23.65 -17.79 40.63
CA THR E 36 -23.40 -17.62 42.06
C THR E 36 -23.12 -18.90 42.84
N CYS E 37 -23.51 -20.05 42.29
CA CYS E 37 -23.40 -21.36 42.92
C CYS E 37 -24.28 -21.49 44.12
N LEU E 38 -25.20 -20.55 44.28
CA LEU E 38 -26.17 -20.63 45.37
C LEU E 38 -27.31 -21.54 44.92
N PRO E 39 -27.92 -22.35 45.83
CA PRO E 39 -28.98 -23.28 45.38
C PRO E 39 -30.29 -22.63 44.99
N LEU E 40 -31.00 -23.27 44.07
CA LEU E 40 -32.33 -22.85 43.63
C LEU E 40 -33.35 -23.33 44.64
N ARG E 41 -34.29 -22.45 45.06
CA ARG E 41 -35.39 -22.81 45.97
C ARG E 41 -36.46 -23.55 45.13
N PRO E 42 -37.33 -24.40 45.73
CA PRO E 42 -38.36 -25.07 44.90
C PRO E 42 -39.35 -24.06 44.28
N GLN E 43 -39.46 -22.87 44.93
CA GLN E 43 -40.21 -21.70 44.49
C GLN E 43 -39.80 -21.29 43.04
N GLU E 44 -38.49 -21.23 42.74
CA GLU E 44 -37.91 -20.83 41.44
C GLU E 44 -38.17 -21.81 40.31
N MET E 45 -38.47 -23.08 40.68
CA MET E 45 -38.86 -24.24 39.87
C MET E 45 -38.00 -24.44 38.60
N GLU E 46 -36.74 -24.86 38.82
CA GLU E 46 -35.74 -25.18 37.79
C GLU E 46 -35.48 -24.03 36.75
N VAL E 47 -35.40 -22.77 37.22
CA VAL E 47 -35.13 -21.62 36.34
C VAL E 47 -33.82 -20.92 36.74
N ASP E 48 -32.80 -21.05 35.89
CA ASP E 48 -31.47 -20.45 36.01
C ASP E 48 -31.21 -19.82 34.65
N ASP E 49 -31.61 -18.55 34.48
CA ASP E 49 -31.48 -17.87 33.19
C ASP E 49 -30.52 -16.66 33.21
N GLU E 50 -29.42 -16.71 34.02
CA GLU E 50 -28.40 -15.64 33.97
C GLU E 50 -27.44 -15.94 32.79
N ASP E 51 -28.04 -16.43 31.68
CA ASP E 51 -27.48 -16.80 30.37
C ASP E 51 -28.16 -15.97 29.28
N GLU E 52 -28.05 -14.64 29.44
CA GLU E 52 -28.59 -13.62 28.55
C GLU E 52 -27.68 -13.46 27.34
N LYS E 53 -28.28 -13.13 26.17
CA LYS E 53 -27.65 -13.00 24.85
C LYS E 53 -26.39 -12.11 24.85
N ASP E 54 -26.50 -10.91 25.47
CA ASP E 54 -25.41 -9.95 25.61
C ASP E 54 -24.97 -9.84 27.09
N PRO E 55 -23.95 -10.62 27.55
CA PRO E 55 -23.49 -10.46 28.94
C PRO E 55 -22.98 -9.03 29.13
N GLU E 56 -23.39 -8.36 30.22
CA GLU E 56 -23.00 -6.98 30.45
C GLU E 56 -21.48 -6.75 30.29
N TRP E 57 -20.63 -7.64 30.84
CA TRP E 57 -19.16 -7.54 30.75
C TRP E 57 -18.66 -7.37 29.32
N LEU E 58 -19.33 -7.95 28.33
CA LEU E 58 -18.92 -7.79 26.92
C LEU E 58 -19.18 -6.38 26.47
N ARG E 59 -20.30 -5.81 26.93
CA ARG E 59 -20.66 -4.41 26.70
C ARG E 59 -19.59 -3.46 27.25
N GLU E 60 -19.07 -3.69 28.46
CA GLU E 60 -18.01 -2.86 29.01
C GLU E 60 -16.64 -3.19 28.39
N LYS E 61 -16.41 -4.48 27.98
CA LYS E 61 -15.13 -4.83 27.38
C LYS E 61 -14.99 -4.09 26.06
N THR E 62 -16.09 -4.00 25.30
CA THR E 62 -16.05 -3.32 24.02
C THR E 62 -15.81 -1.83 24.21
N ILE E 63 -16.60 -1.19 25.09
CA ILE E 63 -16.49 0.22 25.42
C ILE E 63 -15.03 0.58 25.75
N THR E 64 -14.45 -0.15 26.69
CA THR E 64 -13.07 -0.02 27.16
C THR E 64 -12.00 -0.17 26.02
N GLN E 65 -12.16 -1.17 25.14
CA GLN E 65 -11.24 -1.47 24.04
C GLN E 65 -11.13 -0.36 23.03
N ILE E 66 -12.29 0.22 22.66
CA ILE E 66 -12.39 1.31 21.70
C ILE E 66 -11.65 2.52 22.24
N GLU E 67 -11.76 2.76 23.56
CA GLU E 67 -11.11 3.88 24.24
C GLU E 67 -9.57 3.74 24.28
N GLU E 68 -9.04 2.50 24.28
CA GLU E 68 -7.60 2.19 24.30
C GLU E 68 -6.84 2.65 23.04
N PHE E 69 -7.57 2.99 21.96
CA PHE E 69 -6.96 3.42 20.70
C PHE E 69 -6.45 4.85 20.74
N SER E 70 -5.18 5.03 20.38
CA SER E 70 -4.53 6.35 20.35
C SER E 70 -4.79 7.10 19.02
N ASP E 71 -4.79 6.34 17.91
CA ASP E 71 -4.98 6.78 16.53
C ASP E 71 -6.46 7.08 16.14
N VAL E 72 -7.40 6.80 17.05
CA VAL E 72 -8.84 7.03 16.77
C VAL E 72 -9.32 8.24 17.59
N ASN E 73 -10.04 9.16 16.95
CA ASN E 73 -10.51 10.35 17.66
C ASN E 73 -11.76 10.07 18.50
N GLU E 74 -12.01 10.94 19.50
CA GLU E 74 -13.13 10.88 20.45
C GLU E 74 -14.51 10.88 19.79
N GLY E 75 -14.62 11.45 18.59
CA GLY E 75 -15.86 11.47 17.82
C GLY E 75 -16.17 10.11 17.24
N GLU E 76 -15.19 9.52 16.54
CA GLU E 76 -15.24 8.20 15.89
C GLU E 76 -15.47 7.10 16.94
N LYS E 77 -14.74 7.20 18.07
CA LYS E 77 -14.82 6.28 19.20
C LYS E 77 -16.23 6.14 19.72
N GLU E 78 -16.92 7.26 20.00
CA GLU E 78 -18.28 7.24 20.55
C GLU E 78 -19.32 6.66 19.59
N VAL E 79 -19.14 6.88 18.27
CA VAL E 79 -20.05 6.32 17.28
C VAL E 79 -19.89 4.79 17.22
N MET E 80 -18.63 4.32 17.23
CA MET E 80 -18.23 2.91 17.23
C MET E 80 -18.76 2.15 18.45
N LYS E 81 -18.63 2.76 19.63
CA LYS E 81 -19.08 2.22 20.92
C LYS E 81 -20.60 2.00 20.89
N LEU E 82 -21.33 3.05 20.44
CA LEU E 82 -22.79 3.05 20.33
C LEU E 82 -23.27 2.05 19.31
N TRP E 83 -22.58 1.93 18.16
CA TRP E 83 -22.94 0.96 17.13
C TRP E 83 -22.77 -0.48 17.64
N ASN E 84 -21.64 -0.78 18.28
CA ASN E 84 -21.30 -2.08 18.82
C ASN E 84 -22.30 -2.51 19.87
N LEU E 85 -22.71 -1.56 20.74
CA LEU E 85 -23.68 -1.80 21.82
C LEU E 85 -25.06 -2.13 21.27
N HIS E 86 -25.39 -1.53 20.12
CA HIS E 86 -26.62 -1.72 19.38
C HIS E 86 -26.63 -3.11 18.72
N VAL E 87 -25.55 -3.46 17.98
CA VAL E 87 -25.39 -4.74 17.29
C VAL E 87 -25.41 -5.91 18.29
N MET E 88 -24.75 -5.73 19.46
CA MET E 88 -24.68 -6.74 20.52
C MET E 88 -26.03 -6.98 21.19
N LYS E 89 -26.85 -5.91 21.36
CA LYS E 89 -28.19 -5.93 21.94
C LYS E 89 -29.17 -6.71 21.06
N HIS E 90 -29.12 -6.50 19.73
CA HIS E 90 -30.05 -7.13 18.80
C HIS E 90 -29.56 -8.42 18.17
N GLY E 91 -28.25 -8.66 18.23
CA GLY E 91 -27.62 -9.86 17.71
C GLY E 91 -27.84 -10.10 16.23
N PHE E 92 -27.70 -9.03 15.40
CA PHE E 92 -27.82 -9.13 13.93
C PHE E 92 -26.75 -10.10 13.42
N ILE E 93 -27.12 -11.01 12.51
CA ILE E 93 -26.20 -12.04 11.99
C ILE E 93 -26.16 -12.13 10.45
N ALA E 94 -27.11 -11.46 9.77
CA ALA E 94 -27.22 -11.42 8.31
C ALA E 94 -26.92 -10.02 7.78
N ASP E 95 -26.45 -9.94 6.53
CA ASP E 95 -26.17 -8.69 5.82
C ASP E 95 -27.51 -8.04 5.46
N ASN E 96 -28.57 -8.85 5.20
CA ASN E 96 -29.91 -8.36 4.90
C ASN E 96 -30.54 -7.57 6.05
N GLN E 97 -30.03 -7.76 7.28
CA GLN E 97 -30.51 -7.07 8.48
C GLN E 97 -29.81 -5.72 8.66
N MET E 98 -28.79 -5.42 7.83
CA MET E 98 -28.00 -4.21 8.02
C MET E 98 -28.75 -2.94 7.74
N ASN E 99 -29.64 -2.89 6.71
CA ASN E 99 -30.46 -1.70 6.40
C ASN E 99 -31.37 -1.36 7.60
N HIS E 100 -32.11 -2.36 8.11
CA HIS E 100 -32.99 -2.23 9.28
C HIS E 100 -32.22 -1.80 10.53
N ALA E 101 -31.00 -2.37 10.73
CA ALA E 101 -30.10 -2.09 11.86
C ALA E 101 -29.75 -0.61 11.93
N CYS E 102 -29.51 0.04 10.77
CA CYS E 102 -29.19 1.47 10.68
C CYS E 102 -30.38 2.34 11.05
N MET E 103 -31.58 1.95 10.56
CA MET E 103 -32.85 2.62 10.84
C MET E 103 -33.17 2.55 12.33
N LEU E 104 -33.05 1.35 12.92
CA LEU E 104 -33.27 1.07 14.34
C LEU E 104 -32.20 1.76 15.21
N PHE E 105 -31.00 2.02 14.62
CA PHE E 105 -29.94 2.72 15.31
C PHE E 105 -30.35 4.17 15.51
N VAL E 106 -30.98 4.79 14.48
CA VAL E 106 -31.45 6.17 14.53
C VAL E 106 -32.55 6.29 15.62
N GLU E 107 -33.60 5.45 15.53
CA GLU E 107 -34.71 5.44 16.50
C GLU E 107 -34.20 5.34 17.95
N ASN E 108 -33.33 4.35 18.23
CA ASN E 108 -32.83 4.07 19.57
C ASN E 108 -31.68 4.96 20.06
N TYR E 109 -30.69 5.27 19.20
CA TYR E 109 -29.50 6.03 19.61
C TYR E 109 -29.42 7.47 19.07
N GLY E 110 -30.39 7.88 18.26
CA GLY E 110 -30.47 9.21 17.65
C GLY E 110 -30.34 10.39 18.61
N GLN E 111 -31.02 10.29 19.75
CA GLN E 111 -31.02 11.30 20.82
C GLN E 111 -29.60 11.47 21.36
N LYS E 112 -28.88 10.34 21.55
CA LYS E 112 -27.50 10.34 22.05
C LYS E 112 -26.54 10.97 21.02
N ILE E 113 -26.71 10.62 19.71
CA ILE E 113 -25.94 11.13 18.58
C ILE E 113 -26.01 12.66 18.53
N ILE E 114 -27.24 13.20 18.50
CA ILE E 114 -27.52 14.63 18.45
C ILE E 114 -26.93 15.35 19.68
N LYS E 115 -27.34 14.91 20.89
CA LYS E 115 -26.90 15.47 22.16
C LYS E 115 -25.39 15.45 22.37
N LYS E 116 -24.71 14.34 22.03
CA LYS E 116 -23.25 14.20 22.20
C LYS E 116 -22.46 14.81 21.01
N ASN E 117 -23.19 15.41 20.02
CA ASN E 117 -22.70 16.04 18.80
C ASN E 117 -21.79 15.08 17.99
N LEU E 118 -22.42 14.07 17.38
CA LEU E 118 -21.77 13.02 16.60
C LEU E 118 -22.55 12.78 15.29
N CYS E 119 -23.29 13.81 14.82
CA CYS E 119 -24.12 13.76 13.62
C CYS E 119 -23.35 13.49 12.32
N ARG E 120 -22.16 14.10 12.16
CA ARG E 120 -21.30 13.95 10.98
C ARG E 120 -20.50 12.63 11.03
N ASN E 121 -20.04 12.23 12.24
CA ASN E 121 -19.28 11.00 12.45
C ASN E 121 -20.17 9.79 12.16
N PHE E 122 -21.47 9.93 12.45
CA PHE E 122 -22.51 8.95 12.18
C PHE E 122 -22.69 8.85 10.68
N MET E 123 -22.60 10.00 9.98
CA MET E 123 -22.72 10.09 8.53
C MET E 123 -21.58 9.31 7.88
N LEU E 124 -20.37 9.40 8.45
CA LEU E 124 -19.16 8.70 8.00
C LEU E 124 -19.30 7.17 8.21
N HIS E 125 -19.98 6.77 9.30
CA HIS E 125 -20.24 5.39 9.63
C HIS E 125 -21.17 4.79 8.57
N LEU E 126 -22.24 5.53 8.19
CA LEU E 126 -23.21 5.11 7.17
C LEU E 126 -22.57 4.91 5.81
N VAL E 127 -21.66 5.82 5.39
CA VAL E 127 -21.01 5.69 4.07
C VAL E 127 -20.01 4.53 4.09
N SER E 128 -19.33 4.31 5.24
CA SER E 128 -18.39 3.19 5.43
C SER E 128 -19.17 1.88 5.30
N MET E 129 -20.40 1.84 5.86
CA MET E 129 -21.27 0.68 5.78
C MET E 129 -21.72 0.41 4.36
N HIS E 130 -21.93 1.48 3.59
CA HIS E 130 -22.26 1.41 2.19
C HIS E 130 -21.03 0.90 1.42
N ASP E 131 -19.81 1.34 1.82
CA ASP E 131 -18.55 0.88 1.20
C ASP E 131 -18.37 -0.62 1.44
N PHE E 132 -18.75 -1.11 2.63
CA PHE E 132 -18.64 -2.52 2.98
C PHE E 132 -19.71 -3.39 2.30
N ASN E 133 -20.65 -2.76 1.56
CA ASN E 133 -21.75 -3.38 0.81
C ASN E 133 -22.86 -3.91 1.69
N LEU E 134 -23.04 -3.32 2.88
CA LEU E 134 -24.05 -3.79 3.82
C LEU E 134 -25.38 -3.06 3.74
N ILE E 135 -25.33 -1.76 3.38
CA ILE E 135 -26.51 -0.91 3.27
C ILE E 135 -26.62 -0.24 1.90
N SER E 136 -27.88 0.03 1.47
CA SER E 136 -28.19 0.72 0.22
C SER E 136 -27.99 2.24 0.40
N ILE E 137 -27.92 2.96 -0.72
CA ILE E 137 -27.75 4.40 -0.81
C ILE E 137 -28.95 5.13 -0.17
N MET E 138 -30.17 4.56 -0.31
CA MET E 138 -31.41 5.10 0.25
C MET E 138 -31.41 5.03 1.76
N SER E 139 -30.73 4.00 2.32
CA SER E 139 -30.61 3.82 3.76
C SER E 139 -29.86 5.01 4.36
N ILE E 140 -28.80 5.52 3.65
CA ILE E 140 -28.04 6.70 4.07
C ILE E 140 -28.98 7.91 4.20
N ASP E 141 -29.73 8.18 3.14
CA ASP E 141 -30.68 9.30 3.07
C ASP E 141 -31.73 9.15 4.15
N LYS E 142 -32.45 8.01 4.17
CA LYS E 142 -33.51 7.71 5.13
C LYS E 142 -33.06 7.89 6.60
N ALA E 143 -31.86 7.40 6.94
CA ALA E 143 -31.27 7.50 8.29
C ALA E 143 -30.92 8.93 8.64
N VAL E 144 -30.34 9.68 7.67
CA VAL E 144 -29.96 11.08 7.86
C VAL E 144 -31.24 11.94 8.00
N THR E 145 -32.26 11.69 7.14
CA THR E 145 -33.55 12.37 7.16
C THR E 145 -34.23 12.18 8.52
N LYS E 146 -34.25 10.93 9.03
CA LYS E 146 -34.85 10.56 10.31
C LYS E 146 -34.17 11.22 11.50
N LEU E 147 -32.84 11.36 11.48
CA LEU E 147 -32.06 11.97 12.55
C LEU E 147 -32.30 13.48 12.62
N ARG E 148 -32.47 14.11 11.44
CA ARG E 148 -32.71 15.56 11.29
C ARG E 148 -34.09 15.97 11.89
N GLU E 149 -35.16 15.20 11.58
CA GLU E 149 -36.50 15.44 12.12
C GLU E 149 -36.60 15.13 13.62
N MET E 150 -35.69 14.27 14.11
CA MET E 150 -35.57 13.89 15.52
C MET E 150 -34.95 15.08 16.27
N GLN E 151 -34.05 15.83 15.59
CA GLN E 151 -33.35 17.02 16.08
C GLN E 151 -34.33 18.20 16.13
N GLN E 152 -35.35 18.19 15.23
CA GLN E 152 -36.40 19.21 15.14
C GLN E 152 -37.30 19.12 16.37
N LYS E 153 -37.55 17.87 16.87
CA LYS E 153 -38.34 17.57 18.07
C LYS E 153 -37.66 18.15 19.33
N LEU E 154 -36.39 18.61 19.19
CA LEU E 154 -35.58 19.23 20.25
C LEU E 154 -35.41 20.76 19.99
N HIS F 27 -12.72 -15.00 -35.47
CA HIS F 27 -13.74 -16.02 -35.43
C HIS F 27 -13.89 -16.72 -34.07
N ASN F 28 -12.77 -17.18 -33.44
CA ASN F 28 -12.80 -17.84 -32.11
C ASN F 28 -11.59 -17.53 -31.20
N ARG F 29 -10.41 -17.28 -31.80
CA ARG F 29 -9.22 -16.94 -31.02
C ARG F 29 -9.17 -15.48 -30.60
N LEU F 30 -8.22 -15.17 -29.70
CA LEU F 30 -8.00 -13.81 -29.21
C LEU F 30 -7.09 -13.08 -30.19
N TYR F 31 -7.57 -11.93 -30.65
CA TYR F 31 -6.89 -11.04 -31.58
C TYR F 31 -6.35 -9.83 -30.84
N PHE F 32 -5.28 -9.24 -31.39
CA PHE F 32 -4.52 -8.11 -30.85
C PHE F 32 -4.41 -6.99 -31.86
N HIS F 33 -4.38 -5.74 -31.38
CA HIS F 33 -4.16 -4.55 -32.20
C HIS F 33 -2.69 -4.53 -32.67
N SER F 34 -2.46 -4.37 -33.98
CA SER F 34 -1.13 -4.35 -34.60
C SER F 34 -0.23 -3.20 -34.14
N ASP F 35 -0.83 -2.06 -33.74
CA ASP F 35 -0.09 -0.87 -33.29
C ASP F 35 0.36 -0.91 -31.85
N THR F 36 -0.40 -1.57 -30.94
CA THR F 36 -0.13 -1.61 -29.50
C THR F 36 0.14 -2.99 -28.92
N CYS F 37 -0.25 -4.05 -29.64
CA CYS F 37 -0.20 -5.45 -29.19
C CYS F 37 -1.09 -5.71 -27.99
N LEU F 38 -1.99 -4.79 -27.70
CA LEU F 38 -2.96 -4.98 -26.63
C LEU F 38 -4.14 -5.81 -27.19
N PRO F 39 -4.75 -6.72 -26.40
CA PRO F 39 -5.82 -7.56 -26.96
C PRO F 39 -7.13 -6.81 -27.24
N LEU F 40 -7.90 -7.35 -28.18
CA LEU F 40 -9.21 -6.84 -28.57
C LEU F 40 -10.23 -7.38 -27.60
N ARG F 41 -10.96 -6.51 -26.87
CA ARG F 41 -12.03 -7.00 -25.98
C ARG F 41 -13.28 -7.40 -26.87
N PRO F 42 -14.14 -8.37 -26.44
CA PRO F 42 -15.20 -8.88 -27.33
C PRO F 42 -16.15 -7.87 -27.98
N GLN F 43 -16.50 -6.76 -27.29
CA GLN F 43 -17.40 -5.73 -27.84
C GLN F 43 -16.81 -5.02 -29.07
N GLU F 44 -15.47 -4.77 -29.06
CA GLU F 44 -14.72 -4.12 -30.14
C GLU F 44 -15.04 -4.73 -31.50
N MET F 45 -15.49 -6.02 -31.50
CA MET F 45 -15.90 -6.82 -32.65
C MET F 45 -15.92 -6.00 -33.96
N GLU F 46 -14.88 -6.10 -34.82
CA GLU F 46 -13.64 -6.86 -34.72
C GLU F 46 -12.65 -6.03 -35.57
N VAL F 47 -12.82 -4.69 -35.45
CA VAL F 47 -12.12 -3.69 -36.23
C VAL F 47 -10.80 -3.22 -35.56
N ASP F 48 -9.69 -3.50 -36.25
CA ASP F 48 -8.31 -3.13 -35.92
C ASP F 48 -7.90 -2.25 -37.11
N ASP F 49 -8.42 -1.00 -37.15
CA ASP F 49 -8.21 -0.11 -38.28
C ASP F 49 -7.17 1.03 -38.04
N GLU F 50 -6.01 0.69 -37.43
CA GLU F 50 -4.95 1.69 -37.29
C GLU F 50 -4.00 1.58 -38.49
N ASP F 51 -4.64 1.48 -39.70
CA ASP F 51 -4.14 1.31 -41.07
C ASP F 51 -4.93 2.24 -42.03
N GLU F 52 -4.64 3.55 -41.90
CA GLU F 52 -5.24 4.65 -42.67
C GLU F 52 -4.41 4.87 -43.94
N LYS F 53 -5.07 5.28 -45.07
CA LYS F 53 -4.41 5.45 -46.38
C LYS F 53 -3.10 6.28 -46.29
N ASP F 54 -3.10 7.39 -45.53
CA ASP F 54 -1.89 8.17 -45.32
C ASP F 54 -1.53 8.15 -43.81
N PRO F 55 -0.63 7.21 -43.35
CA PRO F 55 -0.26 7.23 -41.91
C PRO F 55 0.28 8.61 -41.55
N GLU F 56 -0.16 9.17 -40.41
CA GLU F 56 0.26 10.51 -39.98
C GLU F 56 1.77 10.72 -40.07
N TRP F 57 2.58 9.75 -39.58
CA TRP F 57 4.06 9.83 -39.61
C TRP F 57 4.61 10.18 -40.98
N LEU F 58 3.92 9.74 -42.06
CA LEU F 58 4.32 10.03 -43.43
C LEU F 58 4.09 11.49 -43.79
N ARG F 59 2.93 12.07 -43.40
CA ARG F 59 2.60 13.47 -43.66
C ARG F 59 3.63 14.35 -42.98
N GLU F 60 3.98 13.98 -41.75
CA GLU F 60 4.98 14.61 -40.90
C GLU F 60 6.37 14.50 -41.55
N LYS F 61 6.73 13.33 -42.08
CA LYS F 61 8.03 13.07 -42.75
C LYS F 61 8.15 13.86 -44.04
N THR F 62 7.07 14.00 -44.84
CA THR F 62 7.18 14.75 -46.09
C THR F 62 7.41 16.25 -45.80
N ILE F 63 6.72 16.83 -44.80
CA ILE F 63 6.91 18.25 -44.43
C ILE F 63 8.29 18.44 -43.74
N THR F 64 8.76 17.45 -42.93
CA THR F 64 10.05 17.44 -42.24
C THR F 64 11.19 17.28 -43.27
N GLN F 65 10.88 16.66 -44.42
CA GLN F 65 11.83 16.47 -45.51
C GLN F 65 11.92 17.68 -46.45
N ILE F 66 10.78 18.31 -46.82
CA ILE F 66 10.75 19.50 -47.68
C ILE F 66 11.49 20.64 -46.99
N GLU F 67 11.33 20.75 -45.66
CA GLU F 67 11.98 21.77 -44.84
C GLU F 67 13.49 21.58 -44.74
N GLU F 68 14.00 20.33 -44.87
CA GLU F 68 15.43 19.98 -44.82
C GLU F 68 16.26 20.55 -45.99
N PHE F 69 15.59 21.03 -47.05
CA PHE F 69 16.26 21.57 -48.23
C PHE F 69 16.80 22.97 -48.01
N SER F 70 18.09 23.16 -48.29
CA SER F 70 18.78 24.45 -48.15
C SER F 70 18.59 25.33 -49.40
N ASP F 71 18.62 24.70 -50.59
CA ASP F 71 18.48 25.31 -51.93
C ASP F 71 17.04 25.70 -52.33
N VAL F 72 16.05 25.34 -51.51
CA VAL F 72 14.64 25.65 -51.80
C VAL F 72 14.15 26.76 -50.88
N ASN F 73 13.46 27.77 -51.44
CA ASN F 73 12.99 28.89 -50.65
C ASN F 73 11.69 28.55 -49.89
N GLU F 74 11.41 29.32 -48.82
CA GLU F 74 10.26 29.19 -47.94
C GLU F 74 8.90 29.28 -48.66
N GLY F 75 8.86 29.99 -49.79
CA GLY F 75 7.66 30.12 -50.61
C GLY F 75 7.35 28.83 -51.35
N GLU F 76 8.36 28.28 -52.05
CA GLU F 76 8.30 27.04 -52.83
C GLU F 76 8.02 25.85 -51.92
N LYS F 77 8.68 25.82 -50.74
CA LYS F 77 8.54 24.80 -49.73
C LYS F 77 7.10 24.62 -49.29
N GLU F 78 6.42 25.73 -48.91
CA GLU F 78 5.04 25.67 -48.43
C GLU F 78 4.05 25.22 -49.51
N VAL F 79 4.29 25.56 -50.79
CA VAL F 79 3.41 25.12 -51.88
C VAL F 79 3.56 23.61 -52.09
N MET F 80 4.82 23.12 -52.08
CA MET F 80 5.18 21.71 -52.22
C MET F 80 4.58 20.85 -51.13
N LYS F 81 4.66 21.32 -49.87
CA LYS F 81 4.14 20.66 -48.66
C LYS F 81 2.63 20.48 -48.79
N LEU F 82 1.94 21.57 -49.15
CA LEU F 82 0.48 21.62 -49.32
C LEU F 82 0.03 20.73 -50.46
N TRP F 83 0.77 20.71 -51.58
CA TRP F 83 0.44 19.86 -52.72
C TRP F 83 0.56 18.37 -52.36
N ASN F 84 1.68 17.99 -51.72
CA ASN F 84 1.97 16.64 -51.30
C ASN F 84 0.91 16.12 -50.34
N LEU F 85 0.48 16.97 -49.38
CA LEU F 85 -0.53 16.63 -48.38
C LEU F 85 -1.88 16.40 -49.02
N HIS F 86 -2.16 17.11 -50.12
CA HIS F 86 -3.38 17.04 -50.92
C HIS F 86 -3.39 15.73 -51.72
N VAL F 87 -2.29 15.44 -52.44
CA VAL F 87 -2.13 14.21 -53.25
C VAL F 87 -2.20 12.96 -52.37
N MET F 88 -1.57 13.00 -51.18
CA MET F 88 -1.54 11.94 -50.19
C MET F 88 -2.94 11.64 -49.63
N LYS F 89 -3.73 12.70 -49.38
CA LYS F 89 -5.09 12.64 -48.84
C LYS F 89 -6.06 11.96 -49.82
N HIS F 90 -5.96 12.29 -51.13
CA HIS F 90 -6.88 11.76 -52.14
C HIS F 90 -6.37 10.55 -52.89
N GLY F 91 -5.08 10.30 -52.81
CA GLY F 91 -4.44 9.14 -53.44
C GLY F 91 -4.58 9.06 -54.94
N PHE F 92 -4.39 10.19 -55.64
CA PHE F 92 -4.46 10.24 -57.12
C PHE F 92 -3.38 9.31 -57.70
N ILE F 93 -3.73 8.50 -58.72
CA ILE F 93 -2.80 7.52 -59.30
C ILE F 93 -2.70 7.60 -60.83
N ALA F 94 -3.62 8.34 -61.46
CA ALA F 94 -3.67 8.52 -62.93
C ALA F 94 -3.35 9.96 -63.31
N ASP F 95 -2.85 10.15 -64.55
CA ASP F 95 -2.54 11.46 -65.15
C ASP F 95 -3.85 12.18 -65.44
N ASN F 96 -4.91 11.41 -65.81
CA ASN F 96 -6.26 11.93 -66.08
C ASN F 96 -6.90 12.63 -64.88
N GLN F 97 -6.41 12.31 -63.66
CA GLN F 97 -6.90 12.89 -62.41
C GLN F 97 -6.19 14.21 -62.09
N MET F 98 -5.12 14.56 -62.85
CA MET F 98 -4.33 15.73 -62.51
C MET F 98 -5.04 17.05 -62.70
N ASN F 99 -5.90 17.21 -63.75
CA ASN F 99 -6.67 18.45 -63.96
C ASN F 99 -7.61 18.69 -62.77
N HIS F 100 -8.39 17.65 -62.39
CA HIS F 100 -9.32 17.70 -61.26
C HIS F 100 -8.59 17.98 -59.94
N ALA F 101 -7.39 17.37 -59.75
CA ALA F 101 -6.55 17.51 -58.57
C ALA F 101 -6.17 18.97 -58.33
N CYS F 102 -5.85 19.72 -59.40
CA CYS F 102 -5.50 21.15 -59.33
C CYS F 102 -6.70 22.00 -58.94
N MET F 103 -7.87 21.70 -59.52
CA MET F 103 -9.14 22.37 -59.23
C MET F 103 -9.52 22.19 -57.77
N LEU F 104 -9.46 20.91 -57.29
CA LEU F 104 -9.75 20.51 -55.91
C LEU F 104 -8.70 21.09 -54.94
N PHE F 105 -7.48 21.37 -55.44
CA PHE F 105 -6.43 21.98 -54.65
C PHE F 105 -6.82 23.41 -54.34
N VAL F 106 -7.39 24.14 -55.33
CA VAL F 106 -7.84 25.53 -55.15
C VAL F 106 -8.98 25.58 -54.12
N GLU F 107 -10.04 24.78 -54.33
CA GLU F 107 -11.19 24.69 -53.42
C GLU F 107 -10.76 24.44 -51.95
N ASN F 108 -9.92 23.41 -51.75
CA ASN F 108 -9.48 22.97 -50.42
C ASN F 108 -8.34 23.77 -49.80
N TYR F 109 -7.31 24.13 -50.57
CA TYR F 109 -6.13 24.82 -50.02
C TYR F 109 -6.00 26.32 -50.40
N GLY F 110 -6.93 26.84 -51.21
CA GLY F 110 -6.96 28.24 -51.68
C GLY F 110 -6.85 29.30 -50.60
N GLN F 111 -7.60 29.11 -49.51
CA GLN F 111 -7.61 30.01 -48.36
C GLN F 111 -6.23 30.08 -47.72
N LYS F 112 -5.55 28.92 -47.61
CA LYS F 112 -4.19 28.83 -47.05
C LYS F 112 -3.17 29.54 -47.96
N ILE F 113 -3.28 29.33 -49.29
CA ILE F 113 -2.43 29.92 -50.32
C ILE F 113 -2.47 31.46 -50.22
N ILE F 114 -3.69 32.03 -50.26
CA ILE F 114 -3.93 33.47 -50.19
C ILE F 114 -3.40 34.04 -48.87
N LYS F 115 -3.88 33.48 -47.72
CA LYS F 115 -3.49 33.92 -46.38
C LYS F 115 -1.99 33.82 -46.09
N LYS F 116 -1.32 32.75 -46.53
CA LYS F 116 0.13 32.57 -46.30
C LYS F 116 0.99 33.26 -47.37
N ASN F 117 0.31 33.98 -48.34
CA ASN F 117 0.88 34.72 -49.48
C ASN F 117 1.81 33.82 -50.32
N LEU F 118 1.19 32.89 -51.06
CA LEU F 118 1.87 31.90 -51.92
C LEU F 118 1.14 31.82 -53.29
N CYS F 119 0.44 32.90 -53.67
CA CYS F 119 -0.33 33.00 -54.91
C CYS F 119 0.48 32.83 -56.19
N ARG F 120 1.71 33.42 -56.23
CA ARG F 120 2.62 33.37 -57.38
C ARG F 120 3.36 32.04 -57.44
N ASN F 121 3.77 31.51 -56.27
CA ASN F 121 4.50 30.24 -56.16
C ASN F 121 3.59 29.08 -56.60
N PHE F 122 2.27 29.24 -56.34
CA PHE F 122 1.23 28.32 -56.76
C PHE F 122 1.11 28.37 -58.28
N MET F 123 1.25 29.59 -58.85
CA MET F 123 1.20 29.83 -60.29
C MET F 123 2.34 29.09 -60.97
N LEU F 124 3.53 29.08 -60.34
CA LEU F 124 4.73 28.40 -60.81
C LEU F 124 4.54 26.88 -60.78
N HIS F 125 3.82 26.39 -59.76
CA HIS F 125 3.51 24.98 -59.60
C HIS F 125 2.60 24.51 -60.75
N LEU F 126 1.58 25.31 -61.09
CA LEU F 126 0.65 25.03 -62.18
C LEU F 126 1.35 24.95 -63.53
N VAL F 127 2.29 25.87 -63.83
CA VAL F 127 2.98 25.87 -65.12
C VAL F 127 3.95 24.68 -65.18
N SER F 128 4.58 24.33 -64.04
CA SER F 128 5.49 23.18 -63.91
C SER F 128 4.70 21.92 -64.21
N MET F 129 3.45 21.85 -63.72
CA MET F 129 2.56 20.72 -63.96
C MET F 129 2.17 20.61 -65.41
N HIS F 130 2.01 21.76 -66.07
CA HIS F 130 1.74 21.84 -67.49
C HIS F 130 2.99 21.38 -68.24
N ASP F 131 4.21 21.74 -67.76
CA ASP F 131 5.46 21.31 -68.38
C ASP F 131 5.61 19.80 -68.30
N PHE F 132 5.19 19.20 -67.16
CA PHE F 132 5.24 17.76 -66.97
C PHE F 132 4.18 16.98 -67.77
N ASN F 133 3.28 17.72 -68.47
CA ASN F 133 2.20 17.21 -69.34
C ASN F 133 1.03 16.61 -68.57
N LEU F 134 0.82 17.08 -67.32
CA LEU F 134 -0.23 16.53 -66.47
C LEU F 134 -1.54 17.30 -66.54
N ILE F 135 -1.45 18.62 -66.75
CA ILE F 135 -2.61 19.51 -66.82
C ILE F 135 -2.64 20.32 -68.12
N SER F 136 -3.87 20.64 -68.58
CA SER F 136 -4.10 21.46 -69.78
C SER F 136 -3.87 22.94 -69.44
N ILE F 137 -3.74 23.77 -70.49
CA ILE F 137 -3.54 25.22 -70.40
C ILE F 137 -4.75 25.89 -69.77
N MET F 138 -5.98 25.37 -70.03
CA MET F 138 -7.24 25.88 -69.47
C MET F 138 -7.32 25.65 -67.97
N SER F 139 -6.68 24.57 -67.49
CA SER F 139 -6.63 24.25 -66.07
C SER F 139 -5.89 25.35 -65.32
N ILE F 140 -4.80 25.91 -65.93
CA ILE F 140 -4.02 27.02 -65.35
C ILE F 140 -4.94 28.24 -65.15
N ASP F 141 -5.66 28.62 -66.21
CA ASP F 141 -6.57 29.74 -66.21
C ASP F 141 -7.66 29.53 -65.18
N LYS F 142 -8.43 28.41 -65.31
CA LYS F 142 -9.52 28.03 -64.41
C LYS F 142 -9.12 28.07 -62.92
N ALA F 143 -7.93 27.51 -62.58
CA ALA F 143 -7.39 27.48 -61.21
C ALA F 143 -7.03 28.87 -60.72
N VAL F 144 -6.40 29.69 -61.58
CA VAL F 144 -6.01 31.05 -61.25
C VAL F 144 -7.25 31.94 -61.07
N THR F 145 -8.24 31.79 -61.97
CA THR F 145 -9.51 32.51 -61.93
C THR F 145 -10.25 32.19 -60.63
N LYS F 146 -10.31 30.88 -60.25
CA LYS F 146 -10.97 30.40 -59.03
C LYS F 146 -10.33 30.93 -57.75
N LEU F 147 -8.99 31.03 -57.72
CA LEU F 147 -8.24 31.52 -56.55
C LEU F 147 -8.46 33.02 -56.34
N ARG F 148 -8.56 33.78 -57.45
CA ARG F 148 -8.77 35.23 -57.46
C ARG F 148 -10.15 35.64 -56.91
N GLU F 149 -11.23 34.91 -57.33
CA GLU F 149 -12.59 35.15 -56.84
C GLU F 149 -12.76 34.70 -55.38
N MET F 150 -11.90 33.76 -54.94
CA MET F 150 -11.85 33.26 -53.56
C MET F 150 -11.24 34.36 -52.67
N GLN F 151 -10.29 35.13 -53.24
CA GLN F 151 -9.60 36.26 -52.61
C GLN F 151 -10.55 37.46 -52.51
N GLN F 152 -11.50 37.57 -53.45
CA GLN F 152 -12.53 38.62 -53.50
C GLN F 152 -13.50 38.44 -52.32
N LYS F 153 -13.81 37.18 -51.95
CA LYS F 153 -14.65 36.79 -50.81
C LYS F 153 -14.01 37.26 -49.48
N LEU F 154 -12.72 37.68 -49.53
CA LEU F 154 -11.95 38.18 -48.40
C LEU F 154 -11.73 39.72 -48.51
C4 6BN G . -11.36 -27.12 38.33
C5 6BN G . -11.90 -26.09 37.52
C6 6BN G . -11.04 -25.25 36.84
C8 6BN G . -13.37 -26.00 37.51
C10 6BN G . -13.40 -28.45 37.90
C13 6BN G . -16.03 -28.07 36.48
C15 6BN G . -16.46 -28.69 34.19
C20 6BN G . -17.43 -30.96 33.64
C21 6BN G . -15.50 -26.40 34.62
C22 6BN G . -15.31 -26.29 33.11
C26 6BN G . -7.53 -24.10 36.65
C28 6BN G . -6.02 -22.56 37.88
C1 6BN G . -9.66 -25.31 37.03
C2 6BN G . -9.11 -26.27 37.86
C3 6BN G . -9.96 -27.16 38.50
CL7 6BN G . -11.64 -24.13 35.67
N9 6BN G . -14.05 -27.19 37.58
C11 6BN G . -12.24 -28.24 38.85
C12 6BN G . -15.51 -27.18 37.58
C14 6BN G . -16.00 -27.72 35.15
C16 6BN G . -16.94 -29.91 34.58
N17 6BN G . -16.98 -30.21 35.91
C18 6BN G . -16.56 -29.36 36.92
O19 6BN G . -16.59 -29.75 38.09
O23 6BN G . -13.94 -24.90 37.46
CL 6BN G . -9.25 -28.35 39.52
O25 6BN G . -8.93 -24.32 36.41
C27 6BN G . -7.44 -23.08 37.76
N29 6BN G . -5.52 -22.03 36.59
C30 6BN G . -5.60 -23.02 35.50
C31 6BN G . -7.02 -23.55 35.33
C32 6BN G . -4.91 -20.86 36.35
C33 6BN G . -4.57 -19.89 37.48
C34 6BN G . -3.63 -20.53 38.47
O35 6BN G . -3.95 -18.75 36.91
O36 6BN G . -4.58 -20.53 35.21
ZN ZN H . -13.74 -17.38 -5.01
ZN ZN I . -12.32 -17.22 -1.31
ZN ZN J . -9.97 -16.87 -4.07
ZN ZN K . -28.96 -23.78 3.52
ZN ZN L . -31.98 -24.28 5.82
ZN ZN M . -31.35 -26.88 3.14
ZN ZN N . -15.69 -10.06 13.36
C4 6BN O . 11.75 -10.65 -34.42
C5 6BN O . 11.23 -9.53 -35.11
C6 6BN O . 12.11 -8.62 -35.69
C8 6BN O . 9.76 -9.38 -35.11
C10 6BN O . 9.68 -11.87 -35.05
C13 6BN O . 7.04 -11.23 -36.42
C15 6BN O . 6.63 -11.57 -38.77
C20 6BN O . 5.65 -13.73 -39.62
C21 6BN O . 7.62 -9.37 -38.05
C22 6BN O . 7.81 -9.10 -39.55
C26 6BN O . 15.64 -7.54 -35.74
C28 6BN O . 17.16 -6.18 -34.31
C1 6BN O . 13.49 -8.74 -35.51
C2 6BN O . 14.02 -9.79 -34.78
C3 6BN O . 13.15 -10.72 -34.25
CL7 6BN O . 11.53 -7.38 -36.72
N9 6BN O . 9.05 -10.55 -35.19
C11 6BN O . 10.84 -11.81 -34.07
C12 6BN O . 7.59 -10.50 -35.22
C14 6BN O . 7.09 -10.74 -37.70
C16 6BN O . 6.13 -12.80 -38.54
N17 6BN O . 6.07 -13.27 -37.25
C18 6BN O . 6.52 -12.56 -36.15
O19 6BN O . 6.49 -13.09 -35.03
O23 6BN O . 9.22 -8.28 -35.06
CL 6BN O . 13.86 -12.03 -33.36
O25 6BN O . 14.24 -7.71 -36.01
C27 6BN O . 15.74 -6.66 -34.51
N29 6BN O . 17.67 -5.51 -35.52
C30 6BN O . 17.59 -6.36 -36.72
C31 6BN O . 16.17 -6.83 -36.96
C32 6BN O . 18.30 -4.30 -35.61
C33 6BN O . 18.59 -3.51 -34.35
C34 6BN O . 19.56 -4.25 -33.46
O35 6BN O . 19.11 -2.25 -34.74
O36 6BN O . 18.63 -3.83 -36.68
ZN ZN P . 13.75 3.97 -75.21
ZN ZN Q . 11.46 3.31 -72.59
ZN ZN R . 10.13 3.70 -76.28
ZN ZN S . -7.71 -6.38 -69.57
ZN ZN T . -8.43 -3.96 -66.58
ZN ZN U . -5.37 -3.40 -68.95
ZN ZN V . 7.71 9.12 -57.20
#